data_2L1N
#
_entry.id   2L1N
#
_entity_poly.entity_id   1
_entity_poly.type   'polypeptide(L)'
_entity_poly.pdbx_seq_one_letter_code
;MGITITDELLWAILKDELSDAEANALVWQALGYVWDEAQSCWKTDLVAPEWRQDYPEPPDFIASRPATVKLTRSIPAPYK
QLLKEELGFAGYSINELVPRKTRRATMTNWLLAYRRSQQD
;
_entity_poly.pdbx_strand_id   A
#
# COMPACT_ATOMS: atom_id res chain seq x y z
N MET A 1 -4.38 -10.82 4.15
CA MET A 1 -5.57 -11.63 3.84
C MET A 1 -6.14 -11.19 2.49
N GLY A 2 -7.44 -11.38 2.24
CA GLY A 2 -8.13 -11.01 1.01
C GLY A 2 -9.18 -9.96 1.33
N ILE A 3 -8.70 -8.76 1.69
CA ILE A 3 -9.53 -7.56 1.86
C ILE A 3 -9.83 -7.03 0.44
N THR A 4 -10.81 -6.13 0.35
CA THR A 4 -11.13 -5.34 -0.83
C THR A 4 -10.54 -3.94 -0.65
N ILE A 5 -10.20 -3.23 -1.74
CA ILE A 5 -9.99 -1.78 -1.74
C ILE A 5 -11.05 -1.16 -2.64
N THR A 6 -11.36 0.10 -2.39
CA THR A 6 -12.24 0.93 -3.19
C THR A 6 -11.51 2.20 -3.64
N ASP A 7 -11.94 2.76 -4.76
CA ASP A 7 -11.49 4.02 -5.33
C ASP A 7 -11.61 5.15 -4.31
N GLU A 8 -12.62 5.11 -3.44
CA GLU A 8 -12.77 6.11 -2.39
C GLU A 8 -11.57 6.07 -1.43
N LEU A 9 -11.20 4.85 -1.01
CA LEU A 9 -10.10 4.57 -0.10
C LEU A 9 -8.79 5.05 -0.69
N LEU A 10 -8.63 4.86 -1.98
CA LEU A 10 -7.45 5.24 -2.74
C LEU A 10 -7.38 6.76 -2.81
N TRP A 11 -8.45 7.42 -3.24
CA TRP A 11 -8.52 8.88 -3.31
C TRP A 11 -8.25 9.53 -1.96
N ALA A 12 -8.69 8.92 -0.86
CA ALA A 12 -8.50 9.48 0.48
C ALA A 12 -7.03 9.78 0.76
N ILE A 13 -6.12 8.90 0.33
CA ILE A 13 -4.68 9.07 0.52
C ILE A 13 -4.16 10.16 -0.42
N LEU A 14 -4.54 10.14 -1.71
CA LEU A 14 -4.18 11.14 -2.70
C LEU A 14 -4.58 12.53 -2.25
N LYS A 15 -5.78 12.70 -1.67
CA LYS A 15 -6.24 13.96 -1.13
C LYS A 15 -5.39 14.32 0.09
N ASP A 16 -5.73 13.81 1.28
CA ASP A 16 -5.10 14.23 2.53
C ASP A 16 -5.68 13.54 3.78
N GLU A 17 -6.72 12.72 3.66
CA GLU A 17 -7.53 12.23 4.74
C GLU A 17 -6.75 11.19 5.54
N LEU A 18 -6.17 10.21 4.85
CA LEU A 18 -5.27 9.28 5.51
C LEU A 18 -4.08 10.08 6.01
N SER A 19 -3.42 9.51 7.00
CA SER A 19 -2.25 10.08 7.64
C SER A 19 -1.08 9.13 7.49
N ASP A 20 0.06 9.44 8.09
CA ASP A 20 1.28 8.63 8.07
C ASP A 20 0.98 7.25 8.68
N ALA A 21 0.66 7.21 9.98
CA ALA A 21 0.38 5.99 10.70
C ALA A 21 -0.88 5.27 10.18
N GLU A 22 -1.79 6.00 9.52
CA GLU A 22 -3.03 5.44 9.01
C GLU A 22 -2.78 4.78 7.64
N ALA A 23 -2.06 5.46 6.73
CA ALA A 23 -1.85 4.97 5.37
C ALA A 23 -0.96 3.73 5.39
N ASN A 24 0.02 3.70 6.29
CA ASN A 24 0.84 2.53 6.56
C ASN A 24 -0.09 1.38 6.96
N ALA A 25 -0.99 1.62 7.94
CA ALA A 25 -1.91 0.61 8.43
C ALA A 25 -2.72 -0.05 7.31
N LEU A 26 -3.33 0.70 6.38
CA LEU A 26 -4.09 0.10 5.27
C LEU A 26 -3.26 -0.85 4.41
N VAL A 27 -1.95 -0.64 4.24
CA VAL A 27 -1.12 -1.61 3.52
C VAL A 27 -0.94 -2.85 4.41
N TRP A 28 -0.65 -2.64 5.69
CA TRP A 28 -0.30 -3.68 6.63
C TRP A 28 -1.47 -4.66 6.83
N GLN A 29 -2.72 -4.15 6.89
CA GLN A 29 -3.92 -5.00 6.89
C GLN A 29 -3.99 -5.84 5.61
N ALA A 30 -3.83 -5.22 4.44
CA ALA A 30 -4.04 -5.82 3.12
C ALA A 30 -3.11 -7.01 2.91
N LEU A 31 -1.82 -6.89 3.24
CA LEU A 31 -0.92 -8.04 3.19
C LEU A 31 -1.41 -9.08 4.17
N GLY A 32 -1.61 -8.69 5.43
CA GLY A 32 -2.16 -9.56 6.46
C GLY A 32 -1.31 -9.63 7.73
N TYR A 33 -0.43 -8.67 7.97
CA TYR A 33 0.38 -8.65 9.18
C TYR A 33 -0.48 -8.33 10.41
N VAL A 34 -1.51 -7.51 10.23
CA VAL A 34 -2.72 -7.43 11.07
C VAL A 34 -2.43 -7.55 12.58
N TRP A 35 -2.12 -6.42 13.20
CA TRP A 35 -1.61 -6.32 14.57
C TRP A 35 -2.37 -7.22 15.54
N ASP A 36 -1.72 -8.22 16.09
CA ASP A 36 -2.31 -9.08 17.09
C ASP A 36 -2.13 -8.49 18.47
N GLU A 37 -3.17 -7.80 18.90
CA GLU A 37 -3.30 -7.18 20.20
C GLU A 37 -3.19 -8.20 21.34
N ALA A 38 -3.50 -9.48 21.08
CA ALA A 38 -3.27 -10.54 22.05
C ALA A 38 -1.77 -10.80 22.25
N GLN A 39 -1.04 -10.89 21.14
CA GLN A 39 0.34 -11.33 21.12
C GLN A 39 1.29 -10.14 21.35
N SER A 40 0.75 -8.93 21.30
CA SER A 40 1.45 -7.66 21.21
C SER A 40 2.45 -7.64 20.05
N CYS A 41 2.13 -8.31 18.95
CA CYS A 41 3.01 -8.45 17.80
C CYS A 41 2.20 -8.45 16.53
N TRP A 42 2.88 -8.20 15.42
CA TRP A 42 2.35 -8.43 14.10
C TRP A 42 2.10 -9.94 13.97
N LYS A 43 0.88 -10.34 13.62
CA LYS A 43 0.52 -11.65 13.20
C LYS A 43 1.24 -11.92 11.87
N THR A 44 1.37 -13.19 11.47
CA THR A 44 1.68 -13.45 10.06
C THR A 44 0.85 -14.57 9.44
N ASP A 45 -0.10 -15.16 10.15
CA ASP A 45 -0.89 -16.29 9.66
C ASP A 45 -1.64 -15.90 8.39
N LEU A 46 -2.03 -14.63 8.35
CA LEU A 46 -2.97 -14.09 7.39
C LEU A 46 -2.25 -13.38 6.24
N VAL A 47 -0.92 -13.47 6.14
CA VAL A 47 -0.09 -12.91 5.08
C VAL A 47 0.62 -14.01 4.28
N ALA A 48 0.92 -13.73 3.01
CA ALA A 48 1.59 -14.68 2.13
C ALA A 48 3.02 -14.90 2.62
N PRO A 49 3.58 -16.11 2.50
CA PRO A 49 4.87 -16.44 3.10
C PRO A 49 5.99 -15.62 2.47
N GLU A 50 5.90 -15.37 1.15
CA GLU A 50 6.88 -14.56 0.43
C GLU A 50 7.01 -13.14 0.97
N TRP A 51 6.01 -12.65 1.73
CA TRP A 51 6.07 -11.37 2.42
C TRP A 51 6.58 -11.56 3.85
N ARG A 52 5.93 -12.41 4.66
CA ARG A 52 6.32 -12.49 6.07
C ARG A 52 7.71 -13.08 6.31
N GLN A 53 8.31 -13.68 5.28
CA GLN A 53 9.57 -14.43 5.29
C GLN A 53 10.66 -13.74 6.09
N ASP A 54 10.91 -12.46 5.80
CA ASP A 54 12.15 -11.77 6.15
C ASP A 54 11.84 -10.44 6.83
N TYR A 55 10.57 -10.24 7.24
CA TYR A 55 10.02 -8.95 7.61
C TYR A 55 9.64 -8.96 9.09
N PRO A 56 10.59 -8.91 10.04
CA PRO A 56 10.31 -8.95 11.48
C PRO A 56 9.57 -7.72 12.01
N GLU A 57 9.39 -6.68 11.19
CA GLU A 57 8.57 -5.50 11.46
C GLU A 57 7.85 -5.11 10.16
N PRO A 58 6.79 -4.31 10.22
CA PRO A 58 6.04 -3.94 9.03
C PRO A 58 6.82 -2.89 8.21
N PRO A 59 6.52 -2.76 6.91
CA PRO A 59 7.23 -1.83 6.05
C PRO A 59 6.77 -0.38 6.26
N ASP A 60 7.67 0.44 6.81
CA ASP A 60 7.59 1.89 6.80
C ASP A 60 7.97 2.41 5.42
N PHE A 61 7.00 2.79 4.58
CA PHE A 61 7.29 3.36 3.26
C PHE A 61 7.55 4.86 3.30
N ILE A 62 7.44 5.51 4.45
CA ILE A 62 7.50 6.96 4.56
C ILE A 62 8.96 7.31 4.81
N ALA A 63 9.58 6.75 5.85
CA ALA A 63 11.01 6.85 6.05
C ALA A 63 11.72 6.02 4.99
N SER A 64 11.53 4.69 5.05
CA SER A 64 12.33 3.73 4.32
C SER A 64 11.71 3.44 2.94
N ARG A 65 12.41 2.72 2.06
CA ARG A 65 11.76 2.10 0.91
C ARG A 65 12.35 0.72 0.55
N PRO A 66 12.46 -0.23 1.50
CA PRO A 66 12.92 -1.58 1.20
C PRO A 66 11.82 -2.31 0.43
N ALA A 67 10.61 -2.33 1.00
CA ALA A 67 9.49 -3.09 0.49
C ALA A 67 8.95 -2.50 -0.80
N THR A 68 9.30 -1.28 -1.16
CA THR A 68 8.95 -0.69 -2.45
C THR A 68 9.45 -1.57 -3.61
N VAL A 69 10.62 -2.22 -3.47
CA VAL A 69 11.10 -3.22 -4.42
C VAL A 69 10.12 -4.40 -4.47
N LYS A 70 9.69 -4.86 -3.30
CA LYS A 70 8.81 -6.01 -3.14
C LYS A 70 7.40 -5.74 -3.69
N LEU A 71 6.87 -4.52 -3.49
CA LEU A 71 5.61 -4.10 -4.09
C LEU A 71 5.71 -4.18 -5.61
N THR A 72 6.84 -3.75 -6.17
CA THR A 72 7.04 -3.65 -7.61
C THR A 72 6.91 -5.01 -8.28
N ARG A 73 7.27 -6.10 -7.58
CA ARG A 73 7.09 -7.47 -8.07
C ARG A 73 5.63 -7.68 -8.49
N SER A 74 4.71 -7.32 -7.60
CA SER A 74 3.26 -7.45 -7.76
C SER A 74 2.65 -6.33 -8.63
N ILE A 75 3.43 -5.37 -9.14
CA ILE A 75 2.97 -4.30 -10.04
C ILE A 75 3.51 -4.62 -11.45
N PRO A 76 2.82 -5.44 -12.25
CA PRO A 76 3.23 -5.80 -13.60
C PRO A 76 3.12 -4.59 -14.56
N ALA A 77 3.68 -4.72 -15.76
CA ALA A 77 3.67 -3.68 -16.80
C ALA A 77 2.26 -3.20 -17.16
N PRO A 78 1.25 -4.06 -17.35
CA PRO A 78 -0.12 -3.61 -17.63
C PRO A 78 -0.83 -2.94 -16.45
N TYR A 79 -0.20 -2.76 -15.28
CA TYR A 79 -0.83 -2.18 -14.07
C TYR A 79 -0.07 -0.95 -13.55
N LYS A 80 0.85 -0.38 -14.32
CA LYS A 80 1.63 0.76 -13.83
C LYS A 80 0.80 2.03 -13.72
N GLN A 81 -0.22 2.20 -14.55
CA GLN A 81 -0.99 3.43 -14.64
C GLN A 81 -2.34 3.29 -13.95
N LEU A 82 -2.59 2.26 -13.13
CA LEU A 82 -3.90 2.07 -12.50
C LEU A 82 -4.40 3.29 -11.71
N LEU A 83 -3.52 4.19 -11.23
CA LEU A 83 -3.97 5.44 -10.60
C LEU A 83 -4.81 6.29 -11.57
N LYS A 84 -4.54 6.27 -12.87
CA LYS A 84 -5.30 6.98 -13.88
C LYS A 84 -6.26 6.07 -14.64
N GLU A 85 -5.91 4.79 -14.77
CA GLU A 85 -6.67 3.81 -15.53
C GLU A 85 -7.80 3.19 -14.70
N GLU A 86 -7.87 3.47 -13.39
CA GLU A 86 -9.04 3.21 -12.55
C GLU A 86 -9.63 4.56 -12.10
N LEU A 87 -8.84 5.37 -11.38
CA LEU A 87 -9.33 6.62 -10.80
C LEU A 87 -9.34 7.73 -11.86
N GLY A 88 -8.15 8.15 -12.28
CA GLY A 88 -7.92 9.39 -13.01
C GLY A 88 -6.82 10.26 -12.38
N PHE A 89 -6.04 9.77 -11.42
CA PHE A 89 -4.89 10.48 -10.85
C PHE A 89 -3.62 10.12 -11.61
N ALA A 90 -2.64 11.03 -11.68
CA ALA A 90 -1.39 10.80 -12.40
C ALA A 90 -0.18 11.18 -11.56
N GLY A 91 -0.18 12.38 -10.98
CA GLY A 91 0.88 12.88 -10.14
C GLY A 91 0.48 14.24 -9.60
N TYR A 92 1.21 14.71 -8.59
CA TYR A 92 0.87 15.94 -7.88
C TYR A 92 1.43 17.19 -8.59
N SER A 93 0.93 18.37 -8.19
CA SER A 93 1.51 19.66 -8.54
C SER A 93 2.79 19.93 -7.74
N ILE A 94 3.55 20.94 -8.16
CA ILE A 94 4.83 21.30 -7.55
C ILE A 94 4.68 21.73 -6.10
N ASN A 95 3.67 22.56 -5.84
CA ASN A 95 3.39 23.16 -4.54
C ASN A 95 3.08 22.10 -3.47
N GLU A 96 2.82 20.85 -3.85
CA GLU A 96 2.38 19.78 -2.98
C GLU A 96 3.39 18.61 -2.99
N LEU A 97 4.55 18.73 -3.64
CA LEU A 97 5.41 17.59 -3.95
C LEU A 97 6.37 17.18 -2.81
N VAL A 98 5.82 17.18 -1.60
CA VAL A 98 6.56 16.96 -0.36
C VAL A 98 6.98 15.50 -0.21
N PRO A 99 8.10 15.24 0.49
CA PRO A 99 8.50 13.87 0.79
C PRO A 99 7.49 13.16 1.68
N ARG A 100 6.68 13.89 2.47
CA ARG A 100 5.65 13.24 3.29
C ARG A 100 4.62 12.51 2.40
N LYS A 101 4.26 13.10 1.26
CA LYS A 101 3.07 12.73 0.50
C LYS A 101 3.38 11.92 -0.75
N THR A 102 4.47 12.25 -1.43
CA THR A 102 5.00 11.45 -2.54
C THR A 102 5.11 9.98 -2.15
N ARG A 103 5.67 9.70 -0.96
CA ARG A 103 5.85 8.34 -0.47
C ARG A 103 4.52 7.59 -0.27
N ARG A 104 3.38 8.29 -0.12
CA ARG A 104 2.08 7.62 -0.16
C ARG A 104 1.85 7.11 -1.58
N ALA A 105 1.93 7.95 -2.62
CA ALA A 105 1.60 7.54 -3.99
C ALA A 105 2.27 6.21 -4.43
N THR A 106 3.48 5.90 -3.94
CA THR A 106 4.12 4.59 -4.11
C THR A 106 3.23 3.44 -3.60
N MET A 107 2.80 3.46 -2.33
CA MET A 107 1.96 2.39 -1.79
C MET A 107 0.59 2.41 -2.47
N THR A 108 0.06 3.58 -2.82
CA THR A 108 -1.26 3.67 -3.44
C THR A 108 -1.27 2.96 -4.79
N ASN A 109 -0.20 3.13 -5.58
CA ASN A 109 0.02 2.41 -6.84
C ASN A 109 -0.10 0.88 -6.64
N TRP A 110 0.56 0.35 -5.62
CA TRP A 110 0.45 -1.06 -5.25
C TRP A 110 -0.96 -1.50 -4.82
N LEU A 111 -1.73 -0.62 -4.14
CA LEU A 111 -3.04 -0.99 -3.62
C LEU A 111 -4.00 -1.32 -4.77
N LEU A 112 -3.92 -0.56 -5.87
CA LEU A 112 -4.73 -0.79 -7.06
C LEU A 112 -4.36 -2.13 -7.69
N ALA A 113 -3.08 -2.39 -7.93
CA ALA A 113 -2.66 -3.65 -8.56
C ALA A 113 -3.14 -4.85 -7.74
N TYR A 114 -3.12 -4.78 -6.40
CA TYR A 114 -3.68 -5.81 -5.53
C TYR A 114 -5.17 -6.00 -5.82
N ARG A 115 -5.99 -4.96 -5.63
CA ARG A 115 -7.44 -5.15 -5.71
C ARG A 115 -7.88 -5.61 -7.09
N ARG A 116 -7.23 -5.16 -8.17
CA ARG A 116 -7.48 -5.53 -9.52
C ARG A 116 -7.11 -7.00 -9.74
N SER A 117 -5.92 -7.41 -9.31
CA SER A 117 -5.49 -8.79 -9.40
C SER A 117 -6.45 -9.78 -8.71
N GLN A 118 -7.27 -9.36 -7.75
CA GLN A 118 -8.14 -10.29 -7.05
C GLN A 118 -9.26 -10.83 -7.94
N GLN A 119 -9.59 -10.16 -9.05
CA GLN A 119 -10.68 -10.53 -9.93
C GLN A 119 -10.23 -11.28 -11.19
N ASP A 120 -8.96 -11.67 -11.23
CA ASP A 120 -8.27 -12.13 -12.43
C ASP A 120 -9.01 -13.26 -13.13
N MET A 1 -5.04 -13.13 4.18
CA MET A 1 -6.02 -12.04 4.29
C MET A 1 -6.74 -11.88 2.95
N GLY A 2 -7.97 -11.39 2.91
CA GLY A 2 -8.63 -11.03 1.65
C GLY A 2 -9.59 -9.89 1.87
N ILE A 3 -9.05 -8.68 1.97
CA ILE A 3 -9.85 -7.47 2.14
C ILE A 3 -10.36 -7.04 0.76
N THR A 4 -11.51 -6.39 0.76
CA THR A 4 -11.98 -5.56 -0.34
C THR A 4 -11.09 -4.28 -0.36
N ILE A 5 -10.98 -3.63 -1.52
CA ILE A 5 -10.50 -2.27 -1.64
C ILE A 5 -11.50 -1.53 -2.54
N THR A 6 -11.66 -0.24 -2.32
CA THR A 6 -12.39 0.67 -3.20
C THR A 6 -11.46 1.76 -3.71
N ASP A 7 -11.57 2.07 -5.00
CA ASP A 7 -10.85 3.17 -5.66
C ASP A 7 -11.16 4.52 -5.00
N GLU A 8 -12.32 4.63 -4.34
CA GLU A 8 -12.68 5.80 -3.53
C GLU A 8 -11.84 5.90 -2.26
N LEU A 9 -11.66 4.79 -1.55
CA LEU A 9 -10.79 4.74 -0.37
C LEU A 9 -9.36 5.08 -0.78
N LEU A 10 -8.99 4.72 -2.02
CA LEU A 10 -7.72 5.10 -2.58
C LEU A 10 -7.64 6.60 -2.82
N TRP A 11 -8.69 7.22 -3.34
CA TRP A 11 -8.76 8.68 -3.51
C TRP A 11 -8.53 9.42 -2.19
N ALA A 12 -9.05 8.90 -1.07
CA ALA A 12 -8.80 9.46 0.25
C ALA A 12 -7.30 9.48 0.62
N ILE A 13 -6.48 8.62 0.00
CA ILE A 13 -5.04 8.68 0.13
C ILE A 13 -4.53 9.87 -0.68
N LEU A 14 -4.84 9.93 -1.99
CA LEU A 14 -4.37 11.00 -2.85
C LEU A 14 -4.72 12.41 -2.33
N LYS A 15 -5.96 12.64 -1.87
CA LYS A 15 -6.44 13.98 -1.54
C LYS A 15 -5.73 14.49 -0.29
N ASP A 16 -6.25 14.15 0.89
CA ASP A 16 -5.75 14.46 2.23
C ASP A 16 -6.85 13.93 3.14
N GLU A 17 -6.87 12.62 3.38
CA GLU A 17 -7.61 12.04 4.47
C GLU A 17 -6.70 11.03 5.16
N LEU A 18 -6.20 10.00 4.46
CA LEU A 18 -5.35 9.01 5.14
C LEU A 18 -4.13 9.72 5.69
N SER A 19 -3.54 9.11 6.70
CA SER A 19 -2.49 9.74 7.49
C SER A 19 -1.14 9.13 7.12
N ASP A 20 -0.10 9.28 7.94
CA ASP A 20 1.14 8.51 7.78
C ASP A 20 0.91 7.09 8.28
N ALA A 21 0.79 6.88 9.59
CA ALA A 21 0.59 5.59 10.22
C ALA A 21 -0.60 4.84 9.61
N GLU A 22 -1.65 5.57 9.26
CA GLU A 22 -2.86 5.03 8.66
C GLU A 22 -2.62 4.61 7.20
N ALA A 23 -1.96 5.43 6.38
CA ALA A 23 -1.64 5.03 5.01
C ALA A 23 -0.74 3.79 5.03
N ASN A 24 0.19 3.74 6.00
CA ASN A 24 1.04 2.60 6.30
C ASN A 24 0.14 1.41 6.59
N ALA A 25 -0.79 1.55 7.54
CA ALA A 25 -1.70 0.50 7.99
C ALA A 25 -2.43 -0.15 6.83
N LEU A 26 -3.00 0.61 5.88
CA LEU A 26 -3.68 0.02 4.73
C LEU A 26 -2.76 -0.93 3.95
N VAL A 27 -1.46 -0.65 3.91
CA VAL A 27 -0.48 -1.47 3.21
C VAL A 27 0.16 -2.50 4.15
N TRP A 28 -0.20 -2.53 5.42
CA TRP A 28 0.14 -3.64 6.30
C TRP A 28 -0.99 -4.68 6.28
N GLN A 29 -2.24 -4.21 6.32
CA GLN A 29 -3.42 -5.06 6.48
C GLN A 29 -3.64 -6.02 5.31
N ALA A 30 -3.59 -5.54 4.06
CA ALA A 30 -3.97 -6.31 2.88
C ALA A 30 -2.98 -7.44 2.59
N LEU A 31 -1.68 -7.22 2.85
CA LEU A 31 -0.69 -8.28 2.88
C LEU A 31 -1.09 -9.24 4.01
N GLY A 32 -1.17 -8.75 5.25
CA GLY A 32 -1.59 -9.56 6.39
C GLY A 32 -0.83 -9.28 7.69
N TYR A 33 -0.02 -8.21 7.74
CA TYR A 33 0.76 -7.81 8.92
C TYR A 33 -0.15 -7.08 9.93
N VAL A 34 -1.23 -7.73 10.37
CA VAL A 34 -2.13 -7.18 11.38
C VAL A 34 -1.48 -7.34 12.76
N TRP A 35 -1.67 -6.35 13.64
CA TRP A 35 -1.27 -6.45 15.03
C TRP A 35 -2.18 -7.42 15.76
N ASP A 36 -1.63 -8.43 16.45
CA ASP A 36 -2.39 -9.31 17.31
C ASP A 36 -2.16 -8.89 18.76
N GLU A 37 -3.07 -8.07 19.25
CA GLU A 37 -3.12 -7.51 20.60
C GLU A 37 -3.07 -8.58 21.70
N ALA A 38 -3.59 -9.77 21.42
CA ALA A 38 -3.57 -10.89 22.36
C ALA A 38 -2.16 -11.40 22.53
N GLN A 39 -1.42 -11.52 21.42
CA GLN A 39 -0.06 -12.05 21.38
C GLN A 39 0.98 -10.95 21.65
N SER A 40 0.53 -9.68 21.63
CA SER A 40 1.33 -8.47 21.58
C SER A 40 2.47 -8.53 20.55
N CYS A 41 2.19 -9.12 19.38
CA CYS A 41 3.14 -9.11 18.27
C CYS A 41 2.38 -9.04 16.94
N TRP A 42 3.12 -8.67 15.91
CA TRP A 42 2.66 -8.65 14.53
C TRP A 42 2.34 -10.07 14.07
N LYS A 43 1.07 -10.36 13.79
CA LYS A 43 0.63 -11.57 13.20
C LYS A 43 1.20 -11.66 11.80
N THR A 44 1.62 -12.86 11.37
CA THR A 44 1.98 -13.07 9.98
C THR A 44 1.26 -14.27 9.35
N ASP A 45 0.29 -14.89 10.04
CA ASP A 45 -0.44 -16.04 9.51
C ASP A 45 -1.18 -15.63 8.23
N LEU A 46 -1.63 -14.38 8.22
CA LEU A 46 -2.51 -13.83 7.22
C LEU A 46 -1.76 -13.31 5.99
N VAL A 47 -0.44 -13.49 5.93
CA VAL A 47 0.43 -12.97 4.87
C VAL A 47 1.17 -14.10 4.16
N ALA A 48 1.58 -13.87 2.91
CA ALA A 48 2.33 -14.84 2.11
C ALA A 48 3.73 -15.04 2.70
N PRO A 49 4.29 -16.26 2.62
CA PRO A 49 5.58 -16.58 3.19
C PRO A 49 6.69 -15.73 2.56
N GLU A 50 6.63 -15.46 1.26
CA GLU A 50 7.59 -14.61 0.56
C GLU A 50 7.69 -13.22 1.19
N TRP A 51 6.57 -12.69 1.69
CA TRP A 51 6.50 -11.38 2.30
C TRP A 51 7.03 -11.45 3.73
N ARG A 52 6.44 -12.30 4.57
CA ARG A 52 6.80 -12.32 5.99
C ARG A 52 8.21 -12.87 6.27
N GLN A 53 8.85 -13.52 5.28
CA GLN A 53 10.09 -14.27 5.41
C GLN A 53 11.16 -13.54 6.23
N ASP A 54 11.38 -12.26 5.95
CA ASP A 54 12.45 -11.45 6.52
C ASP A 54 11.85 -10.20 7.17
N TYR A 55 10.54 -10.19 7.40
CA TYR A 55 9.76 -9.03 7.80
C TYR A 55 9.21 -9.31 9.20
N PRO A 56 10.01 -9.15 10.27
CA PRO A 56 9.52 -9.26 11.63
C PRO A 56 8.57 -8.10 11.96
N GLU A 57 8.76 -6.94 11.34
CA GLU A 57 8.06 -5.70 11.59
C GLU A 57 7.47 -5.19 10.27
N PRO A 58 6.48 -4.27 10.31
CA PRO A 58 5.82 -3.84 9.10
C PRO A 58 6.67 -2.78 8.37
N PRO A 59 6.51 -2.65 7.04
CA PRO A 59 7.34 -1.77 6.22
C PRO A 59 6.91 -0.30 6.33
N ASP A 60 7.80 0.56 6.82
CA ASP A 60 7.50 1.97 7.06
C ASP A 60 7.72 2.81 5.80
N PHE A 61 6.81 2.75 4.82
CA PHE A 61 7.02 3.45 3.53
C PHE A 61 7.13 4.98 3.69
N ILE A 62 6.72 5.50 4.85
CA ILE A 62 6.77 6.92 5.17
C ILE A 62 8.23 7.37 5.40
N ALA A 63 9.16 6.45 5.62
CA ALA A 63 10.52 6.73 6.06
C ALA A 63 11.56 5.91 5.30
N SER A 64 11.24 4.66 4.99
CA SER A 64 12.19 3.73 4.40
C SER A 64 11.92 3.55 2.91
N ARG A 65 12.72 2.73 2.19
CA ARG A 65 12.21 2.12 0.96
C ARG A 65 12.77 0.71 0.66
N PRO A 66 12.75 -0.27 1.58
CA PRO A 66 13.18 -1.63 1.26
C PRO A 66 12.04 -2.41 0.59
N ALA A 67 10.84 -2.37 1.17
CA ALA A 67 9.66 -3.07 0.67
C ALA A 67 9.24 -2.56 -0.69
N THR A 68 9.57 -1.33 -1.07
CA THR A 68 9.19 -0.71 -2.33
C THR A 68 9.60 -1.58 -3.54
N VAL A 69 10.73 -2.30 -3.46
CA VAL A 69 11.18 -3.24 -4.49
C VAL A 69 10.20 -4.42 -4.56
N LYS A 70 9.91 -5.00 -3.40
CA LYS A 70 9.05 -6.17 -3.19
C LYS A 70 7.63 -5.84 -3.64
N LEU A 71 7.21 -4.60 -3.41
CA LEU A 71 5.96 -4.00 -3.82
C LEU A 71 5.89 -3.96 -5.34
N THR A 72 6.92 -3.44 -6.02
CA THR A 72 6.97 -3.41 -7.48
C THR A 72 6.87 -4.80 -8.08
N ARG A 73 7.30 -5.87 -7.38
CA ARG A 73 7.10 -7.20 -7.92
C ARG A 73 5.62 -7.51 -8.15
N SER A 74 4.74 -7.03 -7.29
CA SER A 74 3.29 -7.09 -7.45
C SER A 74 2.71 -6.03 -8.39
N ILE A 75 3.50 -5.14 -9.01
CA ILE A 75 2.98 -4.13 -9.94
C ILE A 75 3.49 -4.53 -11.34
N PRO A 76 2.84 -5.48 -12.03
CA PRO A 76 3.21 -5.89 -13.39
C PRO A 76 2.90 -4.77 -14.40
N ALA A 77 3.34 -4.94 -15.65
CA ALA A 77 3.17 -3.96 -16.73
C ALA A 77 1.72 -3.50 -16.90
N PRO A 78 0.69 -4.38 -16.90
CA PRO A 78 -0.71 -3.95 -16.97
C PRO A 78 -1.21 -3.12 -15.78
N TYR A 79 -0.44 -2.95 -14.68
CA TYR A 79 -0.88 -2.30 -13.45
C TYR A 79 -0.04 -1.07 -13.07
N LYS A 80 0.81 -0.60 -13.98
CA LYS A 80 1.71 0.52 -13.70
C LYS A 80 1.03 1.88 -13.65
N GLN A 81 -0.10 2.08 -14.34
CA GLN A 81 -0.64 3.40 -14.65
C GLN A 81 -2.02 3.61 -14.05
N LEU A 82 -2.48 2.68 -13.21
CA LEU A 82 -3.86 2.57 -12.74
C LEU A 82 -4.37 3.83 -12.08
N LEU A 83 -3.48 4.63 -11.47
CA LEU A 83 -3.84 5.91 -10.92
C LEU A 83 -4.62 6.75 -11.93
N LYS A 84 -4.27 6.77 -13.22
CA LYS A 84 -4.95 7.61 -14.21
C LYS A 84 -6.02 6.80 -14.92
N GLU A 85 -5.67 5.58 -15.35
CA GLU A 85 -6.56 4.67 -16.05
C GLU A 85 -7.86 4.52 -15.27
N GLU A 86 -7.77 4.13 -14.00
CA GLU A 86 -8.94 3.73 -13.23
C GLU A 86 -9.57 4.95 -12.53
N LEU A 87 -8.74 5.78 -11.88
CA LEU A 87 -9.21 6.86 -11.00
C LEU A 87 -9.14 8.23 -11.66
N GLY A 88 -8.01 8.57 -12.30
CA GLY A 88 -7.72 9.89 -12.86
C GLY A 88 -6.62 10.68 -12.12
N PHE A 89 -5.90 10.10 -11.16
CA PHE A 89 -4.68 10.67 -10.58
C PHE A 89 -3.51 10.55 -11.57
N ALA A 90 -2.39 11.22 -11.31
CA ALA A 90 -1.13 10.94 -12.01
C ALA A 90 0.03 11.19 -11.03
N GLY A 91 0.20 12.43 -10.58
CA GLY A 91 1.19 12.82 -9.60
C GLY A 91 0.84 14.18 -9.03
N TYR A 92 1.50 14.58 -7.95
CA TYR A 92 1.30 15.88 -7.32
C TYR A 92 2.01 17.00 -8.08
N SER A 93 1.41 18.19 -8.06
CA SER A 93 2.04 19.43 -8.50
C SER A 93 3.19 19.87 -7.60
N ILE A 94 3.92 20.86 -8.07
CA ILE A 94 5.14 21.33 -7.43
C ILE A 94 4.88 21.93 -6.05
N ASN A 95 3.82 22.73 -5.95
CA ASN A 95 3.43 23.39 -4.70
C ASN A 95 2.93 22.40 -3.66
N GLU A 96 2.72 21.14 -4.05
CA GLU A 96 2.22 20.05 -3.22
C GLU A 96 3.22 18.89 -3.14
N LEU A 97 4.37 18.97 -3.82
CA LEU A 97 5.37 17.93 -3.87
C LEU A 97 6.15 17.94 -2.56
N VAL A 98 5.92 16.92 -1.73
CA VAL A 98 6.65 16.71 -0.48
C VAL A 98 7.09 15.25 -0.41
N PRO A 99 8.04 14.89 0.47
CA PRO A 99 8.34 13.49 0.76
C PRO A 99 7.08 12.76 1.23
N ARG A 100 6.24 13.41 2.03
CA ARG A 100 5.05 12.82 2.64
C ARG A 100 3.92 12.56 1.62
N LYS A 101 4.08 12.91 0.35
CA LYS A 101 3.07 12.73 -0.70
C LYS A 101 3.65 11.84 -1.80
N THR A 102 4.89 12.06 -2.20
CA THR A 102 5.59 11.16 -3.12
C THR A 102 5.61 9.73 -2.57
N ARG A 103 5.94 9.55 -1.28
CA ARG A 103 5.93 8.24 -0.64
C ARG A 103 4.52 7.65 -0.55
N ARG A 104 3.47 8.46 -0.48
CA ARG A 104 2.09 7.95 -0.47
C ARG A 104 1.85 7.30 -1.82
N ALA A 105 2.03 8.02 -2.93
CA ALA A 105 1.66 7.56 -4.27
C ALA A 105 2.20 6.16 -4.61
N THR A 106 3.43 5.87 -4.23
CA THR A 106 4.07 4.56 -4.36
C THR A 106 3.17 3.45 -3.80
N MET A 107 2.71 3.62 -2.57
CA MET A 107 1.97 2.62 -1.82
C MET A 107 0.52 2.58 -2.31
N THR A 108 -0.03 3.73 -2.73
CA THR A 108 -1.36 3.84 -3.31
C THR A 108 -1.49 3.01 -4.59
N ASN A 109 -0.53 3.12 -5.53
CA ASN A 109 -0.63 2.45 -6.83
C ASN A 109 -0.76 0.93 -6.62
N TRP A 110 -0.03 0.38 -5.67
CA TRP A 110 -0.07 -1.05 -5.34
C TRP A 110 -1.39 -1.46 -4.67
N LEU A 111 -2.05 -0.56 -3.94
CA LEU A 111 -3.25 -0.93 -3.17
C LEU A 111 -4.38 -1.22 -4.16
N LEU A 112 -4.38 -0.45 -5.24
CA LEU A 112 -5.44 -0.40 -6.20
C LEU A 112 -5.18 -1.43 -7.31
N ALA A 113 -3.93 -1.79 -7.59
CA ALA A 113 -3.59 -3.00 -8.33
C ALA A 113 -4.04 -4.24 -7.55
N TYR A 114 -3.86 -4.32 -6.22
CA TYR A 114 -4.15 -5.55 -5.50
C TYR A 114 -5.58 -6.04 -5.72
N ARG A 115 -6.56 -5.14 -5.69
CA ARG A 115 -7.94 -5.55 -5.92
C ARG A 115 -8.11 -6.16 -7.32
N ARG A 116 -7.42 -5.65 -8.33
CA ARG A 116 -7.49 -6.16 -9.71
C ARG A 116 -7.14 -7.65 -9.75
N SER A 117 -6.26 -8.09 -8.85
CA SER A 117 -5.85 -9.49 -8.74
C SER A 117 -6.94 -10.37 -8.10
N GLN A 118 -7.83 -9.82 -7.28
CA GLN A 118 -8.99 -10.58 -6.76
C GLN A 118 -10.08 -10.68 -7.83
N GLN A 119 -10.11 -9.71 -8.74
CA GLN A 119 -11.02 -9.65 -9.88
C GLN A 119 -10.45 -10.43 -11.06
N ASP A 120 -9.50 -11.32 -10.79
CA ASP A 120 -8.98 -12.31 -11.71
C ASP A 120 -10.11 -13.14 -12.28
N MET A 1 -4.65 -13.35 2.97
CA MET A 1 -5.65 -12.31 3.29
C MET A 1 -6.23 -11.74 2.01
N GLY A 2 -7.55 -11.50 1.98
CA GLY A 2 -8.28 -10.95 0.84
C GLY A 2 -9.37 -10.02 1.35
N ILE A 3 -9.02 -8.75 1.55
CA ILE A 3 -9.95 -7.68 1.92
C ILE A 3 -10.58 -7.13 0.64
N THR A 4 -11.74 -6.48 0.75
CA THR A 4 -12.34 -5.69 -0.33
C THR A 4 -11.61 -4.35 -0.42
N ILE A 5 -11.39 -3.80 -1.62
CA ILE A 5 -10.96 -2.42 -1.78
C ILE A 5 -12.08 -1.58 -2.40
N THR A 6 -12.11 -0.30 -2.05
CA THR A 6 -12.94 0.74 -2.63
C THR A 6 -12.00 1.82 -3.16
N ASP A 7 -12.20 2.25 -4.41
CA ASP A 7 -11.32 3.25 -5.01
C ASP A 7 -11.47 4.60 -4.29
N GLU A 8 -12.58 4.83 -3.59
CA GLU A 8 -12.77 6.00 -2.73
C GLU A 8 -11.69 6.08 -1.63
N LEU A 9 -11.36 4.92 -1.04
CA LEU A 9 -10.38 4.79 0.03
C LEU A 9 -8.95 4.90 -0.51
N LEU A 10 -8.76 4.80 -1.82
CA LEU A 10 -7.47 5.00 -2.47
C LEU A 10 -7.26 6.50 -2.69
N TRP A 11 -8.30 7.20 -3.17
CA TRP A 11 -8.26 8.65 -3.34
C TRP A 11 -8.03 9.39 -2.02
N ALA A 12 -8.41 8.80 -0.88
CA ALA A 12 -8.26 9.44 0.43
C ALA A 12 -6.80 9.77 0.75
N ILE A 13 -5.84 8.97 0.27
CA ILE A 13 -4.41 9.22 0.43
C ILE A 13 -4.01 10.42 -0.43
N LEU A 14 -4.46 10.41 -1.69
CA LEU A 14 -4.13 11.37 -2.72
C LEU A 14 -4.57 12.77 -2.36
N LYS A 15 -5.81 12.95 -1.93
CA LYS A 15 -6.35 14.27 -1.61
C LYS A 15 -5.56 14.87 -0.46
N ASP A 16 -5.91 14.53 0.78
CA ASP A 16 -5.25 15.08 1.97
C ASP A 16 -5.65 14.34 3.25
N GLU A 17 -6.45 13.28 3.14
CA GLU A 17 -7.31 12.78 4.20
C GLU A 17 -6.59 11.72 5.03
N LEU A 18 -6.17 10.62 4.39
CA LEU A 18 -5.40 9.65 5.15
C LEU A 18 -4.10 10.27 5.50
N SER A 19 -3.66 9.82 6.65
CA SER A 19 -2.52 10.43 7.28
C SER A 19 -1.26 9.69 6.85
N ASP A 20 -0.10 10.15 7.33
CA ASP A 20 1.18 9.55 7.00
C ASP A 20 1.27 8.13 7.54
N ALA A 21 1.16 7.94 8.87
CA ALA A 21 1.10 6.62 9.47
C ALA A 21 -0.15 5.85 9.04
N GLU A 22 -1.29 6.55 8.95
CA GLU A 22 -2.58 5.91 8.75
C GLU A 22 -2.68 5.33 7.34
N ALA A 23 -2.18 6.03 6.31
CA ALA A 23 -2.26 5.53 4.94
C ALA A 23 -1.54 4.16 4.84
N ASN A 24 -0.48 3.97 5.65
CA ASN A 24 0.33 2.76 5.70
C ASN A 24 -0.50 1.60 6.27
N ALA A 25 -1.33 1.84 7.30
CA ALA A 25 -2.12 0.81 7.95
C ALA A 25 -2.96 0.01 6.97
N LEU A 26 -3.63 0.70 6.04
CA LEU A 26 -4.57 0.06 5.11
C LEU A 26 -3.84 -0.87 4.11
N VAL A 27 -2.55 -0.66 3.90
CA VAL A 27 -1.68 -1.58 3.15
C VAL A 27 -1.38 -2.79 4.03
N TRP A 28 -0.94 -2.56 5.27
CA TRP A 28 -0.56 -3.61 6.21
C TRP A 28 -1.71 -4.62 6.37
N GLN A 29 -2.94 -4.14 6.59
CA GLN A 29 -4.10 -5.03 6.72
C GLN A 29 -4.29 -5.88 5.46
N ALA A 30 -4.17 -5.29 4.26
CA ALA A 30 -4.48 -5.95 3.00
C ALA A 30 -3.55 -7.13 2.71
N LEU A 31 -2.23 -6.97 2.97
CA LEU A 31 -1.28 -8.08 2.89
C LEU A 31 -1.69 -9.17 3.88
N GLY A 32 -2.16 -8.78 5.06
CA GLY A 32 -2.70 -9.66 6.09
C GLY A 32 -2.04 -9.48 7.45
N TYR A 33 -1.22 -8.45 7.63
CA TYR A 33 -0.29 -8.42 8.75
C TYR A 33 -0.98 -8.38 10.10
N VAL A 34 -1.90 -7.45 10.34
CA VAL A 34 -2.69 -7.32 11.57
C VAL A 34 -1.84 -7.26 12.85
N TRP A 35 -1.93 -6.13 13.57
CA TRP A 35 -1.41 -6.09 14.94
C TRP A 35 -2.23 -7.04 15.81
N ASP A 36 -1.57 -8.08 16.30
CA ASP A 36 -2.03 -9.01 17.32
C ASP A 36 -1.59 -8.45 18.67
N GLU A 37 -2.44 -7.64 19.28
CA GLU A 37 -2.14 -6.98 20.55
C GLU A 37 -1.81 -7.96 21.66
N ALA A 38 -2.46 -9.13 21.65
CA ALA A 38 -2.24 -10.20 22.61
C ALA A 38 -0.80 -10.72 22.51
N GLN A 39 -0.17 -10.62 21.35
CA GLN A 39 1.18 -11.07 21.10
C GLN A 39 2.14 -9.89 20.96
N SER A 40 1.62 -8.66 20.96
CA SER A 40 2.32 -7.41 20.71
C SER A 40 3.22 -7.53 19.47
N CYS A 41 2.71 -8.25 18.46
CA CYS A 41 3.41 -8.56 17.23
C CYS A 41 2.45 -8.42 16.07
N TRP A 42 3.03 -8.35 14.89
CA TRP A 42 2.36 -8.33 13.61
C TRP A 42 2.18 -9.78 13.15
N LYS A 43 0.95 -10.24 12.96
CA LYS A 43 0.68 -11.55 12.47
C LYS A 43 1.38 -11.78 11.13
N THR A 44 1.66 -13.05 10.85
CA THR A 44 2.31 -13.45 9.61
C THR A 44 1.58 -14.64 8.97
N ASP A 45 0.52 -15.14 9.60
CA ASP A 45 -0.25 -16.29 9.15
C ASP A 45 -1.01 -15.93 7.90
N LEU A 46 -1.72 -14.79 7.97
CA LEU A 46 -2.64 -14.37 6.94
C LEU A 46 -1.92 -13.74 5.75
N VAL A 47 -0.58 -13.68 5.81
CA VAL A 47 0.27 -13.00 4.85
C VAL A 47 0.84 -14.05 3.91
N ALA A 48 1.08 -13.68 2.65
CA ALA A 48 1.78 -14.53 1.71
C ALA A 48 3.22 -14.80 2.20
N PRO A 49 3.78 -16.00 1.96
CA PRO A 49 5.13 -16.35 2.38
C PRO A 49 6.15 -15.48 1.67
N GLU A 50 5.87 -15.00 0.46
CA GLU A 50 6.80 -14.15 -0.26
C GLU A 50 7.03 -12.82 0.47
N TRP A 51 6.11 -12.38 1.33
CA TRP A 51 6.21 -11.17 2.15
C TRP A 51 6.74 -11.50 3.54
N ARG A 52 5.98 -12.27 4.33
CA ARG A 52 6.36 -12.64 5.70
C ARG A 52 7.61 -13.54 5.76
N GLN A 53 8.23 -13.79 4.62
CA GLN A 53 9.53 -14.38 4.44
C GLN A 53 10.52 -13.75 5.42
N ASP A 54 10.57 -12.42 5.45
CA ASP A 54 11.67 -11.69 6.06
C ASP A 54 11.15 -10.40 6.72
N TYR A 55 9.83 -10.23 6.80
CA TYR A 55 9.17 -9.03 7.27
C TYR A 55 8.50 -9.34 8.62
N PRO A 56 9.21 -9.25 9.76
CA PRO A 56 8.57 -9.26 11.07
C PRO A 56 7.73 -8.01 11.33
N GLU A 57 7.99 -6.89 10.66
CA GLU A 57 7.50 -5.56 11.04
C GLU A 57 7.09 -4.76 9.80
N PRO A 58 6.23 -3.74 9.96
CA PRO A 58 5.68 -3.05 8.82
C PRO A 58 6.76 -2.26 8.08
N PRO A 59 6.58 -2.01 6.78
CA PRO A 59 7.40 -1.09 6.04
C PRO A 59 6.98 0.35 6.31
N ASP A 60 7.88 1.15 6.86
CA ASP A 60 7.73 2.60 6.95
C ASP A 60 7.88 3.18 5.54
N PHE A 61 6.80 3.20 4.74
CA PHE A 61 6.80 3.81 3.41
C PHE A 61 7.06 5.33 3.45
N ILE A 62 6.84 5.96 4.60
CA ILE A 62 7.09 7.37 4.82
C ILE A 62 8.60 7.55 4.88
N ALA A 63 9.25 7.10 5.96
CA ALA A 63 10.66 7.38 6.19
C ALA A 63 11.61 6.59 5.28
N SER A 64 11.18 5.43 4.75
CA SER A 64 12.04 4.43 4.13
C SER A 64 11.39 3.88 2.85
N ARG A 65 12.07 2.96 2.14
CA ARG A 65 11.50 2.33 0.96
C ARG A 65 11.93 0.86 0.81
N PRO A 66 11.77 0.00 1.82
CA PRO A 66 12.12 -1.41 1.65
C PRO A 66 11.05 -2.13 0.86
N ALA A 67 9.79 -2.00 1.29
CA ALA A 67 8.66 -2.67 0.65
C ALA A 67 8.36 -2.10 -0.73
N THR A 68 8.93 -0.96 -1.11
CA THR A 68 8.77 -0.37 -2.43
C THR A 68 9.25 -1.36 -3.52
N VAL A 69 10.26 -2.20 -3.24
CA VAL A 69 10.66 -3.29 -4.13
C VAL A 69 9.55 -4.33 -4.19
N LYS A 70 9.05 -4.74 -3.01
CA LYS A 70 8.12 -5.84 -2.87
C LYS A 70 6.78 -5.52 -3.52
N LEU A 71 6.35 -4.26 -3.43
CA LEU A 71 5.24 -3.69 -4.15
C LEU A 71 5.39 -3.91 -5.65
N THR A 72 6.58 -3.64 -6.22
CA THR A 72 6.83 -3.80 -7.64
C THR A 72 6.66 -5.26 -8.07
N ARG A 73 6.97 -6.23 -7.20
CA ARG A 73 6.72 -7.64 -7.48
C ARG A 73 5.25 -7.88 -7.81
N SER A 74 4.32 -7.16 -7.18
CA SER A 74 2.88 -7.21 -7.42
C SER A 74 2.45 -6.29 -8.57
N ILE A 75 3.34 -5.52 -9.20
CA ILE A 75 3.00 -4.53 -10.23
C ILE A 75 3.62 -5.03 -11.56
N PRO A 76 2.95 -5.96 -12.27
CA PRO A 76 3.36 -6.45 -13.57
C PRO A 76 3.12 -5.38 -14.66
N ALA A 77 3.50 -5.70 -15.89
CA ALA A 77 3.43 -4.77 -17.02
C ALA A 77 2.02 -4.21 -17.30
N PRO A 78 0.92 -4.99 -17.21
CA PRO A 78 -0.43 -4.45 -17.38
C PRO A 78 -0.89 -3.54 -16.24
N TYR A 79 -0.17 -3.42 -15.12
CA TYR A 79 -0.68 -2.78 -13.90
C TYR A 79 0.16 -1.55 -13.52
N LYS A 80 0.92 -0.97 -14.46
CA LYS A 80 1.90 0.08 -14.14
C LYS A 80 1.28 1.44 -13.84
N GLN A 81 0.18 1.81 -14.50
CA GLN A 81 -0.36 3.17 -14.44
C GLN A 81 -1.73 3.22 -13.76
N LEU A 82 -2.08 2.25 -12.92
CA LEU A 82 -3.44 2.12 -12.40
C LEU A 82 -3.87 3.34 -11.56
N LEU A 83 -2.92 4.10 -11.01
CA LEU A 83 -3.19 5.40 -10.38
C LEU A 83 -3.85 6.42 -11.31
N LYS A 84 -3.82 6.25 -12.63
CA LYS A 84 -4.58 7.05 -13.57
C LYS A 84 -5.63 6.21 -14.28
N GLU A 85 -5.36 4.92 -14.51
CA GLU A 85 -6.27 4.06 -15.26
C GLU A 85 -7.43 3.52 -14.42
N GLU A 86 -7.45 3.71 -13.09
CA GLU A 86 -8.59 3.36 -12.24
C GLU A 86 -9.06 4.58 -11.44
N LEU A 87 -8.23 5.64 -11.38
CA LEU A 87 -8.41 6.82 -10.53
C LEU A 87 -8.42 8.08 -11.39
N GLY A 88 -7.24 8.50 -11.87
CA GLY A 88 -7.04 9.72 -12.64
C GLY A 88 -6.06 10.66 -11.95
N PHE A 89 -4.88 10.16 -11.55
CA PHE A 89 -3.84 10.92 -10.88
C PHE A 89 -2.49 10.63 -11.53
N ALA A 90 -1.55 11.58 -11.45
CA ALA A 90 -0.16 11.39 -11.85
C ALA A 90 0.76 11.68 -10.66
N GLY A 91 0.73 12.91 -10.13
CA GLY A 91 1.60 13.33 -9.02
C GLY A 91 1.03 14.59 -8.37
N TYR A 92 1.53 14.91 -7.16
CA TYR A 92 1.08 16.05 -6.36
C TYR A 92 1.44 17.38 -7.04
N SER A 93 0.83 18.50 -6.61
CA SER A 93 1.14 19.82 -7.14
C SER A 93 2.58 20.17 -6.80
N ILE A 94 3.19 21.07 -7.57
CA ILE A 94 4.56 21.53 -7.32
C ILE A 94 4.74 22.07 -5.89
N ASN A 95 3.77 22.86 -5.41
CA ASN A 95 3.85 23.45 -4.07
C ASN A 95 3.74 22.39 -2.97
N GLU A 96 3.18 21.24 -3.32
CA GLU A 96 2.75 20.13 -2.48
C GLU A 96 3.64 18.90 -2.70
N LEU A 97 4.74 19.01 -3.44
CA LEU A 97 5.57 17.90 -3.93
C LEU A 97 6.54 17.39 -2.86
N VAL A 98 6.07 17.36 -1.63
CA VAL A 98 6.80 17.00 -0.42
C VAL A 98 7.15 15.52 -0.41
N PRO A 99 8.26 15.14 0.25
CA PRO A 99 8.65 13.74 0.37
C PRO A 99 7.62 12.90 1.12
N ARG A 100 6.74 13.52 1.94
CA ARG A 100 5.79 12.74 2.71
C ARG A 100 4.50 12.43 1.93
N LYS A 101 4.28 13.09 0.78
CA LYS A 101 3.19 12.83 -0.17
C LYS A 101 3.70 11.97 -1.31
N THR A 102 4.81 12.29 -1.96
CA THR A 102 5.30 11.56 -3.13
C THR A 102 5.40 10.06 -2.83
N ARG A 103 6.02 9.68 -1.72
CA ARG A 103 6.18 8.28 -1.35
C ARG A 103 4.85 7.56 -1.14
N ARG A 104 3.76 8.26 -0.79
CA ARG A 104 2.45 7.62 -0.60
C ARG A 104 1.94 7.03 -1.91
N ALA A 105 2.15 7.74 -3.03
CA ALA A 105 1.70 7.31 -4.36
C ALA A 105 2.20 5.90 -4.74
N THR A 106 3.26 5.42 -4.10
CA THR A 106 3.76 4.07 -4.28
C THR A 106 2.67 3.05 -3.94
N MET A 107 2.08 3.14 -2.74
CA MET A 107 1.13 2.14 -2.29
C MET A 107 -0.22 2.29 -2.97
N THR A 108 -0.60 3.50 -3.40
CA THR A 108 -1.87 3.64 -4.08
C THR A 108 -1.83 2.84 -5.38
N ASN A 109 -0.76 2.94 -6.19
CA ASN A 109 -0.69 2.16 -7.43
C ASN A 109 -0.77 0.66 -7.16
N TRP A 110 -0.19 0.22 -6.05
CA TRP A 110 -0.20 -1.17 -5.65
C TRP A 110 -1.59 -1.62 -5.22
N LEU A 111 -2.38 -0.80 -4.53
CA LEU A 111 -3.69 -1.23 -4.04
C LEU A 111 -4.62 -1.59 -5.21
N LEU A 112 -4.48 -0.93 -6.36
CA LEU A 112 -5.16 -1.36 -7.58
C LEU A 112 -4.62 -2.71 -8.03
N ALA A 113 -3.29 -2.89 -8.09
CA ALA A 113 -2.69 -4.15 -8.54
C ALA A 113 -3.09 -5.31 -7.62
N TYR A 114 -3.26 -5.08 -6.32
CA TYR A 114 -3.81 -6.03 -5.37
C TYR A 114 -5.23 -6.41 -5.79
N ARG A 115 -6.16 -5.44 -5.85
CA ARG A 115 -7.54 -5.82 -6.14
C ARG A 115 -7.68 -6.40 -7.53
N ARG A 116 -6.86 -5.98 -8.50
CA ARG A 116 -6.70 -6.63 -9.80
C ARG A 116 -6.42 -8.11 -9.61
N SER A 117 -5.36 -8.45 -8.92
CA SER A 117 -4.99 -9.84 -8.67
C SER A 117 -6.06 -10.64 -7.91
N GLN A 118 -7.00 -10.02 -7.20
CA GLN A 118 -8.11 -10.75 -6.57
C GLN A 118 -9.18 -11.21 -7.56
N GLN A 119 -9.26 -10.63 -8.77
CA GLN A 119 -10.29 -10.92 -9.76
C GLN A 119 -9.73 -11.78 -10.89
N ASP A 120 -8.63 -12.48 -10.60
CA ASP A 120 -8.08 -13.57 -11.40
C ASP A 120 -9.05 -14.75 -11.45
N MET A 1 -6.32 -13.14 3.01
CA MET A 1 -7.63 -12.76 3.59
C MET A 1 -8.61 -12.03 2.67
N GLY A 2 -8.21 -11.69 1.46
CA GLY A 2 -9.06 -11.26 0.34
C GLY A 2 -10.04 -10.16 0.67
N ILE A 3 -9.55 -8.92 0.80
CA ILE A 3 -10.36 -7.75 1.15
C ILE A 3 -10.98 -7.15 -0.11
N THR A 4 -12.09 -6.43 0.02
CA THR A 4 -12.51 -5.43 -0.97
C THR A 4 -11.58 -4.23 -0.90
N ILE A 5 -11.30 -3.57 -2.02
CA ILE A 5 -10.57 -2.31 -2.06
C ILE A 5 -11.32 -1.38 -3.02
N THR A 6 -11.61 -0.18 -2.55
CA THR A 6 -12.41 0.80 -3.29
C THR A 6 -11.53 1.96 -3.74
N ASP A 7 -11.66 2.40 -4.99
CA ASP A 7 -10.89 3.52 -5.53
C ASP A 7 -11.09 4.77 -4.70
N GLU A 8 -12.30 4.96 -4.16
CA GLU A 8 -12.67 6.14 -3.40
C GLU A 8 -11.88 6.21 -2.09
N LEU A 9 -11.71 5.08 -1.42
CA LEU A 9 -10.94 4.95 -0.21
C LEU A 9 -9.48 5.26 -0.54
N LEU A 10 -8.97 4.69 -1.63
CA LEU A 10 -7.57 4.85 -1.99
C LEU A 10 -7.23 6.28 -2.43
N TRP A 11 -8.16 6.96 -3.11
CA TRP A 11 -8.04 8.38 -3.41
C TRP A 11 -7.78 9.21 -2.14
N ALA A 12 -8.24 8.80 -0.95
CA ALA A 12 -8.02 9.57 0.28
C ALA A 12 -6.53 9.71 0.61
N ILE A 13 -5.71 8.70 0.28
CA ILE A 13 -4.26 8.81 0.43
C ILE A 13 -3.75 9.93 -0.48
N LEU A 14 -4.25 9.98 -1.71
CA LEU A 14 -3.80 10.96 -2.69
C LEU A 14 -4.19 12.38 -2.25
N LYS A 15 -5.42 12.56 -1.76
CA LYS A 15 -5.88 13.82 -1.19
C LYS A 15 -5.14 14.18 0.11
N ASP A 16 -4.41 13.24 0.71
CA ASP A 16 -3.60 13.40 1.91
C ASP A 16 -4.46 13.50 3.16
N GLU A 17 -5.57 12.77 3.18
CA GLU A 17 -6.55 12.65 4.25
C GLU A 17 -6.19 11.52 5.23
N LEU A 18 -5.51 10.48 4.76
CA LEU A 18 -5.01 9.42 5.63
C LEU A 18 -3.93 10.00 6.55
N SER A 19 -3.66 9.31 7.65
CA SER A 19 -2.52 9.62 8.51
C SER A 19 -1.37 8.66 8.20
N ASP A 20 -0.31 8.69 9.00
CA ASP A 20 0.94 7.97 8.81
C ASP A 20 0.68 6.48 9.03
N ALA A 21 0.49 6.05 10.28
CA ALA A 21 0.22 4.66 10.62
C ALA A 21 -1.07 4.16 9.96
N GLU A 22 -2.00 5.06 9.64
CA GLU A 22 -3.25 4.73 8.95
C GLU A 22 -2.98 4.42 7.47
N ALA A 23 -2.18 5.23 6.75
CA ALA A 23 -1.88 4.95 5.35
C ALA A 23 -1.12 3.63 5.26
N ASN A 24 -0.19 3.44 6.19
CA ASN A 24 0.54 2.20 6.32
C ASN A 24 -0.44 1.07 6.61
N ALA A 25 -1.43 1.27 7.50
CA ALA A 25 -2.43 0.28 7.88
C ALA A 25 -3.17 -0.28 6.68
N LEU A 26 -3.76 0.56 5.81
CA LEU A 26 -4.51 0.03 4.67
C LEU A 26 -3.65 -0.88 3.78
N VAL A 27 -2.33 -0.65 3.70
CA VAL A 27 -1.43 -1.60 3.06
C VAL A 27 -1.30 -2.85 3.93
N TRP A 28 -0.97 -2.69 5.21
CA TRP A 28 -0.70 -3.78 6.14
C TRP A 28 -1.87 -4.76 6.26
N GLN A 29 -3.12 -4.29 6.26
CA GLN A 29 -4.30 -5.15 6.24
C GLN A 29 -4.32 -6.05 5.01
N ALA A 30 -4.00 -5.49 3.83
CA ALA A 30 -4.07 -6.21 2.57
C ALA A 30 -3.04 -7.33 2.51
N LEU A 31 -1.82 -7.11 3.02
CA LEU A 31 -0.89 -8.22 3.23
C LEU A 31 -1.50 -9.18 4.24
N GLY A 32 -1.91 -8.64 5.39
CA GLY A 32 -2.56 -9.37 6.45
C GLY A 32 -1.75 -9.32 7.75
N TYR A 33 -0.90 -8.30 7.95
CA TYR A 33 0.01 -8.26 9.12
C TYR A 33 -0.80 -8.30 10.40
N VAL A 34 -1.58 -7.25 10.71
CA VAL A 34 -2.34 -7.03 11.94
C VAL A 34 -1.48 -7.07 13.22
N TRP A 35 -1.59 -6.02 14.03
CA TRP A 35 -1.06 -6.01 15.38
C TRP A 35 -1.92 -6.94 16.23
N ASP A 36 -1.35 -8.05 16.68
CA ASP A 36 -1.97 -8.99 17.61
C ASP A 36 -1.68 -8.48 19.01
N GLU A 37 -2.62 -7.76 19.62
CA GLU A 37 -2.42 -7.02 20.86
C GLU A 37 -2.12 -7.95 22.04
N ALA A 38 -2.61 -9.19 22.01
CA ALA A 38 -2.31 -10.18 23.04
C ALA A 38 -0.81 -10.48 23.03
N GLN A 39 -0.27 -10.75 21.84
CA GLN A 39 1.13 -11.13 21.69
C GLN A 39 2.01 -9.89 21.58
N SER A 40 1.39 -8.71 21.46
CA SER A 40 1.99 -7.43 21.22
C SER A 40 2.91 -7.45 20.01
N CYS A 41 2.56 -8.19 18.95
CA CYS A 41 3.38 -8.23 17.75
C CYS A 41 2.55 -8.50 16.51
N TRP A 42 3.19 -8.25 15.38
CA TRP A 42 2.63 -8.26 14.05
C TRP A 42 2.45 -9.70 13.57
N LYS A 43 1.21 -10.15 13.32
CA LYS A 43 1.01 -11.48 12.79
C LYS A 43 1.66 -11.57 11.41
N THR A 44 2.01 -12.80 11.06
CA THR A 44 2.53 -13.13 9.74
C THR A 44 1.81 -14.38 9.20
N ASP A 45 0.74 -14.82 9.87
CA ASP A 45 -0.07 -15.98 9.51
C ASP A 45 -0.75 -15.69 8.19
N LEU A 46 -1.44 -14.55 8.12
CA LEU A 46 -2.23 -14.19 6.96
C LEU A 46 -1.40 -13.62 5.81
N VAL A 47 -0.11 -13.35 6.07
CA VAL A 47 0.79 -12.67 5.15
C VAL A 47 1.39 -13.71 4.19
N ALA A 48 1.63 -13.30 2.93
CA ALA A 48 2.26 -14.13 1.91
C ALA A 48 3.69 -14.50 2.31
N PRO A 49 4.28 -15.58 1.77
CA PRO A 49 5.61 -16.03 2.17
C PRO A 49 6.65 -14.97 1.89
N GLU A 50 6.57 -14.26 0.76
CA GLU A 50 7.57 -13.24 0.48
C GLU A 50 7.43 -12.05 1.44
N TRP A 51 6.21 -11.70 1.87
CA TRP A 51 5.98 -10.52 2.71
C TRP A 51 6.26 -10.81 4.19
N ARG A 52 6.47 -12.08 4.58
CA ARG A 52 6.92 -12.45 5.91
C ARG A 52 8.33 -13.06 5.89
N GLN A 53 8.96 -13.14 4.72
CA GLN A 53 10.17 -13.91 4.49
C GLN A 53 11.35 -13.43 5.34
N ASP A 54 11.52 -12.11 5.45
CA ASP A 54 12.64 -11.47 6.12
C ASP A 54 12.20 -10.09 6.65
N TYR A 55 10.91 -9.96 6.99
CA TYR A 55 10.19 -8.73 7.34
C TYR A 55 9.63 -8.87 8.77
N PRO A 56 10.45 -8.70 9.83
CA PRO A 56 9.99 -8.83 11.21
C PRO A 56 9.11 -7.67 11.69
N GLU A 57 9.09 -6.54 10.99
CA GLU A 57 8.12 -5.48 11.16
C GLU A 57 7.40 -5.27 9.82
N PRO A 58 6.18 -4.72 9.86
CA PRO A 58 5.47 -4.37 8.64
C PRO A 58 6.14 -3.13 8.03
N PRO A 59 5.97 -2.93 6.71
CA PRO A 59 6.72 -1.94 5.98
C PRO A 59 6.20 -0.52 6.22
N ASP A 60 6.97 0.33 6.88
CA ASP A 60 6.68 1.78 6.99
C ASP A 60 7.09 2.42 5.66
N PHE A 61 6.12 2.86 4.85
CA PHE A 61 6.39 3.45 3.54
C PHE A 61 6.77 4.93 3.64
N ILE A 62 6.63 5.55 4.82
CA ILE A 62 6.75 6.99 5.01
C ILE A 62 8.10 7.32 5.63
N ALA A 63 8.57 6.48 6.55
CA ALA A 63 9.95 6.48 7.00
C ALA A 63 10.84 5.87 5.91
N SER A 64 10.54 4.65 5.46
CA SER A 64 11.49 3.79 4.78
C SER A 64 11.04 3.47 3.34
N ARG A 65 11.89 2.83 2.52
CA ARG A 65 11.42 2.26 1.26
C ARG A 65 11.99 0.87 0.93
N PRO A 66 11.93 -0.13 1.84
CA PRO A 66 12.34 -1.50 1.52
C PRO A 66 11.24 -2.17 0.70
N ALA A 67 10.00 -2.08 1.17
CA ALA A 67 8.87 -2.72 0.52
C ALA A 67 8.62 -2.15 -0.87
N THR A 68 9.13 -0.98 -1.20
CA THR A 68 8.95 -0.36 -2.51
C THR A 68 9.49 -1.26 -3.66
N VAL A 69 10.51 -2.08 -3.41
CA VAL A 69 10.94 -3.11 -4.37
C VAL A 69 9.87 -4.20 -4.44
N LYS A 70 9.40 -4.63 -3.26
CA LYS A 70 8.50 -5.73 -3.06
C LYS A 70 7.12 -5.46 -3.68
N LEU A 71 6.63 -4.23 -3.57
CA LEU A 71 5.40 -3.77 -4.22
C LEU A 71 5.51 -4.00 -5.71
N THR A 72 6.63 -3.61 -6.31
CA THR A 72 6.79 -3.62 -7.75
C THR A 72 6.73 -5.04 -8.30
N ARG A 73 7.11 -6.06 -7.53
CA ARG A 73 6.90 -7.45 -7.92
C ARG A 73 5.42 -7.70 -8.21
N SER A 74 4.55 -7.27 -7.29
CA SER A 74 3.09 -7.35 -7.39
C SER A 74 2.49 -6.47 -8.51
N ILE A 75 3.27 -5.61 -9.18
CA ILE A 75 2.79 -4.65 -10.16
C ILE A 75 3.29 -5.13 -11.54
N PRO A 76 2.55 -6.02 -12.22
CA PRO A 76 2.78 -6.41 -13.61
C PRO A 76 2.54 -5.21 -14.54
N ALA A 77 2.95 -5.34 -15.79
CA ALA A 77 2.80 -4.34 -16.84
C ALA A 77 1.35 -3.85 -16.98
N PRO A 78 0.31 -4.72 -17.03
CA PRO A 78 -1.09 -4.31 -17.10
C PRO A 78 -1.60 -3.54 -15.87
N TYR A 79 -0.84 -3.44 -14.77
CA TYR A 79 -1.24 -2.73 -13.57
C TYR A 79 -0.38 -1.48 -13.33
N LYS A 80 0.44 -1.09 -14.30
CA LYS A 80 1.35 0.04 -14.16
C LYS A 80 0.63 1.37 -14.12
N GLN A 81 -0.30 1.61 -15.05
CA GLN A 81 -0.89 2.92 -15.27
C GLN A 81 -2.21 3.10 -14.51
N LEU A 82 -2.58 2.15 -13.63
CA LEU A 82 -3.89 2.13 -12.98
C LEU A 82 -4.21 3.44 -12.28
N LEU A 83 -3.19 4.11 -11.72
CA LEU A 83 -3.33 5.44 -11.14
C LEU A 83 -3.98 6.48 -12.08
N LYS A 84 -4.06 6.24 -13.39
CA LYS A 84 -4.74 7.10 -14.35
C LYS A 84 -5.91 6.39 -15.03
N GLU A 85 -5.80 5.09 -15.28
CA GLU A 85 -6.88 4.29 -15.85
C GLU A 85 -8.13 4.38 -14.96
N GLU A 86 -7.95 4.23 -13.65
CA GLU A 86 -9.01 3.93 -12.70
C GLU A 86 -9.35 5.18 -11.88
N LEU A 87 -8.48 6.18 -11.90
CA LEU A 87 -8.47 7.31 -10.99
C LEU A 87 -8.43 8.60 -11.79
N GLY A 88 -7.33 8.82 -12.50
CA GLY A 88 -7.05 10.05 -13.24
C GLY A 88 -5.86 10.84 -12.67
N PHE A 89 -5.06 10.24 -11.78
CA PHE A 89 -3.88 10.84 -11.16
C PHE A 89 -2.66 10.66 -12.06
N ALA A 90 -1.60 11.42 -11.81
CA ALA A 90 -0.26 11.16 -12.35
C ALA A 90 0.83 11.56 -11.35
N GLY A 91 0.68 12.70 -10.67
CA GLY A 91 1.65 13.16 -9.68
C GLY A 91 1.19 14.48 -9.07
N TYR A 92 1.91 14.92 -8.03
CA TYR A 92 1.68 16.21 -7.41
C TYR A 92 2.41 17.32 -8.17
N SER A 93 1.86 18.54 -8.15
CA SER A 93 2.58 19.76 -8.50
C SER A 93 3.76 20.02 -7.56
N ILE A 94 4.56 21.01 -7.92
CA ILE A 94 5.75 21.39 -7.14
C ILE A 94 5.32 22.00 -5.79
N ASN A 95 4.34 22.89 -5.82
CA ASN A 95 3.79 23.56 -4.65
C ASN A 95 3.05 22.61 -3.69
N GLU A 96 2.99 21.33 -4.02
CA GLU A 96 2.43 20.26 -3.22
C GLU A 96 3.35 19.04 -3.08
N LEU A 97 4.54 19.05 -3.68
CA LEU A 97 5.48 17.93 -3.64
C LEU A 97 6.17 17.93 -2.29
N VAL A 98 5.86 16.95 -1.44
CA VAL A 98 6.43 16.83 -0.11
C VAL A 98 6.81 15.37 0.17
N PRO A 99 7.72 15.11 1.12
CA PRO A 99 8.07 13.74 1.51
C PRO A 99 6.88 13.00 2.13
N ARG A 100 5.84 13.69 2.59
CA ARG A 100 4.63 13.01 3.08
C ARG A 100 3.67 12.63 1.95
N LYS A 101 3.95 12.99 0.69
CA LYS A 101 3.11 12.65 -0.45
C LYS A 101 3.84 11.67 -1.36
N THR A 102 5.07 11.99 -1.79
CA THR A 102 5.87 11.15 -2.69
C THR A 102 5.90 9.69 -2.22
N ARG A 103 6.28 9.49 -0.96
CA ARG A 103 6.37 8.18 -0.33
C ARG A 103 5.06 7.40 -0.38
N ARG A 104 3.92 8.05 -0.17
CA ARG A 104 2.62 7.38 -0.24
C ARG A 104 2.23 7.04 -1.68
N ALA A 105 2.53 7.89 -2.66
CA ALA A 105 2.01 7.75 -4.02
C ALA A 105 2.26 6.36 -4.62
N THR A 106 3.45 5.81 -4.38
CA THR A 106 3.81 4.44 -4.71
C THR A 106 2.81 3.41 -4.15
N MET A 107 2.44 3.49 -2.86
CA MET A 107 1.65 2.47 -2.21
C MET A 107 0.24 2.43 -2.80
N THR A 108 -0.31 3.57 -3.24
CA THR A 108 -1.67 3.62 -3.78
C THR A 108 -1.78 2.75 -5.03
N ASN A 109 -0.79 2.79 -5.92
CA ASN A 109 -0.87 1.98 -7.14
C ASN A 109 -0.77 0.49 -6.82
N TRP A 110 -0.04 0.10 -5.78
CA TRP A 110 0.00 -1.29 -5.36
C TRP A 110 -1.35 -1.74 -4.81
N LEU A 111 -2.06 -0.88 -4.07
CA LEU A 111 -3.32 -1.24 -3.42
C LEU A 111 -4.33 -1.57 -4.51
N LEU A 112 -4.41 -0.71 -5.52
CA LEU A 112 -5.48 -0.76 -6.51
C LEU A 112 -5.15 -1.74 -7.66
N ALA A 113 -3.88 -2.15 -7.78
CA ALA A 113 -3.44 -3.35 -8.52
C ALA A 113 -3.71 -4.65 -7.77
N TYR A 114 -3.58 -4.68 -6.43
CA TYR A 114 -3.75 -5.91 -5.67
C TYR A 114 -5.17 -6.43 -5.89
N ARG A 115 -6.17 -5.57 -5.72
CA ARG A 115 -7.56 -5.98 -5.93
C ARG A 115 -7.78 -6.61 -7.30
N ARG A 116 -7.18 -6.04 -8.36
CA ARG A 116 -7.33 -6.52 -9.72
C ARG A 116 -6.99 -8.00 -9.74
N SER A 117 -5.78 -8.34 -9.31
CA SER A 117 -5.22 -9.69 -9.39
C SER A 117 -6.15 -10.76 -8.80
N GLN A 118 -6.85 -10.41 -7.72
CA GLN A 118 -7.63 -11.34 -6.92
C GLN A 118 -8.80 -11.94 -7.71
N GLN A 119 -9.43 -11.11 -8.53
CA GLN A 119 -10.71 -11.34 -9.19
C GLN A 119 -10.66 -11.08 -10.70
N ASP A 120 -9.44 -10.94 -11.22
CA ASP A 120 -9.09 -10.67 -12.61
C ASP A 120 -9.76 -11.61 -13.59
N MET A 1 -5.55 -13.11 3.49
CA MET A 1 -6.27 -11.89 3.87
C MET A 1 -6.99 -11.35 2.63
N GLY A 2 -8.31 -11.47 2.54
CA GLY A 2 -9.08 -11.14 1.33
C GLY A 2 -9.98 -9.95 1.60
N ILE A 3 -9.37 -8.78 1.80
CA ILE A 3 -10.08 -7.54 2.09
C ILE A 3 -10.76 -7.06 0.80
N THR A 4 -11.88 -6.35 0.92
CA THR A 4 -12.46 -5.62 -0.18
C THR A 4 -11.78 -4.26 -0.25
N ILE A 5 -11.25 -3.88 -1.41
CA ILE A 5 -10.79 -2.50 -1.63
C ILE A 5 -11.96 -1.70 -2.20
N THR A 6 -11.98 -0.42 -1.90
CA THR A 6 -12.83 0.57 -2.51
C THR A 6 -11.95 1.69 -3.05
N ASP A 7 -12.16 2.11 -4.29
CA ASP A 7 -11.39 3.18 -4.94
C ASP A 7 -11.61 4.51 -4.22
N GLU A 8 -12.72 4.65 -3.51
CA GLU A 8 -13.00 5.72 -2.56
C GLU A 8 -11.88 5.79 -1.50
N LEU A 9 -11.56 4.64 -0.90
CA LEU A 9 -10.51 4.54 0.13
C LEU A 9 -9.12 4.69 -0.46
N LEU A 10 -8.97 4.66 -1.79
CA LEU A 10 -7.73 4.99 -2.46
C LEU A 10 -7.66 6.48 -2.79
N TRP A 11 -8.78 7.11 -3.18
CA TRP A 11 -8.82 8.52 -3.52
C TRP A 11 -8.36 9.38 -2.34
N ALA A 12 -8.74 9.01 -1.11
CA ALA A 12 -8.35 9.72 0.10
C ALA A 12 -6.84 9.87 0.26
N ILE A 13 -6.03 8.96 -0.30
CA ILE A 13 -4.59 9.01 -0.15
C ILE A 13 -4.05 10.17 -1.00
N LEU A 14 -4.54 10.36 -2.24
CA LEU A 14 -4.13 11.46 -3.11
C LEU A 14 -4.66 12.79 -2.58
N LYS A 15 -5.85 12.78 -2.00
CA LYS A 15 -6.38 13.92 -1.26
C LYS A 15 -5.53 14.22 -0.02
N ASP A 16 -4.61 13.34 0.38
CA ASP A 16 -3.76 13.46 1.57
C ASP A 16 -4.62 13.70 2.80
N GLU A 17 -5.81 13.10 2.84
CA GLU A 17 -6.70 13.09 3.97
C GLU A 17 -6.19 12.07 4.99
N LEU A 18 -5.72 10.91 4.51
CA LEU A 18 -5.16 9.86 5.34
C LEU A 18 -4.05 10.41 6.22
N SER A 19 -3.79 9.67 7.28
CA SER A 19 -2.74 10.04 8.23
C SER A 19 -1.49 9.21 7.98
N ASP A 20 -0.37 9.48 8.67
CA ASP A 20 0.86 8.69 8.57
C ASP A 20 0.56 7.22 8.89
N ALA A 21 0.06 6.97 10.10
CA ALA A 21 -0.26 5.65 10.58
C ALA A 21 -1.29 4.98 9.69
N GLU A 22 -2.42 5.64 9.44
CA GLU A 22 -3.51 5.02 8.69
C GLU A 22 -3.09 4.79 7.23
N ALA A 23 -2.27 5.66 6.63
CA ALA A 23 -1.80 5.47 5.27
C ALA A 23 -0.95 4.22 5.18
N ASN A 24 -0.01 4.06 6.12
CA ASN A 24 0.79 2.86 6.26
C ASN A 24 -0.16 1.66 6.43
N ALA A 25 -1.11 1.78 7.37
CA ALA A 25 -2.01 0.72 7.79
C ALA A 25 -2.84 0.18 6.63
N LEU A 26 -3.48 1.01 5.79
CA LEU A 26 -4.36 0.53 4.73
C LEU A 26 -3.61 -0.37 3.72
N VAL A 27 -2.28 -0.26 3.65
CA VAL A 27 -1.44 -1.14 2.85
C VAL A 27 -1.15 -2.41 3.67
N TRP A 28 -0.69 -2.26 4.93
CA TRP A 28 -0.34 -3.36 5.81
C TRP A 28 -1.47 -4.36 5.96
N GLN A 29 -2.71 -3.85 6.09
CA GLN A 29 -3.89 -4.71 6.21
C GLN A 29 -3.96 -5.68 5.05
N ALA A 30 -3.88 -5.17 3.81
CA ALA A 30 -4.08 -5.95 2.59
C ALA A 30 -3.04 -7.08 2.43
N LEU A 31 -1.81 -6.88 2.90
CA LEU A 31 -0.82 -7.94 2.92
C LEU A 31 -1.30 -9.08 3.80
N GLY A 32 -1.69 -8.77 5.05
CA GLY A 32 -2.16 -9.77 6.00
C GLY A 32 -1.30 -9.84 7.27
N TYR A 33 -0.52 -8.80 7.56
CA TYR A 33 0.25 -8.76 8.81
C TYR A 33 -0.65 -8.51 10.01
N VAL A 34 -1.70 -7.71 9.85
CA VAL A 34 -2.88 -7.62 10.73
C VAL A 34 -2.54 -7.66 12.23
N TRP A 35 -2.35 -6.50 12.85
CA TRP A 35 -1.94 -6.40 14.24
C TRP A 35 -2.74 -7.32 15.14
N ASP A 36 -2.03 -8.10 15.95
CA ASP A 36 -2.60 -9.13 16.81
C ASP A 36 -2.36 -8.72 18.24
N GLU A 37 -3.29 -7.94 18.77
CA GLU A 37 -3.19 -7.24 20.03
C GLU A 37 -2.90 -8.19 21.19
N ALA A 38 -3.49 -9.37 21.18
CA ALA A 38 -3.33 -10.36 22.24
C ALA A 38 -1.96 -11.04 22.16
N GLN A 39 -1.36 -11.09 20.97
CA GLN A 39 -0.01 -11.56 20.78
C GLN A 39 0.99 -10.40 20.94
N SER A 40 0.52 -9.15 20.90
CA SER A 40 1.26 -7.89 20.87
C SER A 40 2.25 -7.80 19.71
N CYS A 41 1.90 -8.42 18.57
CA CYS A 41 2.77 -8.39 17.41
C CYS A 41 1.96 -8.33 16.13
N TRP A 42 2.68 -8.01 15.07
CA TRP A 42 2.28 -8.24 13.70
C TRP A 42 2.16 -9.75 13.53
N LYS A 43 0.97 -10.28 13.27
CA LYS A 43 0.81 -11.60 12.70
C LYS A 43 1.63 -11.71 11.42
N THR A 44 1.80 -12.95 10.98
CA THR A 44 2.18 -13.23 9.61
C THR A 44 1.30 -14.34 9.01
N ASP A 45 0.27 -14.83 9.72
CA ASP A 45 -0.50 -15.99 9.31
C ASP A 45 -1.24 -15.66 8.02
N LEU A 46 -1.81 -14.45 7.93
CA LEU A 46 -2.72 -14.12 6.84
C LEU A 46 -1.97 -13.58 5.62
N VAL A 47 -0.65 -13.46 5.68
CA VAL A 47 0.22 -12.87 4.66
C VAL A 47 0.94 -13.94 3.83
N ALA A 48 1.17 -13.63 2.55
CA ALA A 48 1.83 -14.56 1.64
C ALA A 48 3.28 -14.77 2.11
N PRO A 49 3.85 -15.97 1.97
CA PRO A 49 5.12 -16.31 2.59
C PRO A 49 6.25 -15.43 2.06
N GLU A 50 6.19 -15.04 0.77
CA GLU A 50 7.23 -14.21 0.18
C GLU A 50 7.31 -12.82 0.82
N TRP A 51 6.25 -12.37 1.48
CA TRP A 51 6.26 -11.11 2.21
C TRP A 51 6.83 -11.35 3.60
N ARG A 52 6.22 -12.23 4.41
CA ARG A 52 6.69 -12.41 5.78
C ARG A 52 8.13 -12.92 5.89
N GLN A 53 8.67 -13.51 4.82
CA GLN A 53 9.85 -14.36 4.79
C GLN A 53 11.04 -13.84 5.59
N ASP A 54 11.35 -12.55 5.45
CA ASP A 54 12.51 -11.91 6.07
C ASP A 54 12.06 -10.61 6.72
N TYR A 55 10.76 -10.46 6.97
CA TYR A 55 10.07 -9.26 7.44
C TYR A 55 9.66 -9.42 8.91
N PRO A 56 10.55 -9.12 9.87
CA PRO A 56 10.19 -9.06 11.29
C PRO A 56 9.39 -7.81 11.66
N GLU A 57 9.24 -6.82 10.78
CA GLU A 57 8.55 -5.57 11.07
C GLU A 57 7.84 -5.03 9.84
N PRO A 58 6.82 -4.16 10.01
CA PRO A 58 6.07 -3.63 8.91
C PRO A 58 6.92 -2.85 7.92
N PRO A 59 6.47 -2.75 6.66
CA PRO A 59 7.09 -1.90 5.66
C PRO A 59 6.83 -0.43 6.00
N ASP A 60 7.87 0.30 6.39
CA ASP A 60 7.79 1.73 6.71
C ASP A 60 7.90 2.52 5.41
N PHE A 61 6.76 2.84 4.79
CA PHE A 61 6.75 3.56 3.52
C PHE A 61 6.82 5.09 3.72
N ILE A 62 6.43 5.61 4.90
CA ILE A 62 6.51 7.05 5.15
C ILE A 62 7.98 7.46 5.20
N ALA A 63 8.83 6.65 5.85
CA ALA A 63 10.17 7.07 6.23
C ALA A 63 11.27 6.35 5.45
N SER A 64 11.12 5.05 5.18
CA SER A 64 12.11 4.22 4.53
C SER A 64 11.71 3.97 3.07
N ARG A 65 12.49 3.21 2.30
CA ARG A 65 11.96 2.65 1.06
C ARG A 65 12.52 1.26 0.70
N PRO A 66 12.50 0.26 1.60
CA PRO A 66 12.85 -1.11 1.23
C PRO A 66 11.68 -1.75 0.47
N ALA A 67 10.49 -1.74 1.08
CA ALA A 67 9.35 -2.46 0.55
C ALA A 67 8.82 -1.88 -0.74
N THR A 68 9.16 -0.64 -1.08
CA THR A 68 8.81 0.01 -2.33
C THR A 68 9.19 -0.86 -3.54
N VAL A 69 10.33 -1.56 -3.46
CA VAL A 69 10.82 -2.46 -4.50
C VAL A 69 9.98 -3.74 -4.52
N LYS A 70 9.62 -4.24 -3.34
CA LYS A 70 8.77 -5.41 -3.13
C LYS A 70 7.39 -5.14 -3.74
N LEU A 71 6.78 -3.98 -3.46
CA LEU A 71 5.54 -3.54 -4.09
C LEU A 71 5.69 -3.55 -5.60
N THR A 72 6.79 -2.99 -6.12
CA THR A 72 7.00 -2.82 -7.55
C THR A 72 6.93 -4.17 -8.26
N ARG A 73 7.39 -5.26 -7.64
CA ARG A 73 7.31 -6.56 -8.28
C ARG A 73 5.86 -6.98 -8.54
N SER A 74 4.93 -6.60 -7.67
CA SER A 74 3.48 -6.79 -7.81
C SER A 74 2.78 -5.63 -8.53
N ILE A 75 3.49 -4.67 -9.12
CA ILE A 75 2.91 -3.69 -10.04
C ILE A 75 3.46 -4.06 -11.42
N PRO A 76 2.89 -5.07 -12.11
CA PRO A 76 3.35 -5.49 -13.44
C PRO A 76 3.14 -4.39 -14.48
N ALA A 77 3.69 -4.54 -15.68
CA ALA A 77 3.59 -3.56 -16.77
C ALA A 77 2.13 -3.19 -17.10
N PRO A 78 1.16 -4.13 -17.20
CA PRO A 78 -0.24 -3.77 -17.39
C PRO A 78 -0.84 -2.92 -16.26
N TYR A 79 -0.27 -2.94 -15.06
CA TYR A 79 -0.87 -2.39 -13.85
C TYR A 79 -0.14 -1.14 -13.34
N LYS A 80 0.74 -0.55 -14.15
CA LYS A 80 1.46 0.67 -13.80
C LYS A 80 0.48 1.80 -13.51
N GLN A 81 -0.41 2.11 -14.44
CA GLN A 81 -1.17 3.35 -14.42
C GLN A 81 -2.56 3.20 -13.81
N LEU A 82 -2.73 2.23 -12.90
CA LEU A 82 -4.04 1.92 -12.38
C LEU A 82 -4.64 3.10 -11.60
N LEU A 83 -3.77 3.89 -10.97
CA LEU A 83 -4.05 5.14 -10.26
C LEU A 83 -4.65 6.22 -11.15
N LYS A 84 -4.72 6.02 -12.46
CA LYS A 84 -5.29 6.99 -13.38
C LYS A 84 -6.52 6.38 -14.06
N GLU A 85 -6.48 5.08 -14.32
CA GLU A 85 -7.46 4.45 -15.23
C GLU A 85 -8.75 4.16 -14.48
N GLU A 86 -8.60 3.85 -13.20
CA GLU A 86 -9.73 3.60 -12.29
C GLU A 86 -10.03 4.81 -11.41
N LEU A 87 -9.10 5.76 -11.41
CA LEU A 87 -9.13 6.96 -10.60
C LEU A 87 -9.02 8.22 -11.46
N GLY A 88 -7.80 8.64 -11.79
CA GLY A 88 -7.52 9.85 -12.56
C GLY A 88 -6.47 10.74 -11.94
N PHE A 89 -5.70 10.25 -10.97
CA PHE A 89 -4.54 10.97 -10.49
C PHE A 89 -3.40 10.81 -11.48
N ALA A 90 -2.37 11.66 -11.36
CA ALA A 90 -1.20 11.64 -12.21
C ALA A 90 0.05 11.67 -11.32
N GLY A 91 0.26 12.79 -10.63
CA GLY A 91 1.31 13.01 -9.64
C GLY A 91 1.09 14.38 -9.00
N TYR A 92 1.68 14.60 -7.83
CA TYR A 92 1.61 15.90 -7.17
C TYR A 92 2.41 16.96 -7.93
N SER A 93 1.94 18.19 -7.86
CA SER A 93 2.62 19.38 -8.34
C SER A 93 3.92 19.65 -7.59
N ILE A 94 4.70 20.55 -8.17
CA ILE A 94 6.01 20.92 -7.64
C ILE A 94 5.87 21.61 -6.28
N ASN A 95 4.87 22.46 -6.15
CA ASN A 95 4.63 23.19 -4.91
C ASN A 95 4.19 22.25 -3.78
N GLU A 96 3.78 21.03 -4.08
CA GLU A 96 3.25 20.04 -3.13
C GLU A 96 4.14 18.80 -3.05
N LEU A 97 5.27 18.78 -3.76
CA LEU A 97 6.09 17.60 -3.91
C LEU A 97 6.96 17.40 -2.68
N VAL A 98 6.35 16.91 -1.60
CA VAL A 98 7.02 16.54 -0.35
C VAL A 98 7.29 15.03 -0.34
N PRO A 99 8.32 14.55 0.36
CA PRO A 99 8.59 13.12 0.48
C PRO A 99 7.49 12.38 1.25
N ARG A 100 6.59 13.09 1.94
CA ARG A 100 5.47 12.49 2.67
C ARG A 100 4.29 12.19 1.74
N LYS A 101 4.27 12.78 0.54
CA LYS A 101 3.24 12.59 -0.47
C LYS A 101 3.71 11.56 -1.50
N THR A 102 4.97 11.63 -1.94
CA THR A 102 5.47 10.81 -3.04
C THR A 102 5.30 9.31 -2.80
N ARG A 103 5.70 8.83 -1.61
CA ARG A 103 5.66 7.40 -1.31
C ARG A 103 4.23 6.93 -1.13
N ARG A 104 3.36 7.76 -0.57
CA ARG A 104 1.91 7.53 -0.52
C ARG A 104 1.34 7.30 -1.92
N ALA A 105 1.82 7.99 -2.97
CA ALA A 105 1.40 7.69 -4.33
C ALA A 105 1.81 6.25 -4.69
N THR A 106 3.07 5.87 -4.43
CA THR A 106 3.55 4.51 -4.69
C THR A 106 2.69 3.46 -3.97
N MET A 107 2.38 3.69 -2.69
CA MET A 107 1.56 2.82 -1.88
C MET A 107 0.19 2.65 -2.54
N THR A 108 -0.48 3.75 -2.89
CA THR A 108 -1.79 3.72 -3.53
C THR A 108 -1.73 2.90 -4.83
N ASN A 109 -0.66 3.07 -5.62
CA ASN A 109 -0.49 2.34 -6.89
C ASN A 109 -0.50 0.83 -6.68
N TRP A 110 0.08 0.35 -5.57
CA TRP A 110 0.09 -1.06 -5.23
C TRP A 110 -1.32 -1.54 -4.88
N LEU A 111 -2.14 -0.75 -4.16
CA LEU A 111 -3.49 -1.16 -3.77
C LEU A 111 -4.35 -1.57 -4.97
N LEU A 112 -4.27 -0.83 -6.08
CA LEU A 112 -4.94 -1.21 -7.31
C LEU A 112 -4.44 -2.57 -7.81
N ALA A 113 -3.12 -2.71 -7.95
CA ALA A 113 -2.50 -3.90 -8.54
C ALA A 113 -2.69 -5.14 -7.66
N TYR A 114 -2.84 -4.96 -6.35
CA TYR A 114 -3.32 -5.93 -5.39
C TYR A 114 -4.75 -6.33 -5.75
N ARG A 115 -5.69 -5.37 -5.82
CA ARG A 115 -7.10 -5.69 -6.01
C ARG A 115 -7.30 -6.48 -7.29
N ARG A 116 -6.72 -6.03 -8.40
CA ARG A 116 -6.75 -6.72 -9.68
C ARG A 116 -6.47 -8.20 -9.49
N SER A 117 -5.36 -8.50 -8.83
CA SER A 117 -4.88 -9.84 -8.64
C SER A 117 -5.68 -10.64 -7.59
N GLN A 118 -6.60 -10.03 -6.82
CA GLN A 118 -7.56 -10.79 -6.02
C GLN A 118 -8.60 -11.49 -6.91
N GLN A 119 -8.59 -11.25 -8.22
CA GLN A 119 -9.61 -11.69 -9.14
C GLN A 119 -9.02 -12.58 -10.23
N ASP A 120 -7.87 -13.21 -9.96
CA ASP A 120 -7.33 -14.32 -10.74
C ASP A 120 -8.24 -15.52 -10.52
N MET A 1 -7.02 -15.02 3.02
CA MET A 1 -7.11 -13.58 3.32
C MET A 1 -7.11 -12.76 2.04
N GLY A 2 -8.07 -11.85 1.91
CA GLY A 2 -8.16 -10.92 0.79
C GLY A 2 -9.18 -9.85 1.10
N ILE A 3 -8.70 -8.72 1.60
CA ILE A 3 -9.52 -7.54 1.82
C ILE A 3 -9.91 -6.98 0.45
N THR A 4 -11.08 -6.38 0.35
CA THR A 4 -11.51 -5.65 -0.84
C THR A 4 -10.89 -4.25 -0.81
N ILE A 5 -10.70 -3.61 -1.96
CA ILE A 5 -10.26 -2.23 -2.07
C ILE A 5 -11.28 -1.51 -2.94
N THR A 6 -11.48 -0.22 -2.71
CA THR A 6 -12.26 0.64 -3.58
C THR A 6 -11.48 1.90 -3.96
N ASP A 7 -11.75 2.39 -5.18
CA ASP A 7 -11.14 3.57 -5.80
C ASP A 7 -11.37 4.82 -4.96
N GLU A 8 -12.45 4.85 -4.18
CA GLU A 8 -12.76 5.97 -3.32
C GLU A 8 -11.86 5.96 -2.08
N LEU A 9 -11.70 4.78 -1.45
CA LEU A 9 -10.81 4.56 -0.31
C LEU A 9 -9.36 4.89 -0.66
N LEU A 10 -9.03 4.81 -1.95
CA LEU A 10 -7.72 5.14 -2.48
C LEU A 10 -7.54 6.66 -2.57
N TRP A 11 -8.59 7.41 -2.89
CA TRP A 11 -8.52 8.88 -3.02
C TRP A 11 -8.36 9.50 -1.63
N ALA A 12 -8.85 8.84 -0.58
CA ALA A 12 -8.64 9.24 0.80
C ALA A 12 -7.15 9.30 1.21
N ILE A 13 -6.28 8.58 0.49
CA ILE A 13 -4.83 8.58 0.68
C ILE A 13 -4.20 9.70 -0.15
N LEU A 14 -4.88 10.17 -1.20
CA LEU A 14 -4.39 11.17 -2.12
C LEU A 14 -4.73 12.59 -1.63
N LYS A 15 -5.95 12.79 -1.11
CA LYS A 15 -6.45 14.09 -0.70
C LYS A 15 -5.82 14.52 0.63
N ASP A 16 -6.44 14.11 1.74
CA ASP A 16 -6.04 14.33 3.12
C ASP A 16 -7.23 13.79 3.92
N GLU A 17 -7.37 12.47 4.02
CA GLU A 17 -8.36 11.87 4.86
C GLU A 17 -7.64 10.85 5.74
N LEU A 18 -6.93 9.89 5.14
CA LEU A 18 -6.06 8.98 5.89
C LEU A 18 -4.99 9.79 6.62
N SER A 19 -4.37 9.18 7.63
CA SER A 19 -3.19 9.70 8.30
C SER A 19 -1.96 8.92 7.85
N ASP A 20 -0.76 9.33 8.27
CA ASP A 20 0.49 8.69 7.85
C ASP A 20 0.55 7.22 8.28
N ALA A 21 0.51 6.97 9.59
CA ALA A 21 0.50 5.63 10.16
C ALA A 21 -0.68 4.81 9.63
N GLU A 22 -1.85 5.43 9.48
CA GLU A 22 -3.08 4.76 9.07
C GLU A 22 -3.00 4.35 7.59
N ALA A 23 -2.41 5.19 6.74
CA ALA A 23 -2.20 4.87 5.34
C ALA A 23 -1.19 3.72 5.20
N ASN A 24 -0.23 3.65 6.12
CA ASN A 24 0.65 2.50 6.30
C ASN A 24 -0.18 1.27 6.68
N ALA A 25 -1.07 1.41 7.67
CA ALA A 25 -1.91 0.34 8.18
C ALA A 25 -2.76 -0.29 7.07
N LEU A 26 -3.55 0.47 6.31
CA LEU A 26 -4.43 -0.09 5.29
C LEU A 26 -3.67 -0.85 4.20
N VAL A 27 -2.38 -0.55 3.98
CA VAL A 27 -1.50 -1.36 3.13
C VAL A 27 -1.14 -2.65 3.89
N TRP A 28 -0.64 -2.53 5.11
CA TRP A 28 -0.22 -3.65 5.95
C TRP A 28 -1.31 -4.70 6.09
N GLN A 29 -2.56 -4.33 6.34
CA GLN A 29 -3.64 -5.32 6.49
C GLN A 29 -3.83 -6.15 5.22
N ALA A 30 -3.79 -5.53 4.04
CA ALA A 30 -3.99 -6.21 2.75
C ALA A 30 -2.80 -7.10 2.39
N LEU A 31 -1.58 -6.72 2.79
CA LEU A 31 -0.42 -7.60 2.74
C LEU A 31 -0.69 -8.77 3.68
N GLY A 32 -0.90 -8.44 4.96
CA GLY A 32 -1.21 -9.34 6.07
C GLY A 32 -0.44 -9.00 7.35
N TYR A 33 0.40 -7.94 7.37
CA TYR A 33 1.15 -7.43 8.53
C TYR A 33 0.25 -6.61 9.49
N VAL A 34 -0.98 -7.06 9.73
CA VAL A 34 -1.88 -6.38 10.67
C VAL A 34 -1.26 -6.45 12.07
N TRP A 35 -1.41 -5.39 12.88
CA TRP A 35 -1.11 -5.44 14.29
C TRP A 35 -2.10 -6.38 14.97
N ASP A 36 -1.62 -7.47 15.55
CA ASP A 36 -2.44 -8.33 16.40
C ASP A 36 -2.48 -7.78 17.80
N GLU A 37 -3.52 -7.01 18.12
CA GLU A 37 -3.79 -6.61 19.49
C GLU A 37 -3.98 -7.84 20.40
N ALA A 38 -4.35 -9.00 19.83
CA ALA A 38 -4.56 -10.22 20.57
C ALA A 38 -3.26 -10.83 21.10
N GLN A 39 -2.11 -10.48 20.51
CA GLN A 39 -0.80 -10.99 20.90
C GLN A 39 0.19 -9.85 21.17
N SER A 40 -0.22 -8.60 20.98
CA SER A 40 0.66 -7.43 20.97
C SER A 40 1.85 -7.65 20.04
N CYS A 41 1.61 -8.22 18.86
CA CYS A 41 2.65 -8.53 17.89
C CYS A 41 2.17 -8.18 16.49
N TRP A 42 3.09 -8.05 15.54
CA TRP A 42 2.77 -7.90 14.14
C TRP A 42 2.41 -9.27 13.61
N LYS A 43 1.12 -9.53 13.40
CA LYS A 43 0.61 -10.71 12.81
C LYS A 43 1.26 -10.89 11.46
N THR A 44 1.66 -12.10 11.12
CA THR A 44 2.09 -12.40 9.76
C THR A 44 1.49 -13.72 9.27
N ASP A 45 0.46 -14.26 9.93
CA ASP A 45 -0.25 -15.45 9.42
C ASP A 45 -0.93 -15.13 8.09
N LEU A 46 -1.32 -13.88 7.89
CA LEU A 46 -2.22 -13.45 6.83
C LEU A 46 -1.48 -13.05 5.55
N VAL A 47 -0.15 -13.13 5.55
CA VAL A 47 0.74 -12.66 4.48
C VAL A 47 1.44 -13.84 3.83
N ALA A 48 1.84 -13.70 2.56
CA ALA A 48 2.60 -14.71 1.85
C ALA A 48 3.94 -14.95 2.55
N PRO A 49 4.51 -16.16 2.46
CA PRO A 49 5.76 -16.47 3.12
C PRO A 49 6.88 -15.63 2.54
N GLU A 50 6.84 -15.34 1.23
CA GLU A 50 7.84 -14.55 0.52
C GLU A 50 7.98 -13.12 1.07
N TRP A 51 6.93 -12.57 1.68
CA TRP A 51 6.95 -11.24 2.25
C TRP A 51 7.53 -11.32 3.65
N ARG A 52 6.88 -12.07 4.54
CA ARG A 52 7.23 -12.12 5.96
C ARG A 52 8.61 -12.76 6.21
N GLN A 53 9.17 -13.41 5.19
CA GLN A 53 10.32 -14.32 5.16
C GLN A 53 11.54 -13.86 5.94
N ASP A 54 11.79 -12.56 5.95
CA ASP A 54 12.95 -11.92 6.59
C ASP A 54 12.50 -10.57 7.17
N TYR A 55 11.20 -10.36 7.36
CA TYR A 55 10.56 -9.09 7.68
C TYR A 55 10.01 -9.18 9.11
N PRO A 56 10.83 -8.92 10.15
CA PRO A 56 10.40 -8.98 11.53
C PRO A 56 9.44 -7.84 11.91
N GLU A 57 9.41 -6.75 11.15
CA GLU A 57 8.55 -5.59 11.39
C GLU A 57 7.69 -5.32 10.15
N PRO A 58 6.63 -4.51 10.25
CA PRO A 58 5.86 -4.11 9.08
C PRO A 58 6.75 -3.23 8.17
N PRO A 59 6.47 -3.19 6.86
CA PRO A 59 7.28 -2.43 5.93
C PRO A 59 7.01 -0.93 6.08
N ASP A 60 8.04 -0.15 6.40
CA ASP A 60 7.94 1.29 6.53
C ASP A 60 8.21 1.93 5.18
N PHE A 61 7.19 2.50 4.53
CA PHE A 61 7.38 3.21 3.27
C PHE A 61 7.47 4.73 3.48
N ILE A 62 7.47 5.23 4.72
CA ILE A 62 7.33 6.65 5.04
C ILE A 62 8.72 7.19 5.39
N ALA A 63 9.39 6.56 6.37
CA ALA A 63 10.78 6.82 6.71
C ALA A 63 11.73 6.23 5.67
N SER A 64 11.37 5.10 5.07
CA SER A 64 12.28 4.23 4.35
C SER A 64 11.79 3.98 2.91
N ARG A 65 12.55 3.18 2.14
CA ARG A 65 11.95 2.50 0.98
C ARG A 65 12.64 1.17 0.62
N PRO A 66 12.83 0.19 1.53
CA PRO A 66 13.32 -1.12 1.13
C PRO A 66 12.18 -1.89 0.47
N ALA A 67 11.06 -2.03 1.16
CA ALA A 67 9.93 -2.82 0.74
C ALA A 67 9.32 -2.30 -0.57
N THR A 68 9.56 -1.04 -0.94
CA THR A 68 9.13 -0.47 -2.21
C THR A 68 9.52 -1.35 -3.41
N VAL A 69 10.70 -1.98 -3.40
CA VAL A 69 11.16 -2.83 -4.49
C VAL A 69 10.29 -4.09 -4.53
N LYS A 70 10.11 -4.73 -3.37
CA LYS A 70 9.27 -5.90 -3.20
C LYS A 70 7.84 -5.58 -3.65
N LEU A 71 7.37 -4.37 -3.36
CA LEU A 71 6.09 -3.84 -3.77
C LEU A 71 6.01 -3.63 -5.29
N THR A 72 7.11 -3.22 -5.95
CA THR A 72 7.13 -3.11 -7.40
C THR A 72 6.97 -4.48 -8.06
N ARG A 73 7.54 -5.53 -7.49
CA ARG A 73 7.49 -6.86 -8.10
C ARG A 73 6.06 -7.35 -8.33
N SER A 74 5.08 -6.88 -7.55
CA SER A 74 3.67 -7.21 -7.74
C SER A 74 2.89 -6.14 -8.52
N ILE A 75 3.56 -5.15 -9.12
CA ILE A 75 2.96 -4.20 -10.07
C ILE A 75 3.49 -4.63 -11.46
N PRO A 76 2.88 -5.62 -12.12
CA PRO A 76 3.26 -6.08 -13.45
C PRO A 76 2.95 -5.02 -14.52
N ALA A 77 3.38 -5.25 -15.76
CA ALA A 77 3.19 -4.33 -16.87
C ALA A 77 1.72 -3.94 -17.12
N PRO A 78 0.72 -4.84 -17.05
CA PRO A 78 -0.69 -4.48 -17.19
C PRO A 78 -1.28 -3.67 -16.01
N TYR A 79 -0.53 -3.40 -14.93
CA TYR A 79 -1.02 -2.70 -13.74
C TYR A 79 -0.19 -1.46 -13.44
N LYS A 80 0.56 -0.96 -14.42
CA LYS A 80 1.46 0.18 -14.20
C LYS A 80 0.70 1.47 -14.00
N GLN A 81 -0.14 1.87 -14.96
CA GLN A 81 -0.72 3.20 -15.00
C GLN A 81 -1.99 3.31 -14.15
N LEU A 82 -2.24 2.37 -13.23
CA LEU A 82 -3.55 2.24 -12.58
C LEU A 82 -3.98 3.50 -11.83
N LEU A 83 -3.02 4.27 -11.30
CA LEU A 83 -3.28 5.54 -10.63
C LEU A 83 -3.93 6.56 -11.56
N LYS A 84 -3.83 6.42 -12.88
CA LYS A 84 -4.56 7.24 -13.84
C LYS A 84 -5.67 6.46 -14.54
N GLU A 85 -5.46 5.19 -14.86
CA GLU A 85 -6.43 4.32 -15.54
C GLU A 85 -7.80 4.34 -14.87
N GLU A 86 -7.85 4.28 -13.54
CA GLU A 86 -9.13 4.23 -12.81
C GLU A 86 -9.53 5.59 -12.22
N LEU A 87 -8.53 6.44 -11.97
CA LEU A 87 -8.68 7.59 -11.08
C LEU A 87 -8.48 8.91 -11.81
N GLY A 88 -7.43 8.96 -12.63
CA GLY A 88 -6.95 10.19 -13.23
C GLY A 88 -6.05 10.97 -12.27
N PHE A 89 -5.15 10.30 -11.53
CA PHE A 89 -4.06 10.99 -10.84
C PHE A 89 -2.70 10.64 -11.48
N ALA A 90 -1.89 11.64 -11.80
CA ALA A 90 -0.58 11.42 -12.43
C ALA A 90 0.59 11.79 -11.52
N GLY A 91 0.49 12.84 -10.71
CA GLY A 91 1.59 13.27 -9.86
C GLY A 91 1.27 14.58 -9.15
N TYR A 92 2.10 14.93 -8.15
CA TYR A 92 1.93 16.13 -7.34
C TYR A 92 2.62 17.33 -7.97
N SER A 93 2.00 18.51 -7.83
CA SER A 93 2.59 19.79 -8.18
C SER A 93 3.85 20.05 -7.34
N ILE A 94 4.72 20.92 -7.82
CA ILE A 94 5.96 21.29 -7.12
C ILE A 94 5.68 21.87 -5.73
N ASN A 95 4.70 22.76 -5.64
CA ASN A 95 4.28 23.39 -4.40
C ASN A 95 3.70 22.37 -3.42
N GLU A 96 3.24 21.22 -3.92
CA GLU A 96 2.58 20.17 -3.16
C GLU A 96 3.54 19.02 -2.84
N LEU A 97 4.80 19.09 -3.31
CA LEU A 97 5.70 17.95 -3.36
C LEU A 97 6.36 17.71 -2.00
N VAL A 98 5.57 17.20 -1.06
CA VAL A 98 6.04 16.81 0.26
C VAL A 98 6.47 15.34 0.23
N PRO A 99 7.44 14.95 1.05
CA PRO A 99 7.85 13.56 1.13
C PRO A 99 6.71 12.68 1.66
N ARG A 100 5.75 13.25 2.41
CA ARG A 100 4.59 12.46 2.84
C ARG A 100 3.68 12.07 1.67
N LYS A 101 3.70 12.81 0.55
CA LYS A 101 2.86 12.56 -0.61
C LYS A 101 3.55 11.62 -1.57
N THR A 102 4.83 11.85 -1.89
CA THR A 102 5.60 11.03 -2.81
C THR A 102 5.54 9.56 -2.37
N ARG A 103 5.91 9.30 -1.12
CA ARG A 103 5.92 7.97 -0.53
C ARG A 103 4.55 7.32 -0.65
N ARG A 104 3.49 8.03 -0.26
CA ARG A 104 2.14 7.48 -0.28
C ARG A 104 1.72 7.03 -1.67
N ALA A 105 2.02 7.80 -2.73
CA ALA A 105 1.55 7.50 -4.09
C ALA A 105 1.96 6.10 -4.54
N THR A 106 3.19 5.70 -4.24
CA THR A 106 3.71 4.36 -4.53
C THR A 106 2.80 3.27 -3.95
N MET A 107 2.30 3.47 -2.72
CA MET A 107 1.45 2.48 -2.06
C MET A 107 0.05 2.44 -2.68
N THR A 108 -0.47 3.58 -3.12
CA THR A 108 -1.84 3.67 -3.62
C THR A 108 -1.98 2.86 -4.92
N ASN A 109 -1.00 2.96 -5.84
CA ASN A 109 -1.02 2.17 -7.07
C ASN A 109 -1.01 0.67 -6.79
N TRP A 110 -0.22 0.24 -5.81
CA TRP A 110 -0.15 -1.17 -5.42
C TRP A 110 -1.48 -1.64 -4.83
N LEU A 111 -2.22 -0.77 -4.12
CA LEU A 111 -3.43 -1.17 -3.40
C LEU A 111 -4.48 -1.45 -4.46
N LEU A 112 -4.63 -0.52 -5.40
CA LEU A 112 -5.62 -0.64 -6.45
C LEU A 112 -5.25 -1.74 -7.44
N ALA A 113 -3.96 -2.04 -7.63
CA ALA A 113 -3.54 -3.22 -8.39
C ALA A 113 -3.98 -4.49 -7.68
N TYR A 114 -3.88 -4.59 -6.36
CA TYR A 114 -4.15 -5.83 -5.65
C TYR A 114 -5.56 -6.32 -5.94
N ARG A 115 -6.60 -5.48 -5.80
CA ARG A 115 -7.96 -6.00 -6.01
C ARG A 115 -8.21 -6.40 -7.48
N ARG A 116 -7.46 -5.85 -8.45
CA ARG A 116 -7.50 -6.29 -9.85
C ARG A 116 -7.16 -7.77 -10.04
N SER A 117 -6.39 -8.34 -9.13
CA SER A 117 -6.05 -9.77 -9.13
C SER A 117 -7.19 -10.61 -8.56
N GLN A 118 -7.91 -10.12 -7.54
CA GLN A 118 -8.82 -10.99 -6.78
C GLN A 118 -10.21 -11.06 -7.41
N GLN A 119 -10.66 -9.92 -7.94
CA GLN A 119 -11.94 -9.63 -8.55
C GLN A 119 -13.04 -10.21 -7.68
N ASP A 120 -12.89 -9.92 -6.39
CA ASP A 120 -13.46 -10.73 -5.36
C ASP A 120 -14.95 -10.52 -5.29
N MET A 1 -5.03 -13.93 3.19
CA MET A 1 -5.62 -12.64 3.58
C MET A 1 -6.27 -12.02 2.34
N GLY A 2 -7.56 -11.68 2.37
CA GLY A 2 -8.30 -11.26 1.20
C GLY A 2 -9.28 -10.16 1.56
N ILE A 3 -8.78 -8.93 1.58
CA ILE A 3 -9.57 -7.73 1.86
C ILE A 3 -10.25 -7.27 0.54
N THR A 4 -11.30 -6.48 0.65
CA THR A 4 -11.93 -5.76 -0.45
C THR A 4 -11.53 -4.29 -0.32
N ILE A 5 -10.71 -3.81 -1.25
CA ILE A 5 -10.47 -2.38 -1.42
C ILE A 5 -11.71 -1.78 -2.06
N THR A 6 -11.99 -0.57 -1.60
CA THR A 6 -12.92 0.35 -2.21
C THR A 6 -12.16 1.58 -2.70
N ASP A 7 -12.47 2.00 -3.90
CA ASP A 7 -11.98 3.19 -4.57
C ASP A 7 -12.14 4.41 -3.68
N GLU A 8 -13.26 4.53 -2.96
CA GLU A 8 -13.50 5.67 -2.10
C GLU A 8 -12.53 5.69 -0.91
N LEU A 9 -12.13 4.50 -0.43
CA LEU A 9 -11.19 4.34 0.65
C LEU A 9 -9.78 4.61 0.13
N LEU A 10 -9.52 4.49 -1.17
CA LEU A 10 -8.23 4.88 -1.76
C LEU A 10 -8.10 6.39 -1.82
N TRP A 11 -9.16 7.10 -2.22
CA TRP A 11 -9.14 8.55 -2.32
C TRP A 11 -8.74 9.21 -1.01
N ALA A 12 -9.12 8.60 0.12
CA ALA A 12 -8.77 9.09 1.44
C ALA A 12 -7.26 9.26 1.67
N ILE A 13 -6.40 8.49 0.98
CA ILE A 13 -4.97 8.67 1.06
C ILE A 13 -4.60 9.98 0.35
N LEU A 14 -5.04 10.20 -0.90
CA LEU A 14 -4.61 11.33 -1.70
C LEU A 14 -5.13 12.66 -1.17
N LYS A 15 -6.40 12.73 -0.74
CA LYS A 15 -7.07 13.97 -0.38
C LYS A 15 -6.48 14.54 0.92
N ASP A 16 -6.99 14.10 2.07
CA ASP A 16 -6.47 14.20 3.44
C ASP A 16 -7.61 13.64 4.30
N GLU A 17 -7.72 12.32 4.39
CA GLU A 17 -8.55 11.66 5.36
C GLU A 17 -7.64 10.70 6.13
N LEU A 18 -6.98 9.77 5.42
CA LEU A 18 -5.97 8.97 6.09
C LEU A 18 -4.80 9.86 6.43
N SER A 19 -4.08 9.38 7.42
CA SER A 19 -2.94 10.08 7.98
C SER A 19 -1.66 9.56 7.34
N ASP A 20 -0.52 10.07 7.77
CA ASP A 20 0.79 9.46 7.53
C ASP A 20 0.74 8.02 8.04
N ALA A 21 0.70 7.83 9.35
CA ALA A 21 0.71 6.51 9.97
C ALA A 21 -0.48 5.64 9.56
N GLU A 22 -1.69 6.21 9.50
CA GLU A 22 -2.89 5.42 9.26
C GLU A 22 -2.96 4.95 7.80
N ALA A 23 -2.47 5.74 6.82
CA ALA A 23 -2.51 5.30 5.43
C ALA A 23 -1.67 4.01 5.27
N ASN A 24 -0.55 3.91 5.99
CA ASN A 24 0.36 2.76 5.98
C ASN A 24 -0.40 1.49 6.40
N ALA A 25 -1.26 1.61 7.42
CA ALA A 25 -1.97 0.49 8.02
C ALA A 25 -2.73 -0.34 6.99
N LEU A 26 -3.45 0.31 6.07
CA LEU A 26 -4.27 -0.40 5.08
C LEU A 26 -3.44 -1.29 4.16
N VAL A 27 -2.17 -0.96 3.94
CA VAL A 27 -1.25 -1.83 3.21
C VAL A 27 -0.87 -3.02 4.09
N TRP A 28 -0.54 -2.77 5.36
CA TRP A 28 -0.15 -3.78 6.32
C TRP A 28 -1.22 -4.87 6.41
N GLN A 29 -2.49 -4.47 6.61
CA GLN A 29 -3.61 -5.42 6.62
C GLN A 29 -3.73 -6.18 5.30
N ALA A 30 -3.62 -5.52 4.15
CA ALA A 30 -3.84 -6.11 2.83
C ALA A 30 -2.94 -7.33 2.62
N LEU A 31 -1.64 -7.18 2.91
CA LEU A 31 -0.72 -8.30 2.91
C LEU A 31 -1.15 -9.28 3.98
N GLY A 32 -1.22 -8.84 5.23
CA GLY A 32 -1.74 -9.65 6.32
C GLY A 32 -1.09 -9.33 7.67
N TYR A 33 -0.13 -8.39 7.74
CA TYR A 33 0.53 -7.93 8.96
C TYR A 33 -0.40 -7.05 9.83
N VAL A 34 -1.53 -7.61 10.22
CA VAL A 34 -2.44 -7.00 11.19
C VAL A 34 -1.71 -7.01 12.53
N TRP A 35 -1.86 -6.00 13.38
CA TRP A 35 -1.45 -6.14 14.77
C TRP A 35 -2.48 -7.06 15.45
N ASP A 36 -2.05 -8.21 15.98
CA ASP A 36 -2.90 -9.04 16.81
C ASP A 36 -2.62 -8.76 18.27
N GLU A 37 -3.53 -8.03 18.91
CA GLU A 37 -3.42 -7.63 20.31
C GLU A 37 -3.29 -8.84 21.23
N ALA A 38 -4.00 -9.94 20.95
CA ALA A 38 -3.99 -11.12 21.79
C ALA A 38 -2.59 -11.72 21.85
N GLN A 39 -1.94 -11.77 20.70
CA GLN A 39 -0.58 -12.26 20.57
C GLN A 39 0.42 -11.15 20.90
N SER A 40 -0.05 -9.90 20.93
CA SER A 40 0.67 -8.66 20.89
C SER A 40 1.78 -8.74 19.84
N CYS A 41 1.48 -9.18 18.61
CA CYS A 41 2.48 -9.21 17.54
C CYS A 41 1.84 -8.98 16.18
N TRP A 42 2.69 -8.62 15.22
CA TRP A 42 2.38 -8.48 13.81
C TRP A 42 2.09 -9.86 13.22
N LYS A 43 0.87 -10.09 12.75
CA LYS A 43 0.45 -11.36 12.20
C LYS A 43 1.33 -11.74 11.04
N THR A 44 1.71 -13.00 11.01
CA THR A 44 2.38 -13.61 9.89
C THR A 44 1.79 -14.99 9.67
N ASP A 45 0.47 -15.04 9.49
CA ASP A 45 -0.27 -16.22 9.07
C ASP A 45 -0.84 -15.99 7.68
N LEU A 46 -1.73 -15.00 7.55
CA LEU A 46 -2.59 -14.91 6.37
C LEU A 46 -1.90 -14.21 5.21
N VAL A 47 -0.70 -13.69 5.44
CA VAL A 47 0.20 -13.06 4.51
C VAL A 47 0.97 -14.10 3.70
N ALA A 48 1.32 -13.73 2.45
CA ALA A 48 2.05 -14.61 1.54
C ALA A 48 3.48 -14.85 2.05
N PRO A 49 4.06 -16.05 1.87
CA PRO A 49 5.41 -16.37 2.32
C PRO A 49 6.50 -15.62 1.57
N GLU A 50 6.20 -14.96 0.44
CA GLU A 50 7.15 -14.01 -0.15
C GLU A 50 7.38 -12.80 0.77
N TRP A 51 6.33 -12.37 1.51
CA TRP A 51 6.28 -11.13 2.26
C TRP A 51 6.75 -11.38 3.69
N ARG A 52 6.07 -12.26 4.43
CA ARG A 52 6.45 -12.64 5.79
C ARG A 52 7.75 -13.44 5.86
N GLN A 53 8.53 -13.52 4.78
CA GLN A 53 9.70 -14.36 4.69
C GLN A 53 10.78 -13.97 5.70
N ASP A 54 10.96 -12.67 5.92
CA ASP A 54 12.03 -12.11 6.74
C ASP A 54 11.56 -10.79 7.39
N TYR A 55 10.25 -10.54 7.43
CA TYR A 55 9.62 -9.28 7.84
C TYR A 55 9.03 -9.41 9.24
N PRO A 56 9.81 -9.22 10.32
CA PRO A 56 9.30 -9.18 11.69
C PRO A 56 8.56 -7.86 12.00
N GLU A 57 8.62 -6.85 11.12
CA GLU A 57 8.07 -5.52 11.40
C GLU A 57 7.29 -5.01 10.20
N PRO A 58 6.38 -4.03 10.38
CA PRO A 58 5.65 -3.42 9.27
C PRO A 58 6.59 -2.72 8.30
N PRO A 59 6.19 -2.58 7.03
CA PRO A 59 6.88 -1.77 6.06
C PRO A 59 6.65 -0.29 6.36
N ASP A 60 7.70 0.40 6.81
CA ASP A 60 7.69 1.85 6.97
C ASP A 60 7.89 2.46 5.58
N PHE A 61 6.79 2.77 4.91
CA PHE A 61 6.85 3.36 3.58
C PHE A 61 7.37 4.78 3.60
N ILE A 62 7.30 5.50 4.73
CA ILE A 62 7.55 6.94 4.80
C ILE A 62 9.03 7.12 5.17
N ALA A 63 9.42 6.53 6.29
CA ALA A 63 10.72 6.75 6.91
C ALA A 63 11.83 5.94 6.23
N SER A 64 11.51 5.10 5.25
CA SER A 64 12.48 4.28 4.55
C SER A 64 12.03 4.04 3.10
N ARG A 65 12.76 3.24 2.32
CA ARG A 65 12.16 2.68 1.09
C ARG A 65 12.64 1.25 0.75
N PRO A 66 12.60 0.27 1.66
CA PRO A 66 12.87 -1.14 1.35
C PRO A 66 11.65 -1.76 0.69
N ALA A 67 10.49 -1.68 1.35
CA ALA A 67 9.30 -2.41 0.93
C ALA A 67 8.76 -1.86 -0.38
N THR A 68 9.13 -0.65 -0.77
CA THR A 68 8.85 -0.07 -2.06
C THR A 68 9.24 -1.05 -3.19
N VAL A 69 10.40 -1.68 -3.12
CA VAL A 69 10.82 -2.69 -4.10
C VAL A 69 9.88 -3.89 -4.04
N LYS A 70 9.52 -4.31 -2.84
CA LYS A 70 8.68 -5.48 -2.65
C LYS A 70 7.26 -5.22 -3.17
N LEU A 71 6.76 -3.98 -3.09
CA LEU A 71 5.52 -3.59 -3.75
C LEU A 71 5.68 -3.70 -5.27
N THR A 72 6.81 -3.25 -5.82
CA THR A 72 7.05 -3.18 -7.26
C THR A 72 6.86 -4.54 -7.92
N ARG A 73 7.21 -5.61 -7.21
CA ARG A 73 7.04 -6.99 -7.62
C ARG A 73 5.63 -7.18 -8.21
N SER A 74 4.62 -6.85 -7.42
CA SER A 74 3.21 -6.99 -7.75
C SER A 74 2.68 -5.92 -8.73
N ILE A 75 3.51 -4.95 -9.15
CA ILE A 75 3.16 -3.89 -10.10
C ILE A 75 3.82 -4.21 -11.47
N PRO A 76 3.17 -5.05 -12.30
CA PRO A 76 3.61 -5.40 -13.65
C PRO A 76 3.39 -4.24 -14.63
N ALA A 77 3.76 -4.44 -15.91
CA ALA A 77 3.62 -3.45 -16.98
C ALA A 77 2.19 -2.90 -17.13
N PRO A 78 1.12 -3.72 -17.15
CA PRO A 78 -0.24 -3.21 -17.28
C PRO A 78 -0.77 -2.44 -16.07
N TYR A 79 -0.06 -2.43 -14.94
CA TYR A 79 -0.57 -1.92 -13.66
C TYR A 79 0.27 -0.72 -13.15
N LYS A 80 1.15 -0.16 -13.99
CA LYS A 80 2.14 0.83 -13.58
C LYS A 80 1.54 2.12 -13.02
N GLN A 81 0.44 2.61 -13.57
CA GLN A 81 -0.13 3.89 -13.19
C GLN A 81 -1.63 3.79 -12.87
N LEU A 82 -2.05 2.72 -12.20
CA LEU A 82 -3.45 2.50 -11.84
C LEU A 82 -4.03 3.64 -11.00
N LEU A 83 -3.18 4.39 -10.28
CA LEU A 83 -3.60 5.60 -9.56
C LEU A 83 -4.26 6.63 -10.50
N LYS A 84 -3.87 6.65 -11.77
CA LYS A 84 -4.41 7.58 -12.77
C LYS A 84 -5.28 6.85 -13.79
N GLU A 85 -4.94 5.61 -14.16
CA GLU A 85 -5.75 4.82 -15.09
C GLU A 85 -7.17 4.67 -14.56
N GLU A 86 -7.28 4.24 -13.30
CA GLU A 86 -8.54 3.86 -12.70
C GLU A 86 -9.19 5.10 -12.10
N LEU A 87 -8.57 5.63 -11.03
CA LEU A 87 -9.13 6.70 -10.22
C LEU A 87 -9.02 8.04 -10.93
N GLY A 88 -7.95 8.26 -11.70
CA GLY A 88 -7.70 9.54 -12.35
C GLY A 88 -7.03 10.57 -11.46
N PHE A 89 -6.30 10.16 -10.41
CA PHE A 89 -5.48 11.08 -9.63
C PHE A 89 -4.24 11.46 -10.44
N ALA A 90 -4.14 12.72 -10.85
CA ALA A 90 -2.87 13.37 -11.17
C ALA A 90 -2.94 14.80 -10.68
N GLY A 91 -2.34 15.10 -9.53
CA GLY A 91 -2.36 16.47 -9.02
C GLY A 91 -1.10 16.92 -8.30
N TYR A 92 -0.23 15.99 -7.94
CA TYR A 92 1.12 16.32 -7.48
C TYR A 92 1.94 16.81 -8.67
N SER A 93 1.93 18.13 -8.87
CA SER A 93 2.76 18.87 -9.81
C SER A 93 4.24 18.65 -9.49
N ILE A 94 5.11 19.02 -10.43
CA ILE A 94 6.54 18.98 -10.20
C ILE A 94 6.95 19.82 -8.98
N ASN A 95 6.34 20.99 -8.83
CA ASN A 95 6.65 21.91 -7.73
C ASN A 95 6.31 21.28 -6.38
N GLU A 96 5.40 20.32 -6.40
CA GLU A 96 4.77 19.71 -5.24
C GLU A 96 5.42 18.39 -4.89
N LEU A 97 6.32 17.84 -5.71
CA LEU A 97 6.67 16.43 -5.67
C LEU A 97 7.65 16.11 -4.53
N VAL A 98 7.15 16.12 -3.29
CA VAL A 98 7.95 16.02 -2.07
C VAL A 98 7.93 14.59 -1.50
N PRO A 99 8.98 14.18 -0.77
CA PRO A 99 9.02 12.89 -0.11
C PRO A 99 8.00 12.76 1.03
N ARG A 100 7.38 13.85 1.51
CA ARG A 100 6.23 13.71 2.42
C ARG A 100 4.91 13.41 1.71
N LYS A 101 4.87 13.30 0.38
CA LYS A 101 3.63 13.04 -0.34
C LYS A 101 3.75 11.90 -1.34
N THR A 102 4.91 11.72 -1.97
CA THR A 102 5.09 10.62 -2.93
C THR A 102 4.88 9.27 -2.29
N ARG A 103 5.36 9.11 -1.05
CA ARG A 103 5.29 7.88 -0.26
C ARG A 103 3.87 7.32 -0.27
N ARG A 104 2.90 8.13 0.15
CA ARG A 104 1.51 7.70 0.21
C ARG A 104 0.90 7.44 -1.16
N ALA A 105 1.37 8.09 -2.23
CA ALA A 105 0.93 7.76 -3.59
C ALA A 105 1.46 6.40 -4.06
N THR A 106 2.73 6.07 -3.78
CA THR A 106 3.31 4.80 -4.22
C THR A 106 2.48 3.62 -3.71
N MET A 107 2.09 3.64 -2.43
CA MET A 107 1.26 2.58 -1.86
C MET A 107 -0.14 2.55 -2.46
N THR A 108 -0.73 3.68 -2.85
CA THR A 108 -2.07 3.65 -3.44
C THR A 108 -2.01 2.88 -4.75
N ASN A 109 -1.00 3.12 -5.60
CA ASN A 109 -0.86 2.35 -6.84
C ASN A 109 -0.70 0.85 -6.58
N TRP A 110 -0.06 0.46 -5.48
CA TRP A 110 0.01 -0.94 -5.07
C TRP A 110 -1.38 -1.44 -4.67
N LEU A 111 -2.20 -0.66 -3.96
CA LEU A 111 -3.54 -1.11 -3.53
C LEU A 111 -4.44 -1.39 -4.74
N LEU A 112 -4.34 -0.61 -5.83
CA LEU A 112 -5.03 -0.97 -7.07
C LEU A 112 -4.50 -2.29 -7.61
N ALA A 113 -3.17 -2.44 -7.73
CA ALA A 113 -2.56 -3.66 -8.24
C ALA A 113 -2.94 -4.88 -7.39
N TYR A 114 -3.16 -4.70 -6.08
CA TYR A 114 -3.64 -5.72 -5.16
C TYR A 114 -5.05 -6.13 -5.58
N ARG A 115 -6.04 -5.23 -5.57
CA ARG A 115 -7.41 -5.64 -5.90
C ARG A 115 -7.54 -6.17 -7.32
N ARG A 116 -6.70 -5.72 -8.25
CA ARG A 116 -6.59 -6.32 -9.58
C ARG A 116 -6.12 -7.75 -9.41
N SER A 117 -4.93 -7.94 -8.87
CA SER A 117 -4.27 -9.24 -8.85
C SER A 117 -5.04 -10.30 -8.07
N GLN A 118 -5.92 -9.93 -7.15
CA GLN A 118 -6.65 -10.86 -6.29
C GLN A 118 -7.67 -11.71 -7.04
N GLN A 119 -8.07 -11.33 -8.25
CA GLN A 119 -9.11 -12.02 -9.02
C GLN A 119 -8.50 -12.98 -10.05
N ASP A 120 -7.32 -13.51 -9.73
CA ASP A 120 -6.32 -14.05 -10.64
C ASP A 120 -6.89 -14.99 -11.68
N MET A 1 -4.72 -13.37 3.38
CA MET A 1 -5.73 -12.37 3.75
C MET A 1 -6.43 -11.93 2.46
N GLY A 2 -7.77 -11.95 2.37
CA GLY A 2 -8.51 -11.66 1.13
C GLY A 2 -9.57 -10.57 1.30
N ILE A 3 -9.12 -9.35 1.61
CA ILE A 3 -9.92 -8.14 1.67
C ILE A 3 -10.25 -7.69 0.24
N THR A 4 -11.23 -6.81 0.13
CA THR A 4 -11.53 -5.98 -1.04
C THR A 4 -10.69 -4.68 -0.95
N ILE A 5 -10.46 -3.99 -2.06
CA ILE A 5 -9.95 -2.63 -2.13
C ILE A 5 -10.88 -1.82 -3.01
N THR A 6 -11.47 -0.77 -2.45
CA THR A 6 -12.28 0.18 -3.16
C THR A 6 -11.40 1.32 -3.64
N ASP A 7 -11.44 1.61 -4.94
CA ASP A 7 -10.72 2.73 -5.57
C ASP A 7 -11.00 4.08 -4.89
N GLU A 8 -12.17 4.22 -4.30
CA GLU A 8 -12.60 5.44 -3.63
C GLU A 8 -11.82 5.72 -2.34
N LEU A 9 -11.47 4.67 -1.61
CA LEU A 9 -10.72 4.70 -0.39
C LEU A 9 -9.32 5.20 -0.69
N LEU A 10 -8.65 4.74 -1.75
CA LEU A 10 -7.39 5.31 -2.15
C LEU A 10 -7.44 6.79 -2.48
N TRP A 11 -8.59 7.31 -2.91
CA TRP A 11 -8.65 8.72 -3.24
C TRP A 11 -8.49 9.57 -1.98
N ALA A 12 -8.85 9.06 -0.79
CA ALA A 12 -8.63 9.77 0.46
C ALA A 12 -7.14 10.09 0.69
N ILE A 13 -6.22 9.18 0.31
CA ILE A 13 -4.79 9.46 0.39
C ILE A 13 -4.47 10.66 -0.51
N LEU A 14 -4.91 10.63 -1.76
CA LEU A 14 -4.64 11.64 -2.76
C LEU A 14 -5.27 12.99 -2.39
N LYS A 15 -6.41 13.00 -1.70
CA LYS A 15 -7.04 14.17 -1.09
C LYS A 15 -6.42 14.56 0.25
N ASP A 16 -5.32 13.90 0.66
CA ASP A 16 -4.51 14.23 1.83
C ASP A 16 -5.32 14.14 3.13
N GLU A 17 -6.34 13.27 3.15
CA GLU A 17 -7.16 12.98 4.29
C GLU A 17 -6.45 11.97 5.19
N LEU A 18 -6.01 10.82 4.64
CA LEU A 18 -5.35 9.76 5.44
C LEU A 18 -4.19 10.35 6.19
N SER A 19 -3.88 9.69 7.29
CA SER A 19 -2.66 9.98 8.02
C SER A 19 -1.50 9.16 7.44
N ASP A 20 -0.26 9.53 7.77
CA ASP A 20 0.93 8.70 7.55
C ASP A 20 0.73 7.36 8.25
N ALA A 21 0.53 7.38 9.57
CA ALA A 21 0.35 6.21 10.41
C ALA A 21 -0.76 5.28 9.91
N GLU A 22 -1.88 5.87 9.49
CA GLU A 22 -3.05 5.15 9.02
C GLU A 22 -2.87 4.60 7.62
N ALA A 23 -2.28 5.36 6.69
CA ALA A 23 -2.16 4.90 5.33
C ALA A 23 -1.10 3.82 5.22
N ASN A 24 -0.15 3.81 6.17
CA ASN A 24 0.74 2.67 6.39
C ASN A 24 -0.14 1.46 6.71
N ALA A 25 -1.06 1.61 7.68
CA ALA A 25 -1.98 0.54 8.05
C ALA A 25 -2.78 0.02 6.86
N LEU A 26 -3.36 0.87 5.99
CA LEU A 26 -4.11 0.36 4.83
C LEU A 26 -3.29 -0.58 3.94
N VAL A 27 -1.96 -0.43 3.87
CA VAL A 27 -1.11 -1.38 3.16
C VAL A 27 -0.95 -2.66 3.99
N TRP A 28 -0.62 -2.52 5.28
CA TRP A 28 -0.33 -3.63 6.17
C TRP A 28 -1.53 -4.56 6.31
N GLN A 29 -2.74 -4.00 6.38
CA GLN A 29 -3.97 -4.80 6.42
C GLN A 29 -4.09 -5.66 5.16
N ALA A 30 -3.87 -5.10 3.98
CA ALA A 30 -4.02 -5.81 2.72
C ALA A 30 -3.00 -6.93 2.53
N LEU A 31 -1.77 -6.77 3.03
CA LEU A 31 -0.80 -7.87 3.16
C LEU A 31 -1.40 -8.94 4.06
N GLY A 32 -1.91 -8.53 5.22
CA GLY A 32 -2.58 -9.38 6.19
C GLY A 32 -1.93 -9.33 7.56
N TYR A 33 -1.13 -8.31 7.87
CA TYR A 33 -0.25 -8.31 9.04
C TYR A 33 -1.08 -8.39 10.33
N VAL A 34 -1.93 -7.39 10.60
CA VAL A 34 -2.71 -7.17 11.80
C VAL A 34 -1.86 -7.11 13.07
N TRP A 35 -2.10 -6.09 13.89
CA TRP A 35 -1.51 -5.99 15.22
C TRP A 35 -2.25 -6.94 16.16
N ASP A 36 -1.52 -7.94 16.65
CA ASP A 36 -1.89 -8.80 17.77
C ASP A 36 -1.57 -8.04 19.05
N GLU A 37 -2.55 -7.30 19.58
CA GLU A 37 -2.39 -6.53 20.81
C GLU A 37 -2.10 -7.42 22.02
N ALA A 38 -2.54 -8.67 21.98
CA ALA A 38 -2.27 -9.67 23.01
C ALA A 38 -0.78 -10.01 23.05
N GLN A 39 -0.06 -9.82 21.95
CA GLN A 39 1.32 -10.26 21.77
C GLN A 39 2.25 -9.09 21.48
N SER A 40 1.70 -7.87 21.41
CA SER A 40 2.33 -6.62 21.03
C SER A 40 3.22 -6.76 19.79
N CYS A 41 2.71 -7.50 18.79
CA CYS A 41 3.43 -7.74 17.55
C CYS A 41 2.51 -7.86 16.36
N TRP A 42 3.12 -7.93 15.17
CA TRP A 42 2.46 -7.99 13.89
C TRP A 42 2.29 -9.45 13.52
N LYS A 43 1.08 -9.92 13.23
CA LYS A 43 0.93 -11.32 12.86
C LYS A 43 1.47 -11.55 11.46
N THR A 44 1.82 -12.79 11.17
CA THR A 44 2.28 -13.21 9.85
C THR A 44 1.57 -14.48 9.39
N ASP A 45 0.53 -14.92 10.13
CA ASP A 45 -0.29 -16.08 9.82
C ASP A 45 -1.04 -15.81 8.53
N LEU A 46 -1.73 -14.66 8.44
CA LEU A 46 -2.61 -14.41 7.31
C LEU A 46 -1.88 -13.77 6.13
N VAL A 47 -0.58 -13.55 6.25
CA VAL A 47 0.24 -12.93 5.23
C VAL A 47 0.63 -14.03 4.22
N ALA A 48 0.78 -13.65 2.95
CA ALA A 48 1.27 -14.56 1.91
C ALA A 48 2.74 -14.91 2.18
N PRO A 49 3.25 -16.06 1.72
CA PRO A 49 4.60 -16.53 2.04
C PRO A 49 5.64 -15.53 1.54
N GLU A 50 5.44 -14.94 0.36
CA GLU A 50 6.37 -13.95 -0.17
C GLU A 50 6.47 -12.71 0.73
N TRP A 51 5.44 -12.35 1.50
CA TRP A 51 5.42 -11.10 2.26
C TRP A 51 5.81 -11.25 3.72
N ARG A 52 5.70 -12.43 4.33
CA ARG A 52 6.22 -12.63 5.69
C ARG A 52 7.67 -13.11 5.69
N GLN A 53 8.17 -13.48 4.52
CA GLN A 53 9.39 -14.24 4.27
C GLN A 53 10.60 -13.80 5.09
N ASP A 54 10.76 -12.49 5.29
CA ASP A 54 11.93 -11.91 5.94
C ASP A 54 11.52 -10.60 6.64
N TYR A 55 10.24 -10.50 7.04
CA TYR A 55 9.64 -9.28 7.55
C TYR A 55 9.24 -9.48 9.03
N PRO A 56 10.16 -9.26 9.97
CA PRO A 56 9.83 -9.29 11.39
C PRO A 56 9.01 -8.06 11.85
N GLU A 57 8.96 -7.01 11.02
CA GLU A 57 8.30 -5.73 11.29
C GLU A 57 7.56 -5.27 10.04
N PRO A 58 6.57 -4.37 10.16
CA PRO A 58 5.80 -3.96 9.02
C PRO A 58 6.61 -2.96 8.20
N PRO A 59 6.35 -2.84 6.90
CA PRO A 59 7.10 -1.95 6.05
C PRO A 59 6.65 -0.50 6.23
N ASP A 60 7.48 0.33 6.87
CA ASP A 60 7.29 1.78 6.82
C ASP A 60 7.68 2.26 5.42
N PHE A 61 6.71 2.74 4.64
CA PHE A 61 6.96 3.33 3.32
C PHE A 61 7.05 4.86 3.39
N ILE A 62 6.86 5.47 4.56
CA ILE A 62 6.93 6.91 4.76
C ILE A 62 8.43 7.27 4.76
N ALA A 63 9.20 6.69 5.70
CA ALA A 63 10.64 6.87 5.77
C ALA A 63 11.38 5.93 4.83
N SER A 64 11.21 4.63 5.06
CA SER A 64 12.05 3.59 4.49
C SER A 64 11.64 3.31 3.04
N ARG A 65 12.50 2.62 2.28
CA ARG A 65 12.12 2.05 1.00
C ARG A 65 12.75 0.69 0.71
N PRO A 66 12.65 -0.30 1.61
CA PRO A 66 13.05 -1.67 1.28
C PRO A 66 11.91 -2.34 0.51
N ALA A 67 10.71 -2.33 1.09
CA ALA A 67 9.51 -2.95 0.58
C ALA A 67 9.00 -2.29 -0.69
N THR A 68 9.50 -1.12 -1.07
CA THR A 68 9.22 -0.49 -2.35
C THR A 68 9.59 -1.43 -3.52
N VAL A 69 10.69 -2.19 -3.39
CA VAL A 69 11.02 -3.26 -4.32
C VAL A 69 9.91 -4.31 -4.30
N LYS A 70 9.50 -4.72 -3.09
CA LYS A 70 8.60 -5.85 -2.92
C LYS A 70 7.20 -5.55 -3.44
N LEU A 71 6.72 -4.31 -3.35
CA LEU A 71 5.48 -3.87 -4.00
C LEU A 71 5.56 -4.15 -5.50
N THR A 72 6.68 -3.79 -6.13
CA THR A 72 6.84 -3.81 -7.57
C THR A 72 6.63 -5.23 -8.12
N ARG A 73 7.00 -6.25 -7.34
CA ARG A 73 6.78 -7.65 -7.70
C ARG A 73 5.32 -7.97 -8.02
N SER A 74 4.38 -7.28 -7.38
CA SER A 74 2.94 -7.43 -7.53
C SER A 74 2.37 -6.35 -8.46
N ILE A 75 3.20 -5.49 -9.05
CA ILE A 75 2.80 -4.53 -10.06
C ILE A 75 3.41 -5.03 -11.39
N PRO A 76 2.75 -5.99 -12.07
CA PRO A 76 3.09 -6.41 -13.42
C PRO A 76 2.84 -5.27 -14.43
N ALA A 77 3.25 -5.45 -15.69
CA ALA A 77 3.14 -4.47 -16.76
C ALA A 77 1.72 -3.92 -16.91
N PRO A 78 0.66 -4.74 -16.98
CA PRO A 78 -0.71 -4.25 -17.03
C PRO A 78 -1.05 -3.28 -15.89
N TYR A 79 -0.49 -3.48 -14.69
CA TYR A 79 -0.91 -2.74 -13.50
C TYR A 79 -0.01 -1.55 -13.19
N LYS A 80 0.90 -1.21 -14.10
CA LYS A 80 1.86 -0.14 -13.90
C LYS A 80 1.19 1.20 -13.69
N GLN A 81 0.37 1.60 -14.65
CA GLN A 81 -0.17 2.96 -14.76
C GLN A 81 -1.49 3.15 -14.01
N LEU A 82 -1.90 2.19 -13.17
CA LEU A 82 -3.19 2.21 -12.46
C LEU A 82 -3.37 3.37 -11.49
N LEU A 83 -2.47 4.35 -11.45
CA LEU A 83 -2.72 5.61 -10.80
C LEU A 83 -3.53 6.53 -11.71
N LYS A 84 -3.36 6.52 -13.03
CA LYS A 84 -4.04 7.46 -13.90
C LYS A 84 -5.14 6.78 -14.69
N GLU A 85 -4.89 5.53 -15.06
CA GLU A 85 -5.70 4.66 -15.91
C GLU A 85 -7.20 4.69 -15.58
N GLU A 86 -7.54 4.52 -14.31
CA GLU A 86 -8.90 4.22 -13.87
C GLU A 86 -9.40 5.22 -12.84
N LEU A 87 -8.53 5.60 -11.91
CA LEU A 87 -8.71 6.68 -10.95
C LEU A 87 -8.74 8.03 -11.63
N GLY A 88 -7.66 8.38 -12.36
CA GLY A 88 -7.43 9.70 -12.94
C GLY A 88 -6.35 10.54 -12.23
N PHE A 89 -5.40 9.97 -11.48
CA PHE A 89 -4.31 10.75 -10.85
C PHE A 89 -3.33 11.25 -11.91
N ALA A 90 -2.41 12.15 -11.57
CA ALA A 90 -1.26 12.50 -12.39
C ALA A 90 0.00 12.52 -11.52
N GLY A 91 0.21 13.56 -10.71
CA GLY A 91 1.35 13.66 -9.81
C GLY A 91 1.41 15.03 -9.17
N TYR A 92 1.86 15.06 -7.92
CA TYR A 92 1.76 16.20 -7.01
C TYR A 92 2.42 17.46 -7.58
N SER A 93 1.73 18.59 -7.47
CA SER A 93 2.25 19.91 -7.83
C SER A 93 3.40 20.31 -6.90
N ILE A 94 4.17 21.31 -7.33
CA ILE A 94 5.26 21.88 -6.54
C ILE A 94 4.80 22.41 -5.18
N ASN A 95 3.66 23.11 -5.18
CA ASN A 95 3.10 23.67 -3.96
C ASN A 95 2.68 22.59 -2.97
N GLU A 96 2.63 21.32 -3.38
CA GLU A 96 2.23 20.16 -2.58
C GLU A 96 3.38 19.19 -2.40
N LEU A 97 4.56 19.44 -2.97
CA LEU A 97 5.60 18.45 -3.09
C LEU A 97 6.28 18.23 -1.74
N VAL A 98 5.81 17.24 -1.00
CA VAL A 98 6.37 16.79 0.27
C VAL A 98 6.71 15.30 0.15
N PRO A 99 7.67 14.81 0.96
CA PRO A 99 7.94 13.38 1.03
C PRO A 99 6.70 12.62 1.48
N ARG A 100 5.88 13.18 2.39
CA ARG A 100 4.68 12.48 2.88
C ARG A 100 3.53 12.46 1.87
N LYS A 101 3.75 12.91 0.63
CA LYS A 101 2.81 12.78 -0.47
C LYS A 101 3.43 11.91 -1.55
N THR A 102 4.64 12.23 -2.01
CA THR A 102 5.30 11.47 -3.08
C THR A 102 5.32 9.97 -2.77
N ARG A 103 5.77 9.62 -1.57
CA ARG A 103 5.94 8.22 -1.18
C ARG A 103 4.61 7.51 -0.94
N ARG A 104 3.50 8.24 -0.76
CA ARG A 104 2.17 7.64 -0.69
C ARG A 104 1.73 7.12 -2.04
N ALA A 105 2.01 7.83 -3.14
CA ALA A 105 1.63 7.39 -4.48
C ALA A 105 2.13 5.96 -4.76
N THR A 106 3.34 5.64 -4.30
CA THR A 106 3.93 4.31 -4.35
C THR A 106 2.97 3.23 -3.82
N MET A 107 2.46 3.44 -2.61
CA MET A 107 1.57 2.53 -1.92
C MET A 107 0.21 2.50 -2.63
N THR A 108 -0.30 3.66 -3.05
CA THR A 108 -1.61 3.76 -3.70
C THR A 108 -1.66 2.87 -4.94
N ASN A 109 -0.64 2.93 -5.80
CA ASN A 109 -0.63 2.17 -7.04
C ASN A 109 -0.55 0.66 -6.79
N TRP A 110 0.09 0.24 -5.69
CA TRP A 110 0.10 -1.16 -5.29
C TRP A 110 -1.28 -1.58 -4.77
N LEU A 111 -1.95 -0.74 -4.00
CA LEU A 111 -3.23 -1.06 -3.37
C LEU A 111 -4.26 -1.30 -4.48
N LEU A 112 -4.34 -0.38 -5.43
CA LEU A 112 -5.45 -0.35 -6.38
C LEU A 112 -5.24 -1.39 -7.51
N ALA A 113 -4.00 -1.83 -7.76
CA ALA A 113 -3.68 -3.02 -8.57
C ALA A 113 -4.04 -4.30 -7.84
N TYR A 114 -3.97 -4.33 -6.52
CA TYR A 114 -4.11 -5.57 -5.79
C TYR A 114 -5.47 -6.18 -6.00
N ARG A 115 -6.57 -5.40 -5.89
CA ARG A 115 -7.89 -6.02 -6.10
C ARG A 115 -8.03 -6.56 -7.52
N ARG A 116 -7.45 -5.89 -8.53
CA ARG A 116 -7.46 -6.34 -9.92
C ARG A 116 -6.92 -7.77 -9.99
N SER A 117 -5.88 -8.06 -9.21
CA SER A 117 -5.25 -9.38 -9.14
C SER A 117 -6.21 -10.45 -8.60
N GLN A 118 -7.11 -10.13 -7.66
CA GLN A 118 -8.13 -11.07 -7.17
C GLN A 118 -9.24 -11.30 -8.22
N GLN A 119 -9.29 -10.53 -9.32
CA GLN A 119 -10.25 -10.63 -10.41
C GLN A 119 -9.52 -11.03 -11.71
N ASP A 120 -8.34 -11.62 -11.57
CA ASP A 120 -7.59 -12.24 -12.68
C ASP A 120 -8.38 -13.41 -13.25
N MET A 1 -6.87 -13.85 2.90
CA MET A 1 -7.93 -12.87 3.19
C MET A 1 -8.20 -12.05 1.92
N GLY A 2 -8.99 -10.97 1.98
CA GLY A 2 -9.10 -10.06 0.85
C GLY A 2 -10.07 -8.92 1.10
N ILE A 3 -9.52 -7.76 1.44
CA ILE A 3 -10.26 -6.50 1.51
C ILE A 3 -10.58 -6.03 0.08
N THR A 4 -11.71 -5.34 -0.05
CA THR A 4 -12.13 -4.59 -1.23
C THR A 4 -11.40 -3.24 -1.19
N ILE A 5 -11.08 -2.64 -2.33
CA ILE A 5 -10.48 -1.31 -2.38
C ILE A 5 -11.34 -0.41 -3.24
N THR A 6 -12.00 0.54 -2.58
CA THR A 6 -12.79 1.58 -3.20
C THR A 6 -11.90 2.75 -3.61
N ASP A 7 -12.22 3.34 -4.77
CA ASP A 7 -11.76 4.64 -5.26
C ASP A 7 -11.83 5.70 -4.18
N GLU A 8 -12.92 5.72 -3.39
CA GLU A 8 -13.12 6.69 -2.32
C GLU A 8 -11.91 6.70 -1.37
N LEU A 9 -11.44 5.51 -1.01
CA LEU A 9 -10.46 5.23 0.04
C LEU A 9 -9.06 5.50 -0.49
N LEU A 10 -8.86 5.21 -1.76
CA LEU A 10 -7.65 5.53 -2.49
C LEU A 10 -7.53 7.06 -2.57
N TRP A 11 -8.59 7.76 -2.97
CA TRP A 11 -8.58 9.21 -3.20
C TRP A 11 -8.40 9.95 -1.88
N ALA A 12 -8.91 9.41 -0.78
CA ALA A 12 -8.69 9.92 0.56
C ALA A 12 -7.20 10.11 0.82
N ILE A 13 -6.39 9.08 0.54
CA ILE A 13 -4.94 9.12 0.69
C ILE A 13 -4.35 10.13 -0.31
N LEU A 14 -4.82 10.10 -1.56
CA LEU A 14 -4.28 10.95 -2.62
C LEU A 14 -4.44 12.42 -2.25
N LYS A 15 -5.57 12.82 -1.67
CA LYS A 15 -5.71 14.16 -1.12
C LYS A 15 -4.82 14.26 0.11
N ASP A 16 -5.30 13.88 1.30
CA ASP A 16 -4.54 14.10 2.55
C ASP A 16 -5.21 13.52 3.80
N GLU A 17 -6.31 12.78 3.67
CA GLU A 17 -7.19 12.37 4.74
C GLU A 17 -6.53 11.39 5.71
N LEU A 18 -5.77 10.45 5.15
CA LEU A 18 -4.92 9.56 5.91
C LEU A 18 -3.71 10.36 6.41
N SER A 19 -2.93 9.74 7.29
CA SER A 19 -1.67 10.27 7.77
C SER A 19 -0.51 9.39 7.28
N ASP A 20 0.72 9.64 7.71
CA ASP A 20 1.87 8.86 7.23
C ASP A 20 1.74 7.44 7.77
N ALA A 21 1.70 7.31 9.10
CA ALA A 21 1.55 6.03 9.78
C ALA A 21 0.24 5.34 9.41
N GLU A 22 -0.86 6.09 9.36
CA GLU A 22 -2.18 5.54 9.09
C GLU A 22 -2.22 4.99 7.66
N ALA A 23 -1.59 5.68 6.71
CA ALA A 23 -1.59 5.21 5.33
C ALA A 23 -0.62 4.05 5.13
N ASN A 24 0.35 3.85 6.03
CA ASN A 24 1.08 2.58 6.09
C ASN A 24 0.09 1.49 6.48
N ALA A 25 -0.72 1.70 7.54
CA ALA A 25 -1.60 0.69 8.10
C ALA A 25 -2.47 0.03 7.04
N LEU A 26 -3.14 0.80 6.18
CA LEU A 26 -4.00 0.24 5.14
C LEU A 26 -3.24 -0.70 4.20
N VAL A 27 -1.95 -0.45 3.93
CA VAL A 27 -1.14 -1.39 3.15
C VAL A 27 -0.96 -2.67 3.98
N TRP A 28 -0.56 -2.52 5.25
CA TRP A 28 -0.25 -3.65 6.14
C TRP A 28 -1.44 -4.60 6.29
N GLN A 29 -2.65 -4.07 6.52
CA GLN A 29 -3.84 -4.91 6.69
C GLN A 29 -4.09 -5.78 5.44
N ALA A 30 -3.84 -5.25 4.25
CA ALA A 30 -4.04 -5.96 3.00
C ALA A 30 -2.98 -7.03 2.75
N LEU A 31 -1.71 -6.80 3.12
CA LEU A 31 -0.72 -7.88 3.06
C LEU A 31 -1.11 -8.98 4.03
N GLY A 32 -1.67 -8.60 5.18
CA GLY A 32 -2.25 -9.50 6.15
C GLY A 32 -1.66 -9.34 7.53
N TYR A 33 -0.88 -8.28 7.81
CA TYR A 33 -0.09 -8.22 9.03
C TYR A 33 -0.95 -8.30 10.29
N VAL A 34 -1.96 -7.44 10.44
CA VAL A 34 -2.82 -7.26 11.61
C VAL A 34 -2.04 -7.23 12.94
N TRP A 35 -1.98 -6.06 13.57
CA TRP A 35 -1.38 -5.94 14.91
C TRP A 35 -2.09 -6.89 15.86
N ASP A 36 -1.28 -7.52 16.71
CA ASP A 36 -1.67 -8.55 17.65
C ASP A 36 -1.40 -8.01 19.04
N GLU A 37 -2.27 -7.12 19.50
CA GLU A 37 -2.18 -6.52 20.84
C GLU A 37 -2.08 -7.62 21.91
N ALA A 38 -2.75 -8.74 21.68
CA ALA A 38 -2.83 -9.88 22.58
C ALA A 38 -1.58 -10.77 22.55
N GLN A 39 -0.62 -10.48 21.68
CA GLN A 39 0.70 -11.11 21.65
C GLN A 39 1.83 -10.05 21.64
N SER A 40 1.48 -8.76 21.64
CA SER A 40 2.30 -7.57 21.43
C SER A 40 3.29 -7.70 20.26
N CYS A 41 2.84 -8.29 19.16
CA CYS A 41 3.59 -8.40 17.93
C CYS A 41 2.67 -8.14 16.75
N TRP A 42 3.23 -8.07 15.55
CA TRP A 42 2.44 -8.19 14.33
C TRP A 42 2.12 -9.67 14.13
N LYS A 43 0.95 -10.02 13.58
CA LYS A 43 0.78 -11.38 13.10
C LYS A 43 1.51 -11.51 11.78
N THR A 44 1.80 -12.75 11.43
CA THR A 44 2.30 -13.10 10.10
C THR A 44 1.58 -14.35 9.59
N ASP A 45 0.50 -14.78 10.26
CA ASP A 45 -0.32 -15.93 9.88
C ASP A 45 -0.97 -15.65 8.53
N LEU A 46 -1.61 -14.49 8.40
CA LEU A 46 -2.34 -14.10 7.19
C LEU A 46 -1.43 -13.45 6.15
N VAL A 47 -0.16 -13.19 6.47
CA VAL A 47 0.79 -12.65 5.51
C VAL A 47 1.24 -13.80 4.61
N ALA A 48 1.48 -13.49 3.34
CA ALA A 48 1.96 -14.45 2.35
C ALA A 48 3.40 -14.90 2.67
N PRO A 49 3.83 -16.08 2.19
CA PRO A 49 5.15 -16.65 2.50
C PRO A 49 6.27 -15.71 2.07
N GLU A 50 6.17 -15.15 0.86
CA GLU A 50 7.23 -14.31 0.31
C GLU A 50 7.41 -13.00 1.09
N TRP A 51 6.42 -12.56 1.86
CA TRP A 51 6.53 -11.39 2.73
C TRP A 51 7.03 -11.81 4.10
N ARG A 52 6.32 -12.69 4.81
CA ARG A 52 6.70 -13.06 6.18
C ARG A 52 8.06 -13.74 6.30
N GLN A 53 8.62 -14.16 5.17
CA GLN A 53 9.95 -14.72 5.02
C GLN A 53 11.03 -13.96 5.78
N ASP A 54 10.95 -12.63 5.76
CA ASP A 54 12.03 -11.77 6.22
C ASP A 54 11.48 -10.57 7.00
N TYR A 55 10.17 -10.55 7.31
CA TYR A 55 9.45 -9.41 7.85
C TYR A 55 8.99 -9.74 9.28
N PRO A 56 9.83 -9.54 10.31
CA PRO A 56 9.37 -9.48 11.69
C PRO A 56 8.48 -8.28 11.94
N GLU A 57 8.68 -7.19 11.21
CA GLU A 57 7.98 -5.93 11.38
C GLU A 57 7.38 -5.48 10.06
N PRO A 58 6.39 -4.57 10.09
CA PRO A 58 5.74 -4.09 8.90
C PRO A 58 6.68 -3.14 8.13
N PRO A 59 6.37 -2.89 6.85
CA PRO A 59 7.10 -1.95 6.03
C PRO A 59 6.79 -0.50 6.41
N ASP A 60 7.76 0.18 7.00
CA ASP A 60 7.79 1.63 7.17
C ASP A 60 8.12 2.26 5.81
N PHE A 61 7.11 2.67 5.05
CA PHE A 61 7.34 3.32 3.76
C PHE A 61 7.76 4.78 3.90
N ILE A 62 7.86 5.33 5.12
CA ILE A 62 8.07 6.74 5.40
C ILE A 62 9.54 6.95 5.74
N ALA A 63 10.04 6.20 6.72
CA ALA A 63 11.43 6.24 7.14
C ALA A 63 12.36 5.45 6.21
N SER A 64 11.82 4.65 5.29
CA SER A 64 12.58 3.62 4.60
C SER A 64 12.11 3.46 3.15
N ARG A 65 12.86 2.71 2.32
CA ARG A 65 12.33 2.24 1.03
C ARG A 65 12.73 0.79 0.70
N PRO A 66 12.53 -0.20 1.59
CA PRO A 66 12.88 -1.59 1.28
C PRO A 66 11.74 -2.25 0.51
N ALA A 67 10.54 -2.18 1.08
CA ALA A 67 9.37 -2.87 0.57
C ALA A 67 8.93 -2.32 -0.77
N THR A 68 9.35 -1.11 -1.13
CA THR A 68 9.14 -0.52 -2.45
C THR A 68 9.57 -1.48 -3.57
N VAL A 69 10.69 -2.20 -3.43
CA VAL A 69 11.12 -3.21 -4.40
C VAL A 69 10.11 -4.35 -4.44
N LYS A 70 9.70 -4.82 -3.26
CA LYS A 70 8.86 -5.99 -3.06
C LYS A 70 7.41 -5.73 -3.54
N LEU A 71 6.97 -4.48 -3.44
CA LEU A 71 5.75 -3.94 -4.04
C LEU A 71 5.79 -4.08 -5.56
N THR A 72 6.90 -3.71 -6.20
CA THR A 72 7.04 -3.75 -7.65
C THR A 72 6.87 -5.19 -8.19
N ARG A 73 7.27 -6.18 -7.38
CA ARG A 73 7.04 -7.59 -7.70
C ARG A 73 5.55 -7.89 -7.90
N SER A 74 4.66 -7.15 -7.25
CA SER A 74 3.20 -7.21 -7.35
C SER A 74 2.61 -6.02 -8.13
N ILE A 75 3.42 -5.32 -8.93
CA ILE A 75 2.96 -4.33 -9.90
C ILE A 75 3.48 -4.81 -11.26
N PRO A 76 2.80 -5.77 -11.90
CA PRO A 76 3.22 -6.39 -13.15
C PRO A 76 3.09 -5.40 -14.32
N ALA A 77 3.53 -5.80 -15.52
CA ALA A 77 3.59 -4.93 -16.69
C ALA A 77 2.24 -4.29 -17.04
N PRO A 78 1.09 -4.98 -16.98
CA PRO A 78 -0.21 -4.35 -17.20
C PRO A 78 -0.64 -3.38 -16.10
N TYR A 79 -0.04 -3.36 -14.91
CA TYR A 79 -0.61 -2.64 -13.76
C TYR A 79 0.22 -1.42 -13.35
N LYS A 80 1.17 -0.99 -14.17
CA LYS A 80 2.12 0.08 -13.83
C LYS A 80 1.44 1.42 -13.56
N GLN A 81 0.32 1.72 -14.21
CA GLN A 81 -0.32 3.03 -14.17
C GLN A 81 -1.82 2.90 -13.87
N LEU A 82 -2.23 1.95 -13.02
CA LEU A 82 -3.65 1.79 -12.70
C LEU A 82 -4.22 3.02 -12.01
N LEU A 83 -3.38 3.80 -11.31
CA LEU A 83 -3.75 5.11 -10.80
C LEU A 83 -4.35 6.02 -11.87
N LYS A 84 -3.87 5.93 -13.11
CA LYS A 84 -4.34 6.79 -14.20
C LYS A 84 -5.34 6.05 -15.07
N GLU A 85 -5.12 4.77 -15.35
CA GLU A 85 -6.02 3.94 -16.17
C GLU A 85 -7.42 3.88 -15.53
N GLU A 86 -7.49 3.69 -14.22
CA GLU A 86 -8.73 3.63 -13.48
C GLU A 86 -9.18 5.06 -13.13
N LEU A 87 -8.42 5.76 -12.28
CA LEU A 87 -8.88 6.97 -11.58
C LEU A 87 -8.58 8.26 -12.32
N GLY A 88 -7.63 8.24 -13.26
CA GLY A 88 -7.15 9.45 -13.91
C GLY A 88 -6.27 10.32 -12.99
N PHE A 89 -5.52 9.77 -12.03
CA PHE A 89 -4.52 10.52 -11.27
C PHE A 89 -3.14 10.40 -11.92
N ALA A 90 -2.36 11.49 -11.96
CA ALA A 90 -0.97 11.48 -12.43
C ALA A 90 0.01 11.88 -11.33
N GLY A 91 -0.11 13.07 -10.74
CA GLY A 91 0.87 13.54 -9.78
C GLY A 91 0.39 14.73 -8.96
N TYR A 92 1.17 15.04 -7.92
CA TYR A 92 0.91 16.12 -6.98
C TYR A 92 1.39 17.46 -7.55
N SER A 93 0.67 18.53 -7.23
CA SER A 93 1.03 19.91 -7.53
C SER A 93 2.29 20.30 -6.76
N ILE A 94 3.02 21.29 -7.25
CA ILE A 94 4.24 21.81 -6.63
C ILE A 94 4.01 22.26 -5.18
N ASN A 95 2.93 22.99 -4.98
CA ASN A 95 2.52 23.57 -3.71
C ASN A 95 1.97 22.51 -2.74
N GLU A 96 1.91 21.25 -3.16
CA GLU A 96 1.65 20.08 -2.34
C GLU A 96 2.78 19.04 -2.44
N LEU A 97 3.85 19.30 -3.22
CA LEU A 97 4.90 18.33 -3.41
C LEU A 97 5.70 18.25 -2.12
N VAL A 98 5.47 17.20 -1.36
CA VAL A 98 6.20 16.88 -0.15
C VAL A 98 6.64 15.44 -0.25
N PRO A 99 7.74 15.06 0.42
CA PRO A 99 8.22 13.70 0.40
C PRO A 99 7.24 12.72 1.06
N ARG A 100 6.23 13.20 1.80
CA ARG A 100 5.20 12.34 2.40
C ARG A 100 4.13 11.99 1.36
N LYS A 101 3.79 12.91 0.47
CA LYS A 101 2.78 12.70 -0.55
C LYS A 101 3.36 11.84 -1.67
N THR A 102 4.56 12.13 -2.14
CA THR A 102 5.19 11.38 -3.24
C THR A 102 5.23 9.88 -2.94
N ARG A 103 5.76 9.49 -1.77
CA ARG A 103 5.80 8.08 -1.35
C ARG A 103 4.41 7.42 -1.38
N ARG A 104 3.33 8.15 -1.02
CA ARG A 104 1.99 7.58 -1.09
C ARG A 104 1.62 7.18 -2.50
N ALA A 105 2.05 7.90 -3.53
CA ALA A 105 1.73 7.50 -4.90
C ALA A 105 2.20 6.08 -5.21
N THR A 106 3.37 5.68 -4.69
CA THR A 106 3.88 4.32 -4.85
C THR A 106 2.90 3.32 -4.22
N MET A 107 2.54 3.50 -2.94
CA MET A 107 1.65 2.58 -2.24
C MET A 107 0.27 2.56 -2.89
N THR A 108 -0.25 3.70 -3.38
CA THR A 108 -1.57 3.73 -3.99
C THR A 108 -1.60 2.88 -5.27
N ASN A 109 -0.59 2.92 -6.14
CA ASN A 109 -0.62 2.10 -7.36
C ASN A 109 -0.64 0.60 -7.04
N TRP A 110 0.06 0.20 -5.98
CA TRP A 110 0.03 -1.19 -5.52
C TRP A 110 -1.38 -1.59 -5.12
N LEU A 111 -2.13 -0.72 -4.43
CA LEU A 111 -3.48 -1.03 -3.98
C LEU A 111 -4.38 -1.34 -5.18
N LEU A 112 -4.30 -0.59 -6.28
CA LEU A 112 -5.03 -0.93 -7.50
C LEU A 112 -4.57 -2.30 -8.02
N ALA A 113 -3.27 -2.52 -8.19
CA ALA A 113 -2.75 -3.78 -8.72
C ALA A 113 -3.28 -4.96 -7.90
N TYR A 114 -3.21 -4.85 -6.57
CA TYR A 114 -3.73 -5.81 -5.62
C TYR A 114 -5.23 -6.04 -5.84
N ARG A 115 -6.07 -5.00 -5.79
CA ARG A 115 -7.50 -5.21 -5.90
C ARG A 115 -7.90 -5.82 -7.23
N ARG A 116 -7.32 -5.39 -8.35
CA ARG A 116 -7.58 -5.91 -9.67
C ARG A 116 -7.25 -7.40 -9.67
N SER A 117 -6.10 -7.79 -9.11
CA SER A 117 -5.69 -9.18 -8.99
C SER A 117 -6.66 -10.09 -8.19
N GLN A 118 -7.68 -9.54 -7.53
CA GLN A 118 -8.75 -10.36 -6.95
C GLN A 118 -9.72 -10.81 -8.05
N GLN A 119 -9.91 -9.95 -9.04
CA GLN A 119 -10.57 -10.19 -10.33
C GLN A 119 -9.50 -10.69 -11.30
N ASP A 120 -8.74 -11.71 -10.88
CA ASP A 120 -7.81 -12.40 -11.77
C ASP A 120 -8.63 -13.11 -12.83
N MET A 1 -6.38 -14.57 3.41
CA MET A 1 -6.66 -13.16 3.72
C MET A 1 -6.63 -12.34 2.43
N GLY A 2 -7.80 -11.94 1.93
CA GLY A 2 -7.89 -11.17 0.72
C GLY A 2 -9.00 -10.16 0.84
N ILE A 3 -8.63 -9.00 1.36
CA ILE A 3 -9.50 -7.83 1.46
C ILE A 3 -9.79 -7.37 0.02
N THR A 4 -10.96 -6.76 -0.16
CA THR A 4 -11.35 -6.01 -1.34
C THR A 4 -11.09 -4.53 -1.07
N ILE A 5 -10.30 -3.89 -1.93
CA ILE A 5 -10.15 -2.44 -1.94
C ILE A 5 -11.37 -1.79 -2.58
N THR A 6 -11.68 -0.57 -2.15
CA THR A 6 -12.57 0.34 -2.84
C THR A 6 -11.78 1.56 -3.33
N ASP A 7 -12.08 2.01 -4.55
CA ASP A 7 -11.57 3.21 -5.18
C ASP A 7 -12.11 4.45 -4.45
N GLU A 8 -13.23 4.33 -3.74
CA GLU A 8 -13.70 5.40 -2.87
C GLU A 8 -12.72 5.63 -1.70
N LEU A 9 -12.16 4.56 -1.14
CA LEU A 9 -11.42 4.59 0.06
C LEU A 9 -9.97 4.88 -0.27
N LEU A 10 -9.44 4.43 -1.43
CA LEU A 10 -8.06 4.75 -1.72
C LEU A 10 -7.91 6.23 -2.06
N TRP A 11 -8.97 6.88 -2.54
CA TRP A 11 -9.02 8.34 -2.69
C TRP A 11 -8.71 9.05 -1.37
N ALA A 12 -9.15 8.52 -0.24
CA ALA A 12 -8.96 9.14 1.06
C ALA A 12 -7.48 9.30 1.45
N ILE A 13 -6.56 8.52 0.86
CA ILE A 13 -5.13 8.74 1.02
C ILE A 13 -4.76 10.01 0.26
N LEU A 14 -5.11 10.11 -1.04
CA LEU A 14 -4.78 11.26 -1.86
C LEU A 14 -5.38 12.55 -1.30
N LYS A 15 -6.68 12.53 -0.91
CA LYS A 15 -7.46 13.72 -0.60
C LYS A 15 -6.85 14.49 0.58
N ASP A 16 -7.22 14.11 1.80
CA ASP A 16 -6.58 14.35 3.08
C ASP A 16 -7.60 13.80 4.09
N GLU A 17 -7.67 12.48 4.26
CA GLU A 17 -8.51 11.85 5.25
C GLU A 17 -7.73 10.75 5.96
N LEU A 18 -7.09 9.83 5.21
CA LEU A 18 -6.17 8.92 5.85
C LEU A 18 -4.89 9.66 6.16
N SER A 19 -4.15 9.06 7.06
CA SER A 19 -3.13 9.77 7.80
C SER A 19 -1.74 9.26 7.41
N ASP A 20 -0.75 9.41 8.29
CA ASP A 20 0.55 8.78 8.15
C ASP A 20 0.40 7.27 8.33
N ALA A 21 0.41 6.80 9.58
CA ALA A 21 0.30 5.40 9.94
C ALA A 21 -1.05 4.82 9.52
N GLU A 22 -2.12 5.62 9.57
CA GLU A 22 -3.46 5.14 9.26
C GLU A 22 -3.53 4.70 7.80
N ALA A 23 -2.95 5.50 6.89
CA ALA A 23 -2.93 5.14 5.48
C ALA A 23 -2.10 3.85 5.29
N ASN A 24 -0.99 3.79 6.03
CA ASN A 24 0.00 2.71 6.01
C ASN A 24 -0.67 1.40 6.41
N ALA A 25 -1.51 1.43 7.45
CA ALA A 25 -2.23 0.28 7.96
C ALA A 25 -3.01 -0.42 6.87
N LEU A 26 -3.68 0.32 5.95
CA LEU A 26 -4.45 -0.31 4.88
C LEU A 26 -3.59 -1.18 3.97
N VAL A 27 -2.30 -0.87 3.80
CA VAL A 27 -1.38 -1.75 3.10
C VAL A 27 -1.16 -3.01 3.95
N TRP A 28 -0.81 -2.83 5.22
CA TRP A 28 -0.42 -3.89 6.14
C TRP A 28 -1.52 -4.92 6.33
N GLN A 29 -2.77 -4.47 6.49
CA GLN A 29 -3.92 -5.36 6.61
C GLN A 29 -4.19 -6.13 5.32
N ALA A 30 -4.08 -5.47 4.16
CA ALA A 30 -4.24 -6.09 2.85
C ALA A 30 -3.21 -7.18 2.59
N LEU A 31 -1.99 -7.03 3.10
CA LEU A 31 -1.00 -8.10 3.14
C LEU A 31 -1.51 -9.20 4.07
N GLY A 32 -1.82 -8.84 5.32
CA GLY A 32 -2.38 -9.72 6.33
C GLY A 32 -1.63 -9.67 7.65
N TYR A 33 -0.99 -8.55 8.00
CA TYR A 33 -0.13 -8.47 9.18
C TYR A 33 -0.92 -8.54 10.48
N VAL A 34 -2.07 -7.85 10.61
CA VAL A 34 -3.01 -7.91 11.74
C VAL A 34 -2.34 -7.91 13.12
N TRP A 35 -2.23 -6.72 13.71
CA TRP A 35 -1.81 -6.52 15.09
C TRP A 35 -2.59 -7.44 16.03
N ASP A 36 -1.87 -8.26 16.75
CA ASP A 36 -2.41 -9.27 17.64
C ASP A 36 -2.25 -8.72 19.04
N GLU A 37 -3.21 -7.91 19.46
CA GLU A 37 -3.08 -7.03 20.59
C GLU A 37 -2.79 -7.79 21.89
N ALA A 38 -3.32 -9.00 22.00
CA ALA A 38 -3.14 -9.87 23.15
C ALA A 38 -1.72 -10.45 23.21
N GLN A 39 -1.05 -10.61 22.07
CA GLN A 39 0.34 -11.05 22.03
C GLN A 39 1.29 -9.86 21.88
N SER A 40 0.72 -8.67 21.68
CA SER A 40 1.37 -7.39 21.45
C SER A 40 2.48 -7.52 20.41
N CYS A 41 2.19 -8.26 19.33
CA CYS A 41 3.01 -8.25 18.12
C CYS A 41 2.12 -8.38 16.89
N TRP A 42 2.69 -8.07 15.73
CA TRP A 42 2.11 -8.35 14.43
C TRP A 42 2.01 -9.87 14.25
N LYS A 43 1.15 -10.31 13.33
CA LYS A 43 1.17 -11.67 12.84
C LYS A 43 1.86 -11.68 11.51
N THR A 44 2.38 -12.85 11.19
CA THR A 44 2.88 -13.16 9.87
C THR A 44 2.20 -14.43 9.36
N ASP A 45 1.19 -14.95 10.06
CA ASP A 45 0.45 -16.17 9.77
C ASP A 45 -0.18 -16.01 8.40
N LEU A 46 -0.91 -14.91 8.23
CA LEU A 46 -1.70 -14.68 7.04
C LEU A 46 -0.91 -14.00 5.92
N VAL A 47 0.30 -13.53 6.22
CA VAL A 47 1.17 -12.86 5.27
C VAL A 47 1.81 -13.95 4.39
N ALA A 48 2.09 -13.61 3.13
CA ALA A 48 2.76 -14.51 2.20
C ALA A 48 4.18 -14.84 2.69
N PRO A 49 4.81 -15.93 2.21
CA PRO A 49 6.16 -16.30 2.63
C PRO A 49 7.13 -15.17 2.33
N GLU A 50 7.10 -14.62 1.12
CA GLU A 50 7.94 -13.51 0.70
C GLU A 50 7.78 -12.28 1.59
N TRP A 51 6.57 -11.98 2.08
CA TRP A 51 6.30 -10.79 2.87
C TRP A 51 6.50 -11.03 4.37
N ARG A 52 6.77 -12.26 4.83
CA ARG A 52 7.21 -12.52 6.20
C ARG A 52 8.64 -13.03 6.28
N GLN A 53 9.31 -13.17 5.14
CA GLN A 53 10.52 -13.96 5.04
C GLN A 53 11.61 -13.47 5.99
N ASP A 54 11.71 -12.14 6.15
CA ASP A 54 12.74 -11.48 6.94
C ASP A 54 12.21 -10.14 7.47
N TYR A 55 10.88 -9.98 7.57
CA TYR A 55 10.14 -8.75 7.89
C TYR A 55 9.60 -8.80 9.34
N PRO A 56 10.42 -8.47 10.36
CA PRO A 56 9.97 -8.46 11.76
C PRO A 56 9.04 -7.30 12.10
N GLU A 57 8.82 -6.34 11.21
CA GLU A 57 7.87 -5.24 11.40
C GLU A 57 7.14 -4.89 10.10
N PRO A 58 6.03 -4.13 10.17
CA PRO A 58 5.32 -3.69 8.98
C PRO A 58 6.19 -2.85 8.04
N PRO A 59 5.87 -2.83 6.74
CA PRO A 59 6.68 -2.14 5.75
C PRO A 59 6.54 -0.62 5.90
N ASP A 60 7.64 0.06 6.26
CA ASP A 60 7.67 1.50 6.44
C ASP A 60 7.99 2.18 5.11
N PHE A 61 6.97 2.63 4.39
CA PHE A 61 7.15 3.42 3.18
C PHE A 61 7.45 4.89 3.46
N ILE A 62 7.09 5.45 4.62
CA ILE A 62 7.17 6.90 4.81
C ILE A 62 8.61 7.25 5.21
N ALA A 63 9.18 6.50 6.16
CA ALA A 63 10.50 6.76 6.72
C ALA A 63 11.63 6.03 5.99
N SER A 64 11.33 4.95 5.27
CA SER A 64 12.32 4.09 4.62
C SER A 64 11.85 3.81 3.19
N ARG A 65 12.49 2.91 2.44
CA ARG A 65 11.85 2.35 1.25
C ARG A 65 12.27 0.89 0.96
N PRO A 66 12.19 -0.05 1.90
CA PRO A 66 12.52 -1.45 1.61
C PRO A 66 11.42 -2.07 0.75
N ALA A 67 10.19 -2.00 1.26
CA ALA A 67 9.07 -2.70 0.69
C ALA A 67 8.65 -2.07 -0.62
N THR A 68 9.06 -0.86 -0.94
CA THR A 68 8.82 -0.19 -2.21
C THR A 68 9.23 -1.11 -3.38
N VAL A 69 10.41 -1.73 -3.29
CA VAL A 69 10.90 -2.73 -4.24
C VAL A 69 9.94 -3.92 -4.29
N LYS A 70 9.55 -4.39 -3.11
CA LYS A 70 8.75 -5.58 -2.92
C LYS A 70 7.36 -5.39 -3.52
N LEU A 71 6.72 -4.22 -3.34
CA LEU A 71 5.47 -3.85 -4.00
C LEU A 71 5.61 -4.03 -5.49
N THR A 72 6.69 -3.50 -6.09
CA THR A 72 6.85 -3.47 -7.54
C THR A 72 6.92 -4.88 -8.12
N ARG A 73 7.38 -5.88 -7.36
CA ARG A 73 7.31 -7.25 -7.82
C ARG A 73 5.87 -7.66 -8.19
N SER A 74 4.88 -7.16 -7.44
CA SER A 74 3.45 -7.35 -7.68
C SER A 74 2.82 -6.28 -8.59
N ILE A 75 3.55 -5.26 -9.07
CA ILE A 75 3.01 -4.20 -9.93
C ILE A 75 3.55 -4.40 -11.37
N PRO A 76 2.90 -5.23 -12.21
CA PRO A 76 3.28 -5.46 -13.60
C PRO A 76 3.02 -4.22 -14.47
N ALA A 77 3.39 -4.28 -15.76
CA ALA A 77 3.25 -3.18 -16.72
C ALA A 77 1.82 -2.65 -16.89
N PRO A 78 0.73 -3.45 -16.88
CA PRO A 78 -0.62 -2.91 -16.99
C PRO A 78 -1.04 -2.13 -15.75
N TYR A 79 -0.32 -2.22 -14.62
CA TYR A 79 -0.83 -1.76 -13.32
C TYR A 79 -0.02 -0.60 -12.73
N LYS A 80 0.94 -0.06 -13.48
CA LYS A 80 1.87 0.97 -13.03
C LYS A 80 1.15 2.25 -12.59
N GLN A 81 0.15 2.73 -13.34
CA GLN A 81 -0.46 4.04 -13.15
C GLN A 81 -1.99 3.95 -13.05
N LEU A 82 -2.53 2.88 -12.43
CA LEU A 82 -3.97 2.75 -12.22
C LEU A 82 -4.55 3.93 -11.44
N LEU A 83 -3.72 4.61 -10.64
CA LEU A 83 -4.06 5.85 -9.96
C LEU A 83 -4.63 6.91 -10.91
N LYS A 84 -4.27 6.91 -12.19
CA LYS A 84 -4.76 7.87 -13.18
C LYS A 84 -5.71 7.18 -14.15
N GLU A 85 -5.27 6.06 -14.69
CA GLU A 85 -6.04 5.25 -15.63
C GLU A 85 -7.46 4.99 -15.12
N GLU A 86 -7.59 4.55 -13.87
CA GLU A 86 -8.87 4.27 -13.24
C GLU A 86 -9.49 5.59 -12.76
N LEU A 87 -8.80 6.25 -11.82
CA LEU A 87 -9.40 7.29 -10.97
C LEU A 87 -9.31 8.69 -11.56
N GLY A 88 -8.31 8.94 -12.41
CA GLY A 88 -7.89 10.27 -12.77
C GLY A 88 -7.32 11.04 -11.57
N PHE A 89 -6.44 10.42 -10.76
CA PHE A 89 -5.49 11.19 -9.96
C PHE A 89 -4.26 11.50 -10.81
N ALA A 90 -4.15 12.77 -11.19
CA ALA A 90 -2.88 13.40 -11.50
C ALA A 90 -2.94 14.80 -10.87
N GLY A 91 -2.02 15.15 -9.97
CA GLY A 91 -2.07 16.48 -9.38
C GLY A 91 -0.83 16.93 -8.64
N TYR A 92 0.01 16.01 -8.17
CA TYR A 92 1.27 16.36 -7.53
C TYR A 92 2.22 16.94 -8.59
N SER A 93 2.26 18.26 -8.67
CA SER A 93 3.27 19.00 -9.41
C SER A 93 4.65 18.68 -8.86
N ILE A 94 5.68 19.07 -9.60
CA ILE A 94 7.08 18.84 -9.21
C ILE A 94 7.37 19.39 -7.82
N ASN A 95 6.92 20.60 -7.53
CA ASN A 95 7.16 21.23 -6.24
C ASN A 95 6.45 20.48 -5.10
N GLU A 96 5.46 19.65 -5.45
CA GLU A 96 4.58 18.90 -4.56
C GLU A 96 4.96 17.41 -4.58
N LEU A 97 6.19 17.04 -4.94
CA LEU A 97 6.65 15.68 -5.07
C LEU A 97 7.83 15.44 -4.11
N VAL A 98 7.52 15.46 -2.81
CA VAL A 98 8.47 15.23 -1.73
C VAL A 98 8.30 13.81 -1.17
N PRO A 99 9.33 13.22 -0.52
CA PRO A 99 9.16 11.95 0.18
C PRO A 99 8.05 11.98 1.23
N ARG A 100 7.64 13.14 1.78
CA ARG A 100 6.47 13.18 2.65
C ARG A 100 5.13 12.91 1.95
N LYS A 101 5.05 12.79 0.63
CA LYS A 101 3.76 12.59 -0.06
C LYS A 101 3.84 11.69 -1.27
N THR A 102 5.01 11.62 -1.91
CA THR A 102 5.25 10.59 -2.91
C THR A 102 4.99 9.22 -2.30
N ARG A 103 5.42 8.97 -1.05
CA ARG A 103 5.22 7.67 -0.41
C ARG A 103 3.73 7.32 -0.30
N ARG A 104 2.86 8.24 0.14
CA ARG A 104 1.40 8.09 0.09
C ARG A 104 0.94 7.65 -1.30
N ALA A 105 1.35 8.35 -2.35
CA ALA A 105 0.98 8.03 -3.74
C ALA A 105 1.65 6.75 -4.27
N THR A 106 2.67 6.19 -3.62
CA THR A 106 3.33 4.95 -4.02
C THR A 106 2.60 3.75 -3.40
N MET A 107 2.19 3.82 -2.13
CA MET A 107 1.41 2.73 -1.52
C MET A 107 0.06 2.59 -2.23
N THR A 108 -0.56 3.72 -2.62
CA THR A 108 -1.87 3.71 -3.27
C THR A 108 -1.82 2.95 -4.59
N ASN A 109 -0.77 3.16 -5.39
CA ASN A 109 -0.54 2.45 -6.65
C ASN A 109 -0.64 0.93 -6.46
N TRP A 110 0.02 0.37 -5.45
CA TRP A 110 -0.06 -1.05 -5.14
C TRP A 110 -1.48 -1.46 -4.74
N LEU A 111 -2.24 -0.63 -4.02
CA LEU A 111 -3.56 -1.03 -3.53
C LEU A 111 -4.49 -1.35 -4.70
N LEU A 112 -4.47 -0.50 -5.74
CA LEU A 112 -5.25 -0.75 -6.96
C LEU A 112 -4.77 -2.04 -7.61
N ALA A 113 -3.44 -2.20 -7.82
CA ALA A 113 -2.86 -3.35 -8.50
C ALA A 113 -3.21 -4.66 -7.79
N TYR A 114 -3.18 -4.65 -6.46
CA TYR A 114 -3.52 -5.79 -5.61
C TYR A 114 -4.99 -6.15 -5.73
N ARG A 115 -5.89 -5.16 -5.71
CA ARG A 115 -7.31 -5.42 -5.95
C ARG A 115 -7.52 -6.06 -7.31
N ARG A 116 -7.02 -5.39 -8.33
CA ARG A 116 -7.31 -5.59 -9.71
C ARG A 116 -6.84 -6.98 -10.14
N SER A 117 -5.63 -7.39 -9.73
CA SER A 117 -5.05 -8.67 -10.14
C SER A 117 -5.94 -9.87 -9.78
N GLN A 118 -6.78 -9.69 -8.75
CA GLN A 118 -7.68 -10.73 -8.26
C GLN A 118 -8.75 -11.15 -9.28
N GLN A 119 -9.01 -10.36 -10.32
CA GLN A 119 -10.13 -10.51 -11.24
C GLN A 119 -9.69 -10.63 -12.71
N ASP A 120 -8.38 -10.66 -12.89
CA ASP A 120 -7.61 -10.39 -14.09
C ASP A 120 -7.65 -11.55 -15.06
N MET A 1 -4.78 -11.08 3.74
CA MET A 1 -6.04 -11.69 4.21
C MET A 1 -7.25 -11.51 3.27
N GLY A 2 -7.09 -11.13 2.01
CA GLY A 2 -8.20 -10.90 1.09
C GLY A 2 -9.24 -9.91 1.64
N ILE A 3 -8.79 -8.68 1.86
CA ILE A 3 -9.68 -7.58 2.24
C ILE A 3 -10.28 -7.02 0.95
N THR A 4 -11.49 -6.45 1.07
CA THR A 4 -12.09 -5.60 0.07
C THR A 4 -11.24 -4.32 -0.07
N ILE A 5 -10.95 -3.88 -1.29
CA ILE A 5 -10.50 -2.52 -1.55
C ILE A 5 -11.59 -1.85 -2.39
N THR A 6 -11.91 -0.61 -2.02
CA THR A 6 -12.75 0.25 -2.81
C THR A 6 -11.97 1.47 -3.29
N ASP A 7 -12.26 1.86 -4.52
CA ASP A 7 -11.72 3.00 -5.25
C ASP A 7 -11.98 4.30 -4.52
N GLU A 8 -13.06 4.36 -3.74
CA GLU A 8 -13.33 5.47 -2.84
C GLU A 8 -12.24 5.56 -1.75
N LEU A 9 -11.95 4.43 -1.12
CA LEU A 9 -10.96 4.32 -0.06
C LEU A 9 -9.54 4.53 -0.59
N LEU A 10 -9.33 4.22 -1.87
CA LEU A 10 -8.11 4.52 -2.59
C LEU A 10 -7.98 6.04 -2.73
N TRP A 11 -9.03 6.72 -3.21
CA TRP A 11 -9.04 8.16 -3.38
C TRP A 11 -8.65 8.91 -2.12
N ALA A 12 -9.21 8.49 -0.98
CA ALA A 12 -9.00 9.10 0.32
C ALA A 12 -7.52 9.30 0.65
N ILE A 13 -6.64 8.42 0.17
CA ILE A 13 -5.20 8.52 0.41
C ILE A 13 -4.64 9.73 -0.35
N LEU A 14 -4.98 9.91 -1.63
CA LEU A 14 -4.48 11.02 -2.43
C LEU A 14 -4.91 12.37 -1.87
N LYS A 15 -6.19 12.51 -1.46
CA LYS A 15 -6.80 13.77 -1.08
C LYS A 15 -6.03 14.43 0.08
N ASP A 16 -6.36 14.04 1.31
CA ASP A 16 -5.87 14.52 2.59
C ASP A 16 -6.62 13.88 3.76
N GLU A 17 -7.41 12.82 3.51
CA GLU A 17 -8.18 12.14 4.54
C GLU A 17 -7.22 11.38 5.45
N LEU A 18 -6.53 10.40 4.84
CA LEU A 18 -5.58 9.53 5.52
C LEU A 18 -4.36 10.34 5.91
N SER A 19 -3.65 9.77 6.85
CA SER A 19 -2.45 10.33 7.48
C SER A 19 -1.25 9.44 7.15
N ASP A 20 -0.06 9.78 7.63
CA ASP A 20 1.14 8.97 7.43
C ASP A 20 0.95 7.58 8.02
N ALA A 21 0.77 7.47 9.34
CA ALA A 21 0.59 6.19 10.02
C ALA A 21 -0.73 5.48 9.66
N GLU A 22 -1.74 6.24 9.22
CA GLU A 22 -3.03 5.73 8.79
C GLU A 22 -2.93 5.11 7.39
N ALA A 23 -2.31 5.82 6.43
CA ALA A 23 -2.12 5.27 5.08
C ALA A 23 -1.28 3.99 5.12
N ASN A 24 -0.34 3.92 6.07
CA ASN A 24 0.43 2.73 6.38
C ASN A 24 -0.50 1.59 6.79
N ALA A 25 -1.45 1.87 7.69
CA ALA A 25 -2.40 0.89 8.20
C ALA A 25 -3.09 0.14 7.07
N LEU A 26 -3.72 0.84 6.11
CA LEU A 26 -4.44 0.24 5.00
C LEU A 26 -3.56 -0.73 4.19
N VAL A 27 -2.25 -0.49 4.10
CA VAL A 27 -1.32 -1.38 3.42
C VAL A 27 -1.02 -2.59 4.31
N TRP A 28 -0.69 -2.37 5.58
CA TRP A 28 -0.35 -3.41 6.54
C TRP A 28 -1.49 -4.43 6.68
N GLN A 29 -2.74 -3.95 6.72
CA GLN A 29 -3.92 -4.81 6.71
C GLN A 29 -3.94 -5.65 5.43
N ALA A 30 -3.88 -5.00 4.26
CA ALA A 30 -4.14 -5.64 2.98
C ALA A 30 -3.06 -6.66 2.59
N LEU A 31 -1.82 -6.42 3.01
CA LEU A 31 -0.78 -7.42 3.01
C LEU A 31 -1.31 -8.64 3.79
N GLY A 32 -1.52 -8.45 5.09
CA GLY A 32 -1.98 -9.51 5.97
C GLY A 32 -1.15 -9.65 7.24
N TYR A 33 -0.29 -8.68 7.57
CA TYR A 33 0.52 -8.74 8.78
C TYR A 33 -0.37 -8.59 10.00
N VAL A 34 -1.40 -7.73 9.95
CA VAL A 34 -2.46 -7.59 10.95
C VAL A 34 -1.96 -7.61 12.41
N TRP A 35 -1.81 -6.43 13.04
CA TRP A 35 -1.44 -6.35 14.44
C TRP A 35 -2.31 -7.26 15.30
N ASP A 36 -1.70 -8.33 15.83
CA ASP A 36 -2.36 -9.23 16.74
C ASP A 36 -2.10 -8.74 18.14
N GLU A 37 -3.05 -7.97 18.65
CA GLU A 37 -3.05 -7.52 20.03
C GLU A 37 -3.04 -8.69 21.02
N ALA A 38 -3.53 -9.87 20.59
CA ALA A 38 -3.43 -11.13 21.32
C ALA A 38 -1.99 -11.45 21.61
N GLN A 39 -1.17 -11.42 20.56
CA GLN A 39 0.20 -11.85 20.62
C GLN A 39 1.11 -10.66 20.96
N SER A 40 0.56 -9.44 21.03
CA SER A 40 1.28 -8.19 20.99
C SER A 40 2.36 -8.18 19.90
N CYS A 41 2.09 -8.75 18.73
CA CYS A 41 3.03 -8.80 17.63
C CYS A 41 2.28 -8.64 16.31
N TRP A 42 3.03 -8.30 15.28
CA TRP A 42 2.61 -8.40 13.90
C TRP A 42 2.42 -9.89 13.61
N LYS A 43 1.19 -10.34 13.35
CA LYS A 43 0.91 -11.66 12.86
C LYS A 43 1.64 -11.87 11.54
N THR A 44 1.76 -13.11 11.09
CA THR A 44 2.22 -13.37 9.73
C THR A 44 1.41 -14.52 9.10
N ASP A 45 0.37 -15.04 9.73
CA ASP A 45 -0.35 -16.18 9.15
C ASP A 45 -1.05 -15.75 7.88
N LEU A 46 -1.60 -14.53 7.88
CA LEU A 46 -2.56 -14.05 6.91
C LEU A 46 -1.91 -13.32 5.72
N VAL A 47 -0.58 -13.41 5.61
CA VAL A 47 0.30 -12.75 4.65
C VAL A 47 1.11 -13.77 3.83
N ALA A 48 1.58 -13.37 2.63
CA ALA A 48 2.29 -14.26 1.73
C ALA A 48 3.67 -14.61 2.31
N PRO A 49 4.16 -15.85 2.11
CA PRO A 49 5.42 -16.29 2.69
C PRO A 49 6.59 -15.48 2.16
N GLU A 50 6.53 -15.02 0.91
CA GLU A 50 7.58 -14.18 0.33
C GLU A 50 7.72 -12.86 1.09
N TRP A 51 6.65 -12.28 1.61
CA TRP A 51 6.70 -11.04 2.38
C TRP A 51 7.24 -11.34 3.77
N ARG A 52 6.51 -12.16 4.53
CA ARG A 52 6.76 -12.43 5.95
C ARG A 52 8.05 -13.18 6.26
N GLN A 53 8.86 -13.48 5.24
CA GLN A 53 10.07 -14.28 5.33
C GLN A 53 11.10 -13.70 6.29
N ASP A 54 11.41 -12.42 6.12
CA ASP A 54 12.57 -11.77 6.73
C ASP A 54 12.14 -10.43 7.33
N TYR A 55 10.82 -10.24 7.50
CA TYR A 55 10.16 -8.98 7.84
C TYR A 55 9.62 -9.11 9.28
N PRO A 56 10.45 -8.87 10.31
CA PRO A 56 10.03 -8.89 11.71
C PRO A 56 9.16 -7.69 12.08
N GLU A 57 9.14 -6.64 11.26
CA GLU A 57 8.51 -5.37 11.53
C GLU A 57 7.76 -4.92 10.28
N PRO A 58 6.77 -4.02 10.41
CA PRO A 58 6.02 -3.51 9.29
C PRO A 58 6.89 -2.56 8.47
N PRO A 59 6.57 -2.37 7.18
CA PRO A 59 7.29 -1.44 6.34
C PRO A 59 6.90 0.02 6.62
N ASP A 60 7.87 0.82 7.06
CA ASP A 60 7.84 2.28 7.01
C ASP A 60 7.85 2.67 5.53
N PHE A 61 6.72 2.91 4.89
CA PHE A 61 6.78 3.51 3.56
C PHE A 61 7.21 4.98 3.66
N ILE A 62 6.76 5.66 4.72
CA ILE A 62 6.93 7.09 4.91
C ILE A 62 8.41 7.45 5.11
N ALA A 63 9.14 6.69 5.93
CA ALA A 63 10.50 7.01 6.34
C ALA A 63 11.50 5.92 5.94
N SER A 64 11.23 5.17 4.86
CA SER A 64 12.15 4.15 4.36
C SER A 64 11.87 3.88 2.87
N ARG A 65 12.66 2.99 2.22
CA ARG A 65 12.19 2.31 1.01
C ARG A 65 12.70 0.86 0.80
N PRO A 66 12.58 -0.06 1.78
CA PRO A 66 12.85 -1.48 1.57
C PRO A 66 11.69 -2.14 0.84
N ALA A 67 10.47 -2.02 1.38
CA ALA A 67 9.30 -2.71 0.83
C ALA A 67 8.94 -2.23 -0.58
N THR A 68 9.43 -1.08 -1.01
CA THR A 68 9.22 -0.55 -2.35
C THR A 68 9.66 -1.57 -3.42
N VAL A 69 10.71 -2.36 -3.18
CA VAL A 69 11.11 -3.40 -4.12
C VAL A 69 10.05 -4.50 -4.13
N LYS A 70 9.62 -4.95 -2.95
CA LYS A 70 8.64 -6.01 -2.79
C LYS A 70 7.27 -5.61 -3.35
N LEU A 71 6.96 -4.31 -3.37
CA LEU A 71 5.82 -3.72 -4.06
C LEU A 71 5.90 -4.05 -5.56
N THR A 72 7.03 -3.80 -6.21
CA THR A 72 7.19 -3.99 -7.65
C THR A 72 6.91 -5.43 -8.07
N ARG A 73 7.22 -6.37 -7.19
CA ARG A 73 6.93 -7.79 -7.38
C ARG A 73 5.44 -8.03 -7.66
N SER A 74 4.55 -7.21 -7.13
CA SER A 74 3.10 -7.29 -7.31
C SER A 74 2.57 -6.25 -8.30
N ILE A 75 3.42 -5.57 -9.06
CA ILE A 75 3.03 -4.53 -10.03
C ILE A 75 3.45 -5.02 -11.42
N PRO A 76 2.62 -5.84 -12.10
CA PRO A 76 2.93 -6.43 -13.39
C PRO A 76 2.92 -5.38 -14.50
N ALA A 77 3.31 -5.77 -15.72
CA ALA A 77 3.35 -4.90 -16.90
C ALA A 77 1.99 -4.26 -17.20
N PRO A 78 0.86 -4.98 -17.13
CA PRO A 78 -0.45 -4.35 -17.29
C PRO A 78 -0.81 -3.34 -16.19
N TYR A 79 -0.18 -3.36 -15.00
CA TYR A 79 -0.65 -2.62 -13.83
C TYR A 79 0.40 -1.67 -13.27
N LYS A 80 1.13 -0.97 -14.12
CA LYS A 80 2.09 0.05 -13.71
C LYS A 80 1.40 1.36 -13.32
N GLN A 81 0.14 1.64 -13.72
CA GLN A 81 -0.45 2.97 -13.54
C GLN A 81 -1.96 3.04 -13.29
N LEU A 82 -2.59 2.05 -12.63
CA LEU A 82 -4.05 2.03 -12.56
C LEU A 82 -4.63 3.17 -11.70
N LEU A 83 -3.79 3.83 -10.90
CA LEU A 83 -4.09 5.14 -10.32
C LEU A 83 -4.67 6.11 -11.36
N LYS A 84 -4.16 6.11 -12.60
CA LYS A 84 -4.71 6.99 -13.63
C LYS A 84 -5.70 6.24 -14.50
N GLU A 85 -5.51 4.93 -14.68
CA GLU A 85 -6.42 4.17 -15.53
C GLU A 85 -7.83 4.06 -14.93
N GLU A 86 -7.98 3.64 -13.68
CA GLU A 86 -9.28 3.25 -13.10
C GLU A 86 -9.86 4.25 -12.11
N LEU A 87 -8.97 5.03 -11.47
CA LEU A 87 -9.39 6.14 -10.60
C LEU A 87 -9.40 7.46 -11.37
N GLY A 88 -8.30 7.80 -12.04
CA GLY A 88 -8.15 9.05 -12.79
C GLY A 88 -7.16 10.03 -12.13
N PHE A 89 -6.25 9.58 -11.26
CA PHE A 89 -5.17 10.39 -10.73
C PHE A 89 -4.20 10.86 -11.82
N ALA A 90 -3.28 11.76 -11.44
CA ALA A 90 -2.20 12.28 -12.27
C ALA A 90 -0.91 12.27 -11.45
N GLY A 91 -0.85 13.14 -10.46
CA GLY A 91 0.27 13.38 -9.58
C GLY A 91 -0.10 14.54 -8.68
N TYR A 92 0.77 14.93 -7.74
CA TYR A 92 0.64 16.24 -7.11
C TYR A 92 1.41 17.33 -7.86
N SER A 93 1.09 18.57 -7.53
CA SER A 93 1.74 19.79 -8.03
C SER A 93 3.21 19.83 -7.60
N ILE A 94 4.10 20.27 -8.48
CA ILE A 94 5.53 20.37 -8.18
C ILE A 94 5.82 21.22 -6.95
N ASN A 95 5.05 22.30 -6.78
CA ASN A 95 5.28 23.30 -5.73
C ASN A 95 5.14 22.69 -4.34
N GLU A 96 4.43 21.56 -4.24
CA GLU A 96 3.99 20.95 -3.00
C GLU A 96 4.72 19.61 -2.74
N LEU A 97 5.63 19.21 -3.64
CA LEU A 97 6.12 17.85 -3.73
C LEU A 97 7.13 17.57 -2.62
N VAL A 98 6.65 17.06 -1.48
CA VAL A 98 7.48 16.77 -0.32
C VAL A 98 7.71 15.27 -0.20
N PRO A 99 8.84 14.83 0.39
CA PRO A 99 9.14 13.42 0.61
C PRO A 99 8.24 12.76 1.67
N ARG A 100 7.31 13.50 2.29
CA ARG A 100 6.19 12.87 2.96
C ARG A 100 5.25 12.28 1.91
N LYS A 101 4.53 13.16 1.19
CA LYS A 101 3.39 12.74 0.38
C LYS A 101 3.75 11.80 -0.75
N THR A 102 4.93 11.95 -1.33
CA THR A 102 5.35 11.05 -2.41
C THR A 102 5.28 9.58 -1.98
N ARG A 103 5.62 9.28 -0.73
CA ARG A 103 5.58 7.93 -0.20
C ARG A 103 4.16 7.39 -0.16
N ARG A 104 3.17 8.23 0.16
CA ARG A 104 1.77 7.79 0.17
C ARG A 104 1.36 7.41 -1.26
N ALA A 105 1.75 8.20 -2.28
CA ALA A 105 1.54 7.85 -3.68
C ALA A 105 2.17 6.51 -4.05
N THR A 106 3.38 6.23 -3.57
CA THR A 106 4.08 4.98 -3.83
C THR A 106 3.19 3.79 -3.44
N MET A 107 2.56 3.82 -2.27
CA MET A 107 1.82 2.66 -1.79
C MET A 107 0.45 2.54 -2.46
N THR A 108 -0.22 3.66 -2.81
CA THR A 108 -1.53 3.57 -3.46
C THR A 108 -1.41 2.87 -4.82
N ASN A 109 -0.33 3.11 -5.56
CA ASN A 109 -0.07 2.48 -6.86
C ASN A 109 -0.01 0.96 -6.78
N TRP A 110 0.32 0.39 -5.62
CA TRP A 110 0.23 -1.04 -5.32
C TRP A 110 -1.16 -1.41 -4.83
N LEU A 111 -1.88 -0.59 -4.05
CA LEU A 111 -3.23 -0.94 -3.59
C LEU A 111 -4.16 -1.28 -4.75
N LEU A 112 -4.07 -0.57 -5.90
CA LEU A 112 -4.79 -0.94 -7.11
C LEU A 112 -4.41 -2.35 -7.57
N ALA A 113 -3.12 -2.63 -7.70
CA ALA A 113 -2.57 -3.89 -8.20
C ALA A 113 -2.84 -5.07 -7.25
N TYR A 114 -3.46 -4.88 -6.09
CA TYR A 114 -4.13 -5.98 -5.40
C TYR A 114 -5.55 -6.18 -5.91
N ARG A 115 -6.39 -5.14 -5.89
CA ARG A 115 -7.78 -5.26 -6.31
C ARG A 115 -7.87 -5.82 -7.73
N ARG A 116 -7.01 -5.37 -8.63
CA ARG A 116 -6.85 -5.77 -10.03
C ARG A 116 -6.56 -7.26 -10.23
N SER A 117 -6.13 -7.95 -9.18
CA SER A 117 -5.98 -9.40 -9.16
C SER A 117 -7.13 -10.10 -8.42
N GLN A 118 -7.92 -9.40 -7.60
CA GLN A 118 -9.08 -10.02 -6.96
C GLN A 118 -10.23 -10.14 -7.96
N GLN A 119 -10.34 -9.16 -8.86
CA GLN A 119 -11.32 -9.09 -9.93
C GLN A 119 -10.82 -9.78 -11.19
N ASP A 120 -9.78 -10.61 -11.07
CA ASP A 120 -9.35 -11.46 -12.14
C ASP A 120 -10.49 -12.37 -12.54
N MET A 1 -4.43 -10.64 3.70
CA MET A 1 -5.69 -11.37 4.00
C MET A 1 -6.83 -11.14 3.00
N GLY A 2 -6.57 -10.60 1.80
CA GLY A 2 -7.55 -10.56 0.72
C GLY A 2 -8.67 -9.54 0.89
N ILE A 3 -8.44 -8.47 1.64
CA ILE A 3 -9.40 -7.38 1.86
C ILE A 3 -9.75 -6.72 0.52
N THR A 4 -10.93 -6.11 0.45
CA THR A 4 -11.43 -5.27 -0.64
C THR A 4 -10.63 -3.97 -0.76
N ILE A 5 -10.78 -3.23 -1.87
CA ILE A 5 -10.41 -1.83 -2.03
C ILE A 5 -11.59 -1.06 -2.63
N THR A 6 -11.65 0.23 -2.32
CA THR A 6 -12.48 1.22 -2.98
C THR A 6 -11.60 2.38 -3.45
N ASP A 7 -11.90 2.88 -4.65
CA ASP A 7 -11.20 3.99 -5.29
C ASP A 7 -11.31 5.26 -4.45
N GLU A 8 -12.42 5.40 -3.71
CA GLU A 8 -12.69 6.39 -2.72
C GLU A 8 -11.65 6.35 -1.60
N LEU A 9 -11.31 5.15 -1.12
CA LEU A 9 -10.31 4.94 -0.07
C LEU A 9 -8.90 5.17 -0.58
N LEU A 10 -8.70 5.11 -1.90
CA LEU A 10 -7.42 5.44 -2.52
C LEU A 10 -7.25 6.96 -2.57
N TRP A 11 -8.31 7.70 -2.90
CA TRP A 11 -8.27 9.16 -2.96
C TRP A 11 -7.93 9.80 -1.62
N ALA A 12 -8.42 9.28 -0.49
CA ALA A 12 -8.12 9.84 0.84
C ALA A 12 -6.62 9.98 1.07
N ILE A 13 -5.85 8.99 0.60
CA ILE A 13 -4.41 8.97 0.76
C ILE A 13 -3.79 10.13 -0.02
N LEU A 14 -4.15 10.26 -1.29
CA LEU A 14 -3.70 11.32 -2.19
C LEU A 14 -4.04 12.69 -1.61
N LYS A 15 -5.24 12.86 -1.07
CA LYS A 15 -5.64 14.10 -0.42
C LYS A 15 -4.98 14.27 0.96
N ASP A 16 -4.11 13.35 1.40
CA ASP A 16 -3.39 13.37 2.68
C ASP A 16 -4.34 13.63 3.85
N GLU A 17 -5.48 12.94 3.80
CA GLU A 17 -6.44 12.84 4.89
C GLU A 17 -6.01 11.74 5.86
N LEU A 18 -5.25 10.76 5.38
CA LEU A 18 -4.52 9.80 6.21
C LEU A 18 -3.25 10.49 6.75
N SER A 19 -2.29 9.68 7.18
CA SER A 19 -1.10 10.13 7.90
C SER A 19 0.08 9.29 7.44
N ASP A 20 1.26 9.47 8.03
CA ASP A 20 2.42 8.65 7.69
C ASP A 20 2.12 7.22 8.13
N ALA A 21 1.93 7.00 9.44
CA ALA A 21 1.61 5.70 10.00
C ALA A 21 0.26 5.17 9.49
N GLU A 22 -0.77 6.02 9.45
CA GLU A 22 -2.11 5.53 9.20
C GLU A 22 -2.31 5.23 7.71
N ALA A 23 -1.70 6.01 6.81
CA ALA A 23 -1.80 5.66 5.41
C ALA A 23 -1.07 4.33 5.17
N ASN A 24 0.02 4.07 5.90
CA ASN A 24 0.79 2.81 5.92
C ASN A 24 -0.11 1.65 6.31
N ALA A 25 -0.86 1.81 7.39
CA ALA A 25 -1.67 0.76 8.00
C ALA A 25 -2.56 0.07 6.96
N LEU A 26 -3.23 0.83 6.08
CA LEU A 26 -4.10 0.32 5.02
C LEU A 26 -3.39 -0.63 4.04
N VAL A 27 -2.05 -0.56 3.92
CA VAL A 27 -1.27 -1.48 3.12
C VAL A 27 -0.99 -2.74 3.98
N TRP A 28 -0.55 -2.55 5.23
CA TRP A 28 -0.20 -3.63 6.14
C TRP A 28 -1.39 -4.57 6.37
N GLN A 29 -2.60 -4.04 6.51
CA GLN A 29 -3.82 -4.84 6.62
C GLN A 29 -4.02 -5.71 5.38
N ALA A 30 -3.85 -5.15 4.17
CA ALA A 30 -4.13 -5.84 2.93
C ALA A 30 -3.22 -7.06 2.81
N LEU A 31 -1.92 -6.88 3.07
CA LEU A 31 -0.97 -7.99 3.16
C LEU A 31 -1.50 -8.99 4.17
N GLY A 32 -1.91 -8.53 5.35
CA GLY A 32 -2.51 -9.37 6.38
C GLY A 32 -1.68 -9.43 7.63
N TYR A 33 -0.80 -8.46 7.88
CA TYR A 33 0.00 -8.46 9.10
C TYR A 33 -0.86 -8.13 10.31
N VAL A 34 -1.79 -7.16 10.21
CA VAL A 34 -2.90 -6.92 11.14
C VAL A 34 -2.49 -7.03 12.61
N TRP A 35 -2.11 -5.91 13.23
CA TRP A 35 -1.69 -5.83 14.62
C TRP A 35 -2.65 -6.54 15.58
N ASP A 36 -2.08 -7.50 16.31
CA ASP A 36 -2.66 -8.32 17.34
C ASP A 36 -2.44 -7.54 18.63
N GLU A 37 -3.32 -6.59 18.91
CA GLU A 37 -3.25 -5.78 20.13
C GLU A 37 -3.25 -6.65 21.39
N ALA A 38 -3.86 -7.83 21.32
CA ALA A 38 -3.89 -8.81 22.40
C ALA A 38 -2.55 -9.52 22.59
N GLN A 39 -1.71 -9.59 21.56
CA GLN A 39 -0.37 -10.19 21.59
C GLN A 39 0.75 -9.15 21.57
N SER A 40 0.45 -7.85 21.47
CA SER A 40 1.37 -6.77 21.18
C SER A 40 2.31 -7.06 19.99
N CYS A 41 1.85 -7.82 19.00
CA CYS A 41 2.64 -8.30 17.88
C CYS A 41 1.83 -8.21 16.60
N TRP A 42 2.41 -8.67 15.50
CA TRP A 42 1.77 -8.77 14.20
C TRP A 42 1.42 -10.24 13.97
N LYS A 43 0.25 -10.55 13.42
CA LYS A 43 0.04 -11.84 12.76
C LYS A 43 0.98 -11.94 11.56
N THR A 44 1.18 -13.16 11.06
CA THR A 44 1.81 -13.40 9.76
C THR A 44 1.11 -14.50 8.96
N ASP A 45 -0.02 -15.01 9.45
CA ASP A 45 -0.72 -16.19 8.95
C ASP A 45 -1.43 -15.89 7.64
N LEU A 46 -2.12 -14.76 7.60
CA LEU A 46 -2.96 -14.38 6.47
C LEU A 46 -2.17 -13.51 5.49
N VAL A 47 -0.83 -13.63 5.52
CA VAL A 47 0.08 -12.99 4.59
C VAL A 47 0.64 -14.07 3.65
N ALA A 48 0.92 -13.71 2.41
CA ALA A 48 1.60 -14.60 1.47
C ALA A 48 3.03 -14.91 1.96
N PRO A 49 3.61 -16.08 1.61
CA PRO A 49 4.95 -16.45 2.05
C PRO A 49 6.02 -15.55 1.43
N GLU A 50 5.71 -14.88 0.31
CA GLU A 50 6.59 -13.90 -0.33
C GLU A 50 6.61 -12.55 0.39
N TRP A 51 5.85 -12.38 1.48
CA TRP A 51 5.82 -11.15 2.27
C TRP A 51 6.14 -11.40 3.74
N ARG A 52 5.52 -12.38 4.41
CA ARG A 52 5.81 -12.60 5.82
C ARG A 52 7.20 -13.18 6.05
N GLN A 53 7.93 -13.57 4.99
CA GLN A 53 8.93 -14.62 4.99
C GLN A 53 9.85 -14.58 6.21
N ASP A 54 10.46 -13.42 6.43
CA ASP A 54 11.46 -13.17 7.46
C ASP A 54 11.20 -11.76 8.00
N TYR A 55 9.94 -11.34 7.95
CA TYR A 55 9.42 -9.99 8.16
C TYR A 55 8.69 -9.99 9.50
N PRO A 56 9.38 -9.77 10.63
CA PRO A 56 8.74 -9.70 11.93
C PRO A 56 7.85 -8.45 12.09
N GLU A 57 8.10 -7.40 11.31
CA GLU A 57 7.65 -6.03 11.53
C GLU A 57 7.11 -5.44 10.23
N PRO A 58 6.36 -4.33 10.27
CA PRO A 58 5.85 -3.77 9.04
C PRO A 58 6.99 -3.22 8.18
N PRO A 59 6.78 -3.17 6.87
CA PRO A 59 7.61 -2.41 5.96
C PRO A 59 7.33 -0.93 6.13
N ASP A 60 8.37 -0.15 6.47
CA ASP A 60 8.31 1.30 6.52
C ASP A 60 8.51 1.87 5.12
N PHE A 61 7.59 2.72 4.63
CA PHE A 61 7.72 3.36 3.31
C PHE A 61 7.87 4.89 3.36
N ILE A 62 7.68 5.53 4.51
CA ILE A 62 7.88 6.98 4.64
C ILE A 62 9.37 7.22 4.85
N ALA A 63 9.94 6.67 5.93
CA ALA A 63 11.35 6.81 6.25
C ALA A 63 12.17 5.99 5.27
N SER A 64 11.88 4.70 5.21
CA SER A 64 12.65 3.72 4.46
C SER A 64 12.02 3.52 3.08
N ARG A 65 12.77 2.99 2.11
CA ARG A 65 12.16 2.41 0.90
C ARG A 65 12.81 1.10 0.44
N PRO A 66 13.02 0.09 1.32
CA PRO A 66 13.52 -1.19 0.87
C PRO A 66 12.37 -2.02 0.30
N ALA A 67 11.25 -2.08 1.02
CA ALA A 67 10.06 -2.82 0.63
C ALA A 67 9.36 -2.18 -0.58
N THR A 68 9.77 -0.98 -1.00
CA THR A 68 9.28 -0.39 -2.25
C THR A 68 9.63 -1.30 -3.45
N VAL A 69 10.78 -1.97 -3.40
CA VAL A 69 11.16 -2.99 -4.39
C VAL A 69 10.14 -4.15 -4.31
N LYS A 70 9.75 -4.54 -3.09
CA LYS A 70 8.83 -5.64 -2.82
C LYS A 70 7.44 -5.35 -3.37
N LEU A 71 6.91 -4.12 -3.18
CA LEU A 71 5.64 -3.70 -3.80
C LEU A 71 5.74 -3.89 -5.30
N THR A 72 6.84 -3.42 -5.89
CA THR A 72 6.98 -3.31 -7.34
C THR A 72 6.84 -4.69 -8.00
N ARG A 73 7.25 -5.75 -7.30
CA ARG A 73 7.12 -7.13 -7.75
C ARG A 73 5.67 -7.56 -8.04
N SER A 74 4.69 -6.93 -7.41
CA SER A 74 3.27 -7.16 -7.65
C SER A 74 2.65 -6.19 -8.68
N ILE A 75 3.47 -5.31 -9.26
CA ILE A 75 3.05 -4.32 -10.26
C ILE A 75 3.60 -4.76 -11.63
N PRO A 76 2.91 -5.64 -12.38
CA PRO A 76 3.25 -5.98 -13.77
C PRO A 76 2.96 -4.79 -14.71
N ALA A 77 3.38 -4.90 -15.98
CA ALA A 77 3.16 -3.92 -17.05
C ALA A 77 1.68 -3.51 -17.16
N PRO A 78 0.71 -4.45 -17.24
CA PRO A 78 -0.71 -4.14 -17.26
C PRO A 78 -1.24 -3.37 -16.04
N TYR A 79 -0.48 -3.22 -14.96
CA TYR A 79 -0.92 -2.57 -13.72
C TYR A 79 -0.03 -1.39 -13.34
N LYS A 80 0.79 -0.91 -14.28
CA LYS A 80 1.81 0.09 -14.00
C LYS A 80 1.28 1.40 -13.43
N GLN A 81 0.22 1.94 -14.01
CA GLN A 81 -0.26 3.28 -13.69
C GLN A 81 -1.75 3.25 -13.40
N LEU A 82 -2.18 2.30 -12.56
CA LEU A 82 -3.60 2.16 -12.23
C LEU A 82 -4.14 3.40 -11.53
N LEU A 83 -3.27 4.20 -10.90
CA LEU A 83 -3.57 5.55 -10.49
C LEU A 83 -4.24 6.39 -11.57
N LYS A 84 -3.94 6.18 -12.85
CA LYS A 84 -4.51 6.96 -13.96
C LYS A 84 -5.51 6.15 -14.76
N GLU A 85 -5.19 4.88 -15.02
CA GLU A 85 -6.07 3.93 -15.72
C GLU A 85 -7.39 3.74 -14.96
N GLU A 86 -7.45 4.11 -13.68
CA GLU A 86 -8.64 4.04 -12.85
C GLU A 86 -8.94 5.43 -12.31
N LEU A 87 -8.22 5.88 -11.27
CA LEU A 87 -8.58 7.11 -10.54
C LEU A 87 -8.49 8.36 -11.42
N GLY A 88 -7.40 8.53 -12.18
CA GLY A 88 -7.12 9.72 -12.97
C GLY A 88 -6.03 10.59 -12.33
N PHE A 89 -5.26 10.07 -11.38
CA PHE A 89 -4.09 10.70 -10.79
C PHE A 89 -2.91 10.67 -11.77
N ALA A 90 -1.78 11.26 -11.39
CA ALA A 90 -0.51 11.18 -12.12
C ALA A 90 0.64 11.46 -11.16
N GLY A 91 0.54 12.60 -10.48
CA GLY A 91 1.44 13.04 -9.45
C GLY A 91 0.83 14.28 -8.82
N TYR A 92 1.49 14.81 -7.80
CA TYR A 92 0.99 15.93 -7.03
C TYR A 92 1.30 17.26 -7.75
N SER A 93 0.57 18.31 -7.38
CA SER A 93 0.85 19.68 -7.77
C SER A 93 2.19 20.12 -7.16
N ILE A 94 2.76 21.21 -7.67
CA ILE A 94 4.02 21.76 -7.14
C ILE A 94 3.87 22.17 -5.67
N ASN A 95 2.80 22.89 -5.38
CA ASN A 95 2.33 23.34 -4.09
C ASN A 95 1.89 22.17 -3.18
N GLU A 96 1.91 20.94 -3.68
CA GLU A 96 1.52 19.72 -2.99
C GLU A 96 2.66 18.68 -3.02
N LEU A 97 3.83 19.00 -3.60
CA LEU A 97 4.84 18.01 -3.98
C LEU A 97 5.74 17.58 -2.82
N VAL A 98 5.13 17.34 -1.67
CA VAL A 98 5.79 17.16 -0.40
C VAL A 98 6.26 15.73 -0.18
N PRO A 99 7.27 15.51 0.69
CA PRO A 99 7.69 14.16 1.02
C PRO A 99 6.57 13.35 1.66
N ARG A 100 5.56 13.96 2.30
CA ARG A 100 4.48 13.18 2.92
C ARG A 100 3.36 12.80 1.96
N LYS A 101 3.48 13.09 0.67
CA LYS A 101 2.51 12.70 -0.35
C LYS A 101 3.13 11.73 -1.35
N THR A 102 4.33 12.02 -1.84
CA THR A 102 4.90 11.29 -2.97
C THR A 102 5.15 9.80 -2.67
N ARG A 103 5.71 9.44 -1.50
CA ARG A 103 5.94 8.02 -1.20
C ARG A 103 4.62 7.27 -1.09
N ARG A 104 3.54 7.93 -0.63
CA ARG A 104 2.27 7.23 -0.50
C ARG A 104 1.70 6.88 -1.88
N ALA A 105 1.90 7.73 -2.90
CA ALA A 105 1.47 7.41 -4.27
C ALA A 105 1.99 6.03 -4.70
N THR A 106 3.26 5.73 -4.40
CA THR A 106 3.89 4.45 -4.68
C THR A 106 3.11 3.28 -4.05
N MET A 107 2.64 3.42 -2.80
CA MET A 107 1.85 2.37 -2.17
C MET A 107 0.44 2.31 -2.73
N THR A 108 -0.14 3.45 -3.13
CA THR A 108 -1.47 3.49 -3.71
C THR A 108 -1.51 2.66 -4.98
N ASN A 109 -0.48 2.69 -5.84
CA ASN A 109 -0.57 1.94 -7.10
C ASN A 109 -0.73 0.43 -6.82
N TRP A 110 0.03 -0.06 -5.84
CA TRP A 110 0.03 -1.46 -5.41
C TRP A 110 -1.36 -1.88 -4.92
N LEU A 111 -2.14 -1.00 -4.29
CA LEU A 111 -3.46 -1.35 -3.79
C LEU A 111 -4.41 -1.67 -4.95
N LEU A 112 -4.30 -0.93 -6.07
CA LEU A 112 -5.08 -1.25 -7.25
C LEU A 112 -4.58 -2.57 -7.84
N ALA A 113 -3.28 -2.71 -8.06
CA ALA A 113 -2.70 -3.92 -8.65
C ALA A 113 -3.02 -5.18 -7.83
N TYR A 114 -3.29 -5.02 -6.53
CA TYR A 114 -3.81 -6.06 -5.67
C TYR A 114 -5.26 -6.36 -6.01
N ARG A 115 -6.19 -5.37 -5.90
CA ARG A 115 -7.60 -5.67 -6.11
C ARG A 115 -7.88 -6.20 -7.51
N ARG A 116 -7.05 -5.84 -8.50
CA ARG A 116 -7.10 -6.43 -9.83
C ARG A 116 -6.91 -7.93 -9.75
N SER A 117 -5.74 -8.37 -9.31
CA SER A 117 -5.41 -9.79 -9.24
C SER A 117 -6.38 -10.59 -8.37
N GLN A 118 -7.11 -9.94 -7.45
CA GLN A 118 -8.12 -10.63 -6.66
C GLN A 118 -9.36 -11.07 -7.46
N GLN A 119 -9.47 -10.74 -8.75
CA GLN A 119 -10.51 -11.26 -9.63
C GLN A 119 -9.97 -12.19 -10.72
N ASP A 120 -8.69 -12.56 -10.62
CA ASP A 120 -8.14 -13.69 -11.35
C ASP A 120 -8.77 -14.96 -10.78
N MET A 1 -5.16 -13.10 4.16
CA MET A 1 -6.07 -11.97 4.42
C MET A 1 -6.72 -11.61 3.10
N GLY A 2 -8.06 -11.51 3.01
CA GLY A 2 -8.74 -11.24 1.75
C GLY A 2 -9.64 -10.02 1.80
N ILE A 3 -9.04 -8.85 2.00
CA ILE A 3 -9.76 -7.57 2.06
C ILE A 3 -10.21 -7.20 0.65
N THR A 4 -11.23 -6.34 0.54
CA THR A 4 -11.63 -5.69 -0.69
C THR A 4 -11.28 -4.20 -0.59
N ILE A 5 -10.90 -3.61 -1.72
CA ILE A 5 -10.63 -2.19 -1.84
C ILE A 5 -11.63 -1.58 -2.80
N THR A 6 -11.83 -0.27 -2.66
CA THR A 6 -12.64 0.59 -3.50
C THR A 6 -11.86 1.83 -3.94
N ASP A 7 -12.14 2.33 -5.15
CA ASP A 7 -11.51 3.52 -5.75
C ASP A 7 -11.82 4.79 -4.96
N GLU A 8 -13.02 4.86 -4.38
CA GLU A 8 -13.47 6.00 -3.57
C GLU A 8 -12.64 6.08 -2.30
N LEU A 9 -12.38 4.95 -1.65
CA LEU A 9 -11.46 4.83 -0.52
C LEU A 9 -10.05 5.22 -0.97
N LEU A 10 -9.61 4.80 -2.15
CA LEU A 10 -8.25 5.08 -2.61
C LEU A 10 -7.99 6.58 -2.76
N TRP A 11 -9.03 7.36 -3.06
CA TRP A 11 -8.96 8.81 -3.09
C TRP A 11 -8.62 9.44 -1.73
N ALA A 12 -8.92 8.79 -0.60
CA ALA A 12 -8.55 9.31 0.72
C ALA A 12 -7.04 9.40 0.90
N ILE A 13 -6.30 8.48 0.29
CA ILE A 13 -4.86 8.38 0.43
C ILE A 13 -4.25 9.60 -0.29
N LEU A 14 -4.77 9.91 -1.48
CA LEU A 14 -4.44 11.03 -2.31
C LEU A 14 -4.71 12.36 -1.62
N LYS A 15 -5.99 12.68 -1.36
CA LYS A 15 -6.46 14.04 -1.06
C LYS A 15 -5.76 14.60 0.19
N ASP A 16 -6.28 14.29 1.37
CA ASP A 16 -5.74 14.55 2.70
C ASP A 16 -6.86 14.08 3.63
N GLU A 17 -7.07 12.78 3.73
CA GLU A 17 -8.03 12.17 4.64
C GLU A 17 -7.22 11.22 5.53
N LEU A 18 -6.64 10.15 4.94
CA LEU A 18 -5.80 9.22 5.69
C LEU A 18 -4.52 9.92 6.12
N SER A 19 -3.79 9.30 7.01
CA SER A 19 -2.70 9.94 7.76
C SER A 19 -1.38 9.20 7.55
N ASP A 20 -0.36 9.49 8.35
CA ASP A 20 0.89 8.74 8.35
C ASP A 20 0.62 7.29 8.80
N ALA A 21 0.35 7.06 10.08
CA ALA A 21 0.05 5.74 10.60
C ALA A 21 -1.16 5.12 9.93
N GLU A 22 -2.13 5.95 9.52
CA GLU A 22 -3.43 5.45 9.09
C GLU A 22 -3.42 5.09 7.60
N ALA A 23 -2.84 5.91 6.71
CA ALA A 23 -2.74 5.51 5.31
C ALA A 23 -1.85 4.26 5.19
N ASN A 24 -0.79 4.18 6.02
CA ASN A 24 0.12 3.04 6.08
C ASN A 24 -0.68 1.78 6.44
N ALA A 25 -1.62 1.88 7.38
CA ALA A 25 -2.35 0.75 7.92
C ALA A 25 -3.09 -0.03 6.84
N LEU A 26 -3.71 0.62 5.85
CA LEU A 26 -4.41 -0.08 4.78
C LEU A 26 -3.47 -1.05 4.03
N VAL A 27 -2.22 -0.64 3.80
CA VAL A 27 -1.24 -1.51 3.17
C VAL A 27 -0.96 -2.69 4.12
N TRP A 28 -0.71 -2.38 5.40
CA TRP A 28 -0.35 -3.36 6.40
C TRP A 28 -1.44 -4.42 6.60
N GLN A 29 -2.71 -4.02 6.60
CA GLN A 29 -3.84 -4.96 6.66
C GLN A 29 -3.90 -5.79 5.39
N ALA A 30 -3.87 -5.15 4.21
CA ALA A 30 -4.04 -5.85 2.95
C ALA A 30 -2.97 -6.92 2.77
N LEU A 31 -1.73 -6.64 3.17
CA LEU A 31 -0.64 -7.59 3.14
C LEU A 31 -0.98 -8.85 3.92
N GLY A 32 -1.51 -8.69 5.14
CA GLY A 32 -1.96 -9.80 5.98
C GLY A 32 -1.12 -10.03 7.22
N TYR A 33 -0.23 -9.11 7.59
CA TYR A 33 0.55 -9.25 8.82
C TYR A 33 -0.40 -9.36 10.01
N VAL A 34 -1.26 -8.37 10.22
CA VAL A 34 -2.14 -8.14 11.36
C VAL A 34 -1.36 -8.10 12.69
N TRP A 35 -1.44 -6.98 13.41
CA TRP A 35 -0.94 -6.94 14.79
C TRP A 35 -1.81 -7.85 15.65
N ASP A 36 -1.25 -8.97 16.11
CA ASP A 36 -1.88 -9.83 17.09
C ASP A 36 -1.68 -9.30 18.49
N GLU A 37 -2.68 -8.59 18.98
CA GLU A 37 -2.72 -8.11 20.35
C GLU A 37 -2.72 -9.27 21.37
N ALA A 38 -3.20 -10.45 20.96
CA ALA A 38 -3.22 -11.64 21.79
C ALA A 38 -1.81 -12.14 22.06
N GLN A 39 -0.93 -12.12 21.07
CA GLN A 39 0.47 -12.54 21.21
C GLN A 39 1.41 -11.34 21.37
N SER A 40 0.89 -10.11 21.35
CA SER A 40 1.60 -8.86 21.28
C SER A 40 2.71 -8.89 20.25
N CYS A 41 2.45 -9.49 19.09
CA CYS A 41 3.38 -9.55 17.97
C CYS A 41 2.61 -9.38 16.68
N TRP A 42 3.29 -8.96 15.62
CA TRP A 42 2.77 -9.04 14.26
C TRP A 42 2.57 -10.52 13.94
N LYS A 43 1.37 -10.91 13.51
CA LYS A 43 1.20 -12.21 12.87
C LYS A 43 2.00 -12.19 11.57
N THR A 44 2.20 -13.38 11.02
CA THR A 44 2.55 -13.56 9.61
C THR A 44 1.64 -14.65 9.01
N ASP A 45 0.58 -15.05 9.71
CA ASP A 45 -0.27 -16.19 9.36
C ASP A 45 -1.12 -15.84 8.14
N LEU A 46 -1.56 -14.59 8.04
CA LEU A 46 -2.49 -14.16 7.01
C LEU A 46 -1.78 -13.52 5.81
N VAL A 47 -0.43 -13.54 5.77
CA VAL A 47 0.43 -12.94 4.74
C VAL A 47 1.21 -14.00 3.96
N ALA A 48 1.62 -13.68 2.73
CA ALA A 48 2.38 -14.57 1.85
C ALA A 48 3.84 -14.69 2.32
N PRO A 49 4.48 -15.86 2.12
CA PRO A 49 5.86 -16.10 2.53
C PRO A 49 6.82 -15.06 1.96
N GLU A 50 6.63 -14.67 0.69
CA GLU A 50 7.50 -13.71 0.00
C GLU A 50 7.53 -12.32 0.65
N TRP A 51 6.55 -11.97 1.49
CA TRP A 51 6.54 -10.73 2.25
C TRP A 51 7.08 -10.95 3.64
N ARG A 52 6.46 -11.87 4.40
CA ARG A 52 6.87 -12.16 5.77
C ARG A 52 8.27 -12.76 5.89
N GLN A 53 8.93 -13.03 4.76
CA GLN A 53 10.16 -13.76 4.57
C GLN A 53 11.23 -13.36 5.58
N ASP A 54 11.41 -12.07 5.82
CA ASP A 54 12.51 -11.53 6.61
C ASP A 54 12.04 -10.23 7.30
N TYR A 55 10.72 -10.10 7.53
CA TYR A 55 10.01 -8.87 7.92
C TYR A 55 9.50 -9.00 9.37
N PRO A 56 10.32 -8.68 10.39
CA PRO A 56 9.91 -8.69 11.78
C PRO A 56 8.98 -7.53 12.15
N GLU A 57 8.86 -6.50 11.31
CA GLU A 57 8.12 -5.27 11.61
C GLU A 57 7.47 -4.76 10.32
N PRO A 58 6.45 -3.88 10.41
CA PRO A 58 5.75 -3.35 9.25
C PRO A 58 6.67 -2.55 8.32
N PRO A 59 6.31 -2.46 7.03
CA PRO A 59 6.98 -1.56 6.11
C PRO A 59 6.56 -0.12 6.40
N ASP A 60 7.47 0.64 7.00
CA ASP A 60 7.36 2.09 7.05
C ASP A 60 7.70 2.61 5.66
N PHE A 61 6.72 3.13 4.93
CA PHE A 61 6.91 3.69 3.59
C PHE A 61 7.32 5.15 3.62
N ILE A 62 7.25 5.82 4.77
CA ILE A 62 7.44 7.26 4.95
C ILE A 62 8.91 7.53 5.29
N ALA A 63 9.48 6.68 6.15
CA ALA A 63 10.79 6.86 6.74
C ALA A 63 11.75 5.75 6.29
N SER A 64 11.42 5.01 5.23
CA SER A 64 12.19 3.91 4.68
C SER A 64 11.70 3.60 3.26
N ARG A 65 12.56 3.06 2.38
CA ARG A 65 12.11 2.55 1.08
C ARG A 65 12.71 1.18 0.69
N PRO A 66 12.66 0.15 1.55
CA PRO A 66 12.89 -1.20 1.09
C PRO A 66 11.62 -1.74 0.42
N ALA A 67 10.49 -1.62 1.12
CA ALA A 67 9.24 -2.19 0.67
C ALA A 67 8.70 -1.46 -0.57
N THR A 68 9.18 -0.26 -0.91
CA THR A 68 8.90 0.38 -2.18
C THR A 68 9.22 -0.58 -3.35
N VAL A 69 10.36 -1.30 -3.31
CA VAL A 69 10.71 -2.28 -4.32
C VAL A 69 9.81 -3.49 -4.20
N LYS A 70 9.58 -3.96 -2.98
CA LYS A 70 8.79 -5.16 -2.70
C LYS A 70 7.36 -4.98 -3.21
N LEU A 71 6.81 -3.75 -3.17
CA LEU A 71 5.53 -3.37 -3.77
C LEU A 71 5.58 -3.57 -5.29
N THR A 72 6.64 -3.13 -5.99
CA THR A 72 6.75 -3.25 -7.45
C THR A 72 6.68 -4.71 -7.90
N ARG A 73 7.09 -5.65 -7.07
CA ARG A 73 6.98 -7.07 -7.38
C ARG A 73 5.53 -7.45 -7.73
N SER A 74 4.57 -6.78 -7.10
CA SER A 74 3.14 -6.96 -7.30
C SER A 74 2.55 -6.00 -8.35
N ILE A 75 3.34 -5.12 -8.98
CA ILE A 75 2.86 -4.14 -9.96
C ILE A 75 3.40 -4.56 -11.34
N PRO A 76 2.71 -5.45 -12.05
CA PRO A 76 3.07 -5.87 -13.40
C PRO A 76 2.88 -4.71 -14.39
N ALA A 77 3.30 -4.91 -15.64
CA ALA A 77 3.28 -3.90 -16.69
C ALA A 77 1.87 -3.32 -16.95
N PRO A 78 0.76 -4.08 -16.97
CA PRO A 78 -0.57 -3.52 -17.18
C PRO A 78 -1.01 -2.60 -16.05
N TYR A 79 -0.51 -2.75 -14.83
CA TYR A 79 -1.10 -2.13 -13.64
C TYR A 79 -0.33 -0.85 -13.25
N LYS A 80 0.38 -0.23 -14.21
CA LYS A 80 1.40 0.78 -13.92
C LYS A 80 0.89 2.20 -13.74
N GLN A 81 -0.31 2.49 -14.20
CA GLN A 81 -0.89 3.83 -14.17
C GLN A 81 -2.29 3.79 -13.57
N LEU A 82 -2.64 2.74 -12.82
CA LEU A 82 -3.99 2.45 -12.33
C LEU A 82 -4.62 3.63 -11.59
N LEU A 83 -3.78 4.46 -10.96
CA LEU A 83 -4.19 5.73 -10.37
C LEU A 83 -5.04 6.60 -11.29
N LYS A 84 -4.87 6.53 -12.61
CA LYS A 84 -5.62 7.25 -13.63
C LYS A 84 -6.38 6.35 -14.58
N GLU A 85 -5.87 5.15 -14.84
CA GLU A 85 -6.60 4.15 -15.61
C GLU A 85 -7.94 3.83 -14.95
N GLU A 86 -8.01 3.96 -13.62
CA GLU A 86 -9.22 3.72 -12.85
C GLU A 86 -9.70 5.05 -12.23
N LEU A 87 -8.91 5.70 -11.35
CA LEU A 87 -9.40 6.81 -10.51
C LEU A 87 -9.38 8.16 -11.23
N GLY A 88 -8.20 8.61 -11.65
CA GLY A 88 -7.93 9.90 -12.29
C GLY A 88 -6.70 10.66 -11.76
N PHE A 89 -5.96 10.16 -10.77
CA PHE A 89 -4.73 10.82 -10.28
C PHE A 89 -3.56 10.51 -11.21
N ALA A 90 -2.60 11.42 -11.31
CA ALA A 90 -1.37 11.21 -12.08
C ALA A 90 -0.12 11.40 -11.23
N GLY A 91 0.04 12.59 -10.61
CA GLY A 91 1.22 12.96 -9.84
C GLY A 91 0.97 14.29 -9.13
N TYR A 92 1.84 14.64 -8.18
CA TYR A 92 1.91 15.98 -7.58
C TYR A 92 2.81 16.89 -8.43
N SER A 93 2.49 18.19 -8.48
CA SER A 93 3.24 19.20 -9.21
C SER A 93 4.70 19.22 -8.75
N ILE A 94 5.60 19.62 -9.63
CA ILE A 94 7.05 19.64 -9.35
C ILE A 94 7.37 20.55 -8.16
N ASN A 95 6.69 21.69 -8.10
CA ASN A 95 6.89 22.69 -7.06
C ASN A 95 6.47 22.17 -5.68
N GLU A 96 5.85 21.00 -5.61
CA GLU A 96 5.30 20.39 -4.41
C GLU A 96 5.75 18.95 -4.23
N LEU A 97 6.66 18.46 -5.06
CA LEU A 97 7.18 17.12 -4.99
C LEU A 97 8.02 16.98 -3.74
N VAL A 98 7.50 16.30 -2.72
CA VAL A 98 8.19 15.95 -1.49
C VAL A 98 8.07 14.44 -1.26
N PRO A 99 9.04 13.80 -0.59
CA PRO A 99 8.98 12.38 -0.29
C PRO A 99 7.76 12.05 0.57
N ARG A 100 7.26 12.99 1.40
CA ARG A 100 6.08 12.69 2.21
C ARG A 100 4.85 12.40 1.35
N LYS A 101 4.67 13.14 0.25
CA LYS A 101 3.54 12.99 -0.66
C LYS A 101 3.77 11.79 -1.57
N THR A 102 4.96 11.64 -2.16
CA THR A 102 5.19 10.59 -3.14
C THR A 102 5.06 9.20 -2.50
N ARG A 103 5.44 9.04 -1.23
CA ARG A 103 5.12 7.87 -0.41
C ARG A 103 3.66 7.47 -0.58
N ARG A 104 2.74 8.37 -0.23
CA ARG A 104 1.32 8.03 -0.13
C ARG A 104 0.76 7.71 -1.51
N ALA A 105 1.20 8.39 -2.58
CA ALA A 105 0.87 8.00 -3.94
C ALA A 105 1.32 6.56 -4.26
N THR A 106 2.59 6.27 -3.95
CA THR A 106 3.24 5.03 -4.35
C THR A 106 2.56 3.82 -3.70
N MET A 107 2.15 3.91 -2.43
CA MET A 107 1.32 2.87 -1.84
C MET A 107 -0.02 2.77 -2.56
N THR A 108 -0.66 3.87 -2.98
CA THR A 108 -1.99 3.80 -3.58
C THR A 108 -2.00 2.87 -4.79
N ASN A 109 -1.00 2.95 -5.69
CA ASN A 109 -1.07 2.20 -6.95
C ASN A 109 -1.08 0.69 -6.66
N TRP A 110 -0.24 0.25 -5.71
CA TRP A 110 -0.25 -1.13 -5.23
C TRP A 110 -1.58 -1.44 -4.55
N LEU A 111 -2.14 -0.47 -3.82
CA LEU A 111 -3.33 -0.66 -3.02
C LEU A 111 -4.55 -0.73 -3.92
N LEU A 112 -4.37 -0.75 -5.25
CA LEU A 112 -5.45 -0.91 -6.20
C LEU A 112 -5.11 -1.97 -7.26
N ALA A 113 -3.85 -2.17 -7.61
CA ALA A 113 -3.38 -3.32 -8.38
C ALA A 113 -3.69 -4.63 -7.64
N TYR A 114 -3.63 -4.64 -6.31
CA TYR A 114 -3.93 -5.82 -5.54
C TYR A 114 -5.40 -6.26 -5.72
N ARG A 115 -6.38 -5.33 -5.76
CA ARG A 115 -7.76 -5.76 -5.93
C ARG A 115 -7.97 -6.32 -7.32
N ARG A 116 -7.19 -5.88 -8.32
CA ARG A 116 -7.17 -6.46 -9.65
C ARG A 116 -6.85 -7.94 -9.47
N SER A 117 -5.68 -8.26 -8.91
CA SER A 117 -5.20 -9.63 -8.86
C SER A 117 -6.13 -10.61 -8.15
N GLN A 118 -6.84 -10.10 -7.15
CA GLN A 118 -7.75 -10.90 -6.32
C GLN A 118 -8.76 -11.68 -7.16
N GLN A 119 -9.28 -11.00 -8.17
CA GLN A 119 -10.46 -11.37 -8.94
C GLN A 119 -10.25 -11.15 -10.44
N ASP A 120 -8.99 -11.20 -10.86
CA ASP A 120 -8.51 -10.77 -12.16
C ASP A 120 -9.16 -11.50 -13.31
N MET A 1 -5.66 -13.49 3.02
CA MET A 1 -6.98 -12.87 3.10
C MET A 1 -7.12 -11.92 1.92
N GLY A 2 -8.33 -11.61 1.47
CA GLY A 2 -8.58 -10.89 0.24
C GLY A 2 -9.59 -9.79 0.47
N ILE A 3 -9.15 -8.72 1.12
CA ILE A 3 -10.02 -7.58 1.42
C ILE A 3 -10.47 -6.95 0.11
N THR A 4 -11.66 -6.37 0.13
CA THR A 4 -12.20 -5.51 -0.91
C THR A 4 -11.48 -4.15 -0.86
N ILE A 5 -11.28 -3.50 -2.02
CA ILE A 5 -10.82 -2.13 -2.12
C ILE A 5 -11.90 -1.33 -2.85
N THR A 6 -12.00 -0.02 -2.57
CA THR A 6 -12.77 0.88 -3.40
C THR A 6 -11.95 2.11 -3.78
N ASP A 7 -12.26 2.65 -4.96
CA ASP A 7 -11.65 3.84 -5.53
C ASP A 7 -11.87 5.04 -4.64
N GLU A 8 -13.01 5.12 -3.94
CA GLU A 8 -13.26 6.18 -2.97
C GLU A 8 -12.19 6.12 -1.86
N LEU A 9 -11.99 4.93 -1.29
CA LEU A 9 -11.01 4.67 -0.25
C LEU A 9 -9.56 4.80 -0.74
N LEU A 10 -9.34 4.80 -2.05
CA LEU A 10 -8.03 5.01 -2.65
C LEU A 10 -7.78 6.52 -2.79
N TRP A 11 -8.79 7.27 -3.24
CA TRP A 11 -8.75 8.72 -3.29
C TRP A 11 -8.53 9.32 -1.89
N ALA A 12 -9.06 8.70 -0.84
CA ALA A 12 -8.86 9.12 0.53
C ALA A 12 -7.37 9.26 0.93
N ILE A 13 -6.48 8.41 0.39
CA ILE A 13 -5.05 8.46 0.70
C ILE A 13 -4.36 9.53 -0.18
N LEU A 14 -5.03 10.04 -1.21
CA LEU A 14 -4.48 11.06 -2.10
C LEU A 14 -4.84 12.45 -1.60
N LYS A 15 -6.10 12.67 -1.24
CA LYS A 15 -6.68 13.98 -0.94
C LYS A 15 -6.10 14.53 0.36
N ASP A 16 -6.69 14.14 1.49
CA ASP A 16 -6.27 14.38 2.86
C ASP A 16 -7.44 13.81 3.67
N GLU A 17 -7.47 12.49 3.87
CA GLU A 17 -8.44 11.84 4.71
C GLU A 17 -7.72 10.77 5.53
N LEU A 18 -6.95 9.87 4.90
CA LEU A 18 -6.13 8.93 5.66
C LEU A 18 -4.98 9.66 6.31
N SER A 19 -4.55 9.08 7.42
CA SER A 19 -3.46 9.64 8.20
C SER A 19 -2.16 8.89 7.87
N ASP A 20 -1.04 9.26 8.49
CA ASP A 20 0.27 8.71 8.16
C ASP A 20 0.35 7.25 8.59
N ALA A 21 0.24 6.96 9.89
CA ALA A 21 0.25 5.57 10.37
C ALA A 21 -0.94 4.78 9.82
N GLU A 22 -2.08 5.44 9.60
CA GLU A 22 -3.30 4.81 9.11
C GLU A 22 -3.13 4.41 7.63
N ALA A 23 -2.54 5.25 6.79
CA ALA A 23 -2.28 4.93 5.40
C ALA A 23 -1.34 3.74 5.29
N ASN A 24 -0.35 3.67 6.19
CA ASN A 24 0.50 2.50 6.36
C ASN A 24 -0.38 1.30 6.66
N ALA A 25 -1.25 1.41 7.68
CA ALA A 25 -2.12 0.35 8.13
C ALA A 25 -2.95 -0.26 6.99
N LEU A 26 -3.63 0.53 6.15
CA LEU A 26 -4.43 0.00 5.04
C LEU A 26 -3.65 -0.87 4.07
N VAL A 27 -2.33 -0.73 3.99
CA VAL A 27 -1.47 -1.59 3.19
C VAL A 27 -1.16 -2.85 3.98
N TRP A 28 -0.82 -2.68 5.26
CA TRP A 28 -0.47 -3.73 6.20
C TRP A 28 -1.60 -4.74 6.36
N GLN A 29 -2.87 -4.31 6.42
CA GLN A 29 -4.03 -5.21 6.43
C GLN A 29 -4.06 -6.09 5.17
N ALA A 30 -3.92 -5.50 3.98
CA ALA A 30 -4.08 -6.23 2.74
C ALA A 30 -2.96 -7.27 2.55
N LEU A 31 -1.75 -6.96 3.00
CA LEU A 31 -0.64 -7.91 3.10
C LEU A 31 -1.00 -8.96 4.14
N GLY A 32 -1.13 -8.56 5.41
CA GLY A 32 -1.39 -9.41 6.56
C GLY A 32 -0.58 -9.06 7.81
N TYR A 33 0.23 -7.98 7.79
CA TYR A 33 1.06 -7.54 8.92
C TYR A 33 0.22 -6.78 9.97
N VAL A 34 -0.82 -7.43 10.49
CA VAL A 34 -1.80 -6.78 11.35
C VAL A 34 -1.36 -7.00 12.79
N TRP A 35 -1.15 -5.94 13.57
CA TRP A 35 -0.76 -6.05 14.98
C TRP A 35 -1.78 -6.90 15.75
N ASP A 36 -1.37 -8.04 16.31
CA ASP A 36 -2.18 -8.85 17.21
C ASP A 36 -1.82 -8.46 18.64
N GLU A 37 -2.64 -7.59 19.22
CA GLU A 37 -2.51 -7.11 20.59
C GLU A 37 -2.46 -8.25 21.61
N ALA A 38 -3.20 -9.35 21.36
CA ALA A 38 -3.24 -10.52 22.24
C ALA A 38 -1.95 -11.33 22.18
N GLN A 39 -1.13 -11.12 21.16
CA GLN A 39 0.19 -11.74 21.01
C GLN A 39 1.30 -10.72 21.23
N SER A 40 0.91 -9.45 21.47
CA SER A 40 1.78 -8.30 21.58
C SER A 40 2.83 -8.28 20.47
N CYS A 41 2.48 -8.72 19.26
CA CYS A 41 3.36 -8.76 18.10
C CYS A 41 2.56 -8.72 16.81
N TRP A 42 3.26 -8.53 15.70
CA TRP A 42 2.70 -8.51 14.37
C TRP A 42 2.17 -9.89 13.99
N LYS A 43 1.00 -9.97 13.36
CA LYS A 43 0.64 -11.20 12.67
C LYS A 43 1.49 -11.29 11.43
N THR A 44 1.68 -12.54 11.01
CA THR A 44 2.29 -12.85 9.74
C THR A 44 1.61 -14.08 9.11
N ASP A 45 0.58 -14.69 9.73
CA ASP A 45 -0.09 -15.86 9.15
C ASP A 45 -0.70 -15.50 7.81
N LEU A 46 -1.23 -14.27 7.71
CA LEU A 46 -2.08 -13.86 6.61
C LEU A 46 -1.29 -13.36 5.40
N VAL A 47 0.05 -13.38 5.49
CA VAL A 47 0.93 -12.85 4.46
C VAL A 47 1.69 -13.98 3.76
N ALA A 48 2.19 -13.72 2.55
CA ALA A 48 2.93 -14.69 1.76
C ALA A 48 4.28 -14.98 2.42
N PRO A 49 4.83 -16.19 2.24
CA PRO A 49 6.09 -16.57 2.86
C PRO A 49 7.22 -15.68 2.32
N GLU A 50 7.20 -15.34 1.03
CA GLU A 50 8.18 -14.47 0.40
C GLU A 50 8.07 -13.02 0.89
N TRP A 51 7.11 -12.68 1.75
CA TRP A 51 7.01 -11.39 2.41
C TRP A 51 7.44 -11.51 3.86
N ARG A 52 6.81 -12.37 4.66
CA ARG A 52 7.15 -12.51 6.09
C ARG A 52 8.58 -13.03 6.33
N GLN A 53 9.24 -13.52 5.28
CA GLN A 53 10.52 -14.24 5.28
C GLN A 53 11.58 -13.59 6.16
N ASP A 54 11.77 -12.28 6.02
CA ASP A 54 12.88 -11.52 6.59
C ASP A 54 12.36 -10.16 7.09
N TYR A 55 11.04 -10.02 7.27
CA TYR A 55 10.33 -8.80 7.64
C TYR A 55 9.89 -8.94 9.10
N PRO A 56 10.73 -8.62 10.10
CA PRO A 56 10.34 -8.57 11.50
C PRO A 56 9.27 -7.51 11.79
N GLU A 57 9.19 -6.45 10.98
CA GLU A 57 8.21 -5.36 11.15
C GLU A 57 7.40 -5.19 9.86
N PRO A 58 6.24 -4.51 9.96
CA PRO A 58 5.48 -4.12 8.79
C PRO A 58 6.29 -3.14 7.93
N PRO A 59 6.00 -3.09 6.61
CA PRO A 59 6.78 -2.32 5.67
C PRO A 59 6.55 -0.81 5.88
N ASP A 60 7.57 -0.11 6.35
CA ASP A 60 7.53 1.34 6.55
C ASP A 60 7.80 2.03 5.21
N PHE A 61 6.75 2.60 4.60
CA PHE A 61 6.89 3.35 3.34
C PHE A 61 7.25 4.83 3.58
N ILE A 62 7.11 5.32 4.81
CA ILE A 62 7.13 6.75 5.14
C ILE A 62 8.50 7.14 5.65
N ALA A 63 9.11 6.30 6.50
CA ALA A 63 10.47 6.49 7.02
C ALA A 63 11.50 5.66 6.25
N SER A 64 11.09 4.73 5.39
CA SER A 64 12.02 3.89 4.64
C SER A 64 11.51 3.60 3.23
N ARG A 65 12.28 2.88 2.40
CA ARG A 65 11.74 2.33 1.17
C ARG A 65 12.31 0.96 0.78
N PRO A 66 12.33 -0.06 1.67
CA PRO A 66 12.72 -1.41 1.27
C PRO A 66 11.60 -2.10 0.52
N ALA A 67 10.36 -1.97 1.01
CA ALA A 67 9.23 -2.69 0.47
C ALA A 67 8.84 -2.16 -0.90
N THR A 68 9.27 -0.97 -1.28
CA THR A 68 9.07 -0.37 -2.59
C THR A 68 9.55 -1.31 -3.70
N VAL A 69 10.69 -2.00 -3.53
CA VAL A 69 11.20 -2.97 -4.48
C VAL A 69 10.24 -4.17 -4.57
N LYS A 70 9.79 -4.63 -3.42
CA LYS A 70 8.93 -5.80 -3.23
C LYS A 70 7.58 -5.55 -3.87
N LEU A 71 6.97 -4.38 -3.60
CA LEU A 71 5.79 -3.84 -4.26
C LEU A 71 5.97 -3.90 -5.76
N THR A 72 7.08 -3.39 -6.30
CA THR A 72 7.30 -3.32 -7.74
C THR A 72 7.26 -4.73 -8.35
N ARG A 73 7.72 -5.76 -7.63
CA ARG A 73 7.60 -7.12 -8.14
C ARG A 73 6.16 -7.54 -8.37
N SER A 74 5.23 -7.03 -7.55
CA SER A 74 3.79 -7.20 -7.67
C SER A 74 3.12 -6.11 -8.52
N ILE A 75 3.87 -5.21 -9.19
CA ILE A 75 3.35 -4.16 -10.06
C ILE A 75 3.79 -4.50 -11.50
N PRO A 76 3.03 -5.34 -12.22
CA PRO A 76 3.35 -5.78 -13.57
C PRO A 76 3.13 -4.66 -14.60
N ALA A 77 3.52 -4.89 -15.84
CA ALA A 77 3.43 -3.94 -16.95
C ALA A 77 2.02 -3.38 -17.20
N PRO A 78 0.92 -4.17 -17.15
CA PRO A 78 -0.44 -3.65 -17.33
C PRO A 78 -0.93 -2.80 -16.15
N TYR A 79 -0.30 -2.80 -14.98
CA TYR A 79 -0.89 -2.23 -13.76
C TYR A 79 -0.12 -1.01 -13.23
N LYS A 80 0.84 -0.51 -14.01
CA LYS A 80 1.73 0.57 -13.59
C LYS A 80 0.95 1.83 -13.18
N GLN A 81 0.01 2.26 -14.03
CA GLN A 81 -0.55 3.62 -14.00
C GLN A 81 -1.99 3.64 -13.50
N LEU A 82 -2.44 2.66 -12.73
CA LEU A 82 -3.85 2.52 -12.35
C LEU A 82 -4.33 3.71 -11.49
N LEU A 83 -3.42 4.39 -10.79
CA LEU A 83 -3.67 5.69 -10.16
C LEU A 83 -4.12 6.78 -11.16
N LYS A 84 -4.02 6.54 -12.47
CA LYS A 84 -4.60 7.34 -13.53
C LYS A 84 -5.65 6.53 -14.27
N GLU A 85 -5.38 5.27 -14.60
CA GLU A 85 -6.28 4.47 -15.43
C GLU A 85 -7.61 4.11 -14.75
N GLU A 86 -7.76 4.27 -13.42
CA GLU A 86 -9.03 4.05 -12.76
C GLU A 86 -9.40 5.41 -12.17
N LEU A 87 -8.49 5.96 -11.35
CA LEU A 87 -8.69 7.18 -10.59
C LEU A 87 -8.60 8.43 -11.46
N GLY A 88 -7.42 8.68 -12.01
CA GLY A 88 -7.14 9.88 -12.80
C GLY A 88 -6.21 10.87 -12.10
N PHE A 89 -5.44 10.46 -11.08
CA PHE A 89 -4.56 11.33 -10.31
C PHE A 89 -3.16 11.50 -10.90
N ALA A 90 -2.71 10.50 -11.65
CA ALA A 90 -1.37 10.31 -12.19
C ALA A 90 -0.29 10.40 -11.12
N GLY A 91 0.15 11.63 -10.81
CA GLY A 91 1.09 11.87 -9.77
C GLY A 91 1.07 13.30 -9.26
N TYR A 92 2.02 13.63 -8.39
CA TYR A 92 2.11 14.96 -7.79
C TYR A 92 2.70 15.98 -8.74
N SER A 93 2.13 17.18 -8.71
CA SER A 93 2.72 18.39 -9.24
C SER A 93 3.95 18.80 -8.43
N ILE A 94 4.71 19.72 -9.00
CA ILE A 94 6.02 20.18 -8.54
C ILE A 94 5.94 20.90 -7.19
N ASN A 95 4.98 21.80 -7.10
CA ASN A 95 4.65 22.61 -5.94
C ASN A 95 4.29 21.76 -4.71
N GLU A 96 3.89 20.51 -4.90
CA GLU A 96 3.40 19.62 -3.86
C GLU A 96 4.33 18.42 -3.64
N LEU A 97 5.52 18.38 -4.25
CA LEU A 97 6.35 17.18 -4.40
C LEU A 97 7.17 16.77 -3.16
N VAL A 98 6.56 16.93 -2.00
CA VAL A 98 7.12 16.62 -0.69
C VAL A 98 7.28 15.11 -0.51
N PRO A 99 8.21 14.66 0.33
CA PRO A 99 8.37 13.24 0.61
C PRO A 99 7.16 12.66 1.34
N ARG A 100 6.34 13.47 2.02
CA ARG A 100 5.19 12.84 2.71
C ARG A 100 4.10 12.46 1.71
N LYS A 101 4.00 13.19 0.59
CA LYS A 101 2.99 12.95 -0.43
C LYS A 101 3.41 11.81 -1.33
N THR A 102 4.62 11.85 -1.88
CA THR A 102 5.11 10.85 -2.82
C THR A 102 4.90 9.45 -2.23
N ARG A 103 5.39 9.26 -1.01
CA ARG A 103 5.34 8.00 -0.28
C ARG A 103 3.90 7.51 -0.12
N ARG A 104 2.92 8.37 0.21
CA ARG A 104 1.50 7.99 0.22
C ARG A 104 1.10 7.40 -1.14
N ALA A 105 1.42 8.05 -2.26
CA ALA A 105 1.02 7.53 -3.55
C ALA A 105 1.70 6.20 -3.88
N THR A 106 2.95 5.98 -3.44
CA THR A 106 3.69 4.77 -3.77
C THR A 106 2.92 3.52 -3.31
N MET A 107 2.41 3.52 -2.07
CA MET A 107 1.68 2.36 -1.57
C MET A 107 0.31 2.24 -2.25
N THR A 108 -0.39 3.36 -2.49
CA THR A 108 -1.67 3.37 -3.16
C THR A 108 -1.54 2.79 -4.58
N ASN A 109 -0.43 3.04 -5.28
CA ASN A 109 -0.15 2.49 -6.61
C ASN A 109 -0.26 0.96 -6.61
N TRP A 110 0.24 0.30 -5.56
CA TRP A 110 0.14 -1.13 -5.39
C TRP A 110 -1.28 -1.56 -5.06
N LEU A 111 -2.02 -0.84 -4.23
CA LEU A 111 -3.38 -1.23 -3.83
C LEU A 111 -4.28 -1.45 -5.04
N LEU A 112 -4.12 -0.63 -6.09
CA LEU A 112 -4.79 -0.87 -7.37
C LEU A 112 -4.39 -2.25 -7.93
N ALA A 113 -3.10 -2.48 -8.18
CA ALA A 113 -2.62 -3.74 -8.77
C ALA A 113 -3.04 -4.97 -7.94
N TYR A 114 -3.17 -4.78 -6.63
CA TYR A 114 -3.64 -5.78 -5.70
C TYR A 114 -5.09 -6.14 -6.03
N ARG A 115 -6.05 -5.20 -5.96
CA ARG A 115 -7.45 -5.56 -6.23
C ARG A 115 -7.65 -6.12 -7.63
N ARG A 116 -6.84 -5.68 -8.60
CA ARG A 116 -6.90 -6.18 -9.95
C ARG A 116 -6.66 -7.68 -10.02
N SER A 117 -5.92 -8.24 -9.08
CA SER A 117 -5.62 -9.65 -9.02
C SER A 117 -6.80 -10.48 -8.47
N GLN A 118 -7.84 -9.85 -7.89
CA GLN A 118 -8.94 -10.52 -7.18
C GLN A 118 -10.30 -10.41 -7.89
N GLN A 119 -10.45 -9.38 -8.74
CA GLN A 119 -11.57 -9.00 -9.55
C GLN A 119 -12.84 -9.10 -8.72
N ASP A 120 -12.73 -8.48 -7.54
CA ASP A 120 -13.55 -8.80 -6.40
C ASP A 120 -15.01 -8.37 -6.57
N MET A 1 -6.15 -14.08 3.12
CA MET A 1 -6.66 -12.70 3.22
C MET A 1 -6.96 -12.17 1.82
N GLY A 2 -7.99 -11.32 1.68
CA GLY A 2 -8.40 -10.78 0.39
C GLY A 2 -9.43 -9.67 0.60
N ILE A 3 -8.96 -8.53 1.10
CA ILE A 3 -9.78 -7.35 1.39
C ILE A 3 -10.24 -6.74 0.04
N THR A 4 -11.28 -5.92 0.05
CA THR A 4 -11.71 -5.11 -1.10
C THR A 4 -11.17 -3.69 -0.92
N ILE A 5 -10.33 -3.23 -1.86
CA ILE A 5 -10.03 -1.81 -2.01
C ILE A 5 -11.27 -1.13 -2.60
N THR A 6 -11.47 0.13 -2.24
CA THR A 6 -12.50 1.00 -2.79
C THR A 6 -11.85 2.29 -3.26
N ASP A 7 -12.44 2.91 -4.28
CA ASP A 7 -11.99 4.18 -4.84
C ASP A 7 -12.03 5.26 -3.77
N GLU A 8 -13.07 5.23 -2.94
CA GLU A 8 -13.35 6.31 -1.99
C GLU A 8 -12.24 6.36 -0.93
N LEU A 9 -11.81 5.18 -0.48
CA LEU A 9 -10.74 4.95 0.45
C LEU A 9 -9.40 5.36 -0.15
N LEU A 10 -9.21 5.21 -1.46
CA LEU A 10 -7.99 5.67 -2.14
C LEU A 10 -7.98 7.19 -2.23
N TRP A 11 -9.13 7.78 -2.56
CA TRP A 11 -9.32 9.21 -2.71
C TRP A 11 -9.00 9.94 -1.40
N ALA A 12 -9.44 9.42 -0.26
CA ALA A 12 -9.10 9.94 1.06
C ALA A 12 -7.61 10.23 1.20
N ILE A 13 -6.77 9.27 0.78
CA ILE A 13 -5.31 9.35 0.82
C ILE A 13 -4.87 10.54 -0.04
N LEU A 14 -5.30 10.52 -1.29
CA LEU A 14 -4.83 11.42 -2.35
C LEU A 14 -5.21 12.87 -2.04
N LYS A 15 -6.32 13.07 -1.34
CA LYS A 15 -6.64 14.31 -0.69
C LYS A 15 -5.65 14.54 0.45
N ASP A 16 -5.89 14.01 1.65
CA ASP A 16 -5.08 14.29 2.84
C ASP A 16 -5.51 13.50 4.08
N GLU A 17 -6.65 12.79 4.03
CA GLU A 17 -7.45 12.40 5.18
C GLU A 17 -6.80 11.27 5.98
N LEU A 18 -6.01 10.40 5.33
CA LEU A 18 -5.33 9.34 6.06
C LEU A 18 -4.37 9.95 7.06
N SER A 19 -4.04 9.18 8.08
CA SER A 19 -2.94 9.50 8.98
C SER A 19 -1.67 8.79 8.53
N ASP A 20 -0.53 9.01 9.19
CA ASP A 20 0.74 8.43 8.77
C ASP A 20 0.70 6.92 9.06
N ALA A 21 0.45 6.56 10.32
CA ALA A 21 0.38 5.19 10.78
C ALA A 21 -0.83 4.47 10.19
N GLU A 22 -1.88 5.22 9.85
CA GLU A 22 -3.09 4.70 9.26
C GLU A 22 -2.89 4.40 7.76
N ALA A 23 -2.15 5.27 7.05
CA ALA A 23 -1.80 5.01 5.67
C ALA A 23 -0.96 3.74 5.55
N ASN A 24 -0.05 3.53 6.50
CA ASN A 24 0.70 2.30 6.68
C ASN A 24 -0.28 1.16 6.92
N ALA A 25 -1.12 1.29 7.95
CA ALA A 25 -2.09 0.29 8.38
C ALA A 25 -2.88 -0.27 7.21
N LEU A 26 -3.50 0.57 6.38
CA LEU A 26 -4.33 0.10 5.26
C LEU A 26 -3.56 -0.76 4.25
N VAL A 27 -2.25 -0.60 4.11
CA VAL A 27 -1.44 -1.51 3.28
C VAL A 27 -1.13 -2.77 4.08
N TRP A 28 -0.80 -2.62 5.36
CA TRP A 28 -0.44 -3.71 6.24
C TRP A 28 -1.57 -4.71 6.38
N GLN A 29 -2.83 -4.26 6.53
CA GLN A 29 -4.00 -5.15 6.54
C GLN A 29 -4.09 -5.98 5.26
N ALA A 30 -3.86 -5.35 4.10
CA ALA A 30 -4.04 -5.95 2.78
C ALA A 30 -2.94 -6.96 2.47
N LEU A 31 -1.71 -6.69 2.91
CA LEU A 31 -0.61 -7.65 2.89
C LEU A 31 -0.91 -8.78 3.85
N GLY A 32 -1.20 -8.45 5.11
CA GLY A 32 -1.48 -9.35 6.22
C GLY A 32 -0.61 -9.07 7.46
N TYR A 33 0.15 -7.97 7.50
CA TYR A 33 0.93 -7.50 8.65
C TYR A 33 0.02 -6.82 9.69
N VAL A 34 -1.07 -7.49 10.06
CA VAL A 34 -1.97 -7.03 11.09
C VAL A 34 -1.25 -7.11 12.46
N TRP A 35 -1.44 -6.09 13.29
CA TRP A 35 -1.05 -6.11 14.70
C TRP A 35 -2.09 -6.91 15.47
N ASP A 36 -1.66 -7.58 16.54
CA ASP A 36 -2.55 -8.12 17.57
C ASP A 36 -2.21 -7.43 18.87
N GLU A 37 -3.03 -6.48 19.30
CA GLU A 37 -3.02 -5.93 20.65
C GLU A 37 -3.17 -7.04 21.70
N ALA A 38 -3.84 -8.12 21.30
CA ALA A 38 -4.10 -9.30 22.09
C ALA A 38 -2.88 -10.21 22.23
N GLN A 39 -1.79 -9.95 21.49
CA GLN A 39 -0.53 -10.69 21.51
C GLN A 39 0.68 -9.74 21.61
N SER A 40 0.45 -8.43 21.61
CA SER A 40 1.44 -7.37 21.46
C SER A 40 2.48 -7.61 20.35
N CYS A 41 2.07 -8.19 19.21
CA CYS A 41 2.98 -8.54 18.12
C CYS A 41 2.28 -8.46 16.75
N TRP A 42 3.06 -8.58 15.68
CA TRP A 42 2.62 -8.63 14.29
C TRP A 42 2.43 -10.09 13.91
N LYS A 43 1.20 -10.57 13.70
CA LYS A 43 1.05 -12.04 13.72
C LYS A 43 1.58 -12.76 12.48
N THR A 44 1.89 -11.93 11.50
CA THR A 44 2.23 -12.22 10.11
C THR A 44 1.31 -13.28 9.51
N ASP A 45 0.16 -13.55 10.14
CA ASP A 45 -0.47 -14.84 9.98
C ASP A 45 -1.29 -14.80 8.71
N LEU A 46 -1.79 -13.59 8.39
CA LEU A 46 -2.61 -13.33 7.25
C LEU A 46 -1.76 -12.95 6.04
N VAL A 47 -0.42 -12.87 6.17
CA VAL A 47 0.46 -12.48 5.07
C VAL A 47 1.01 -13.70 4.31
N ALA A 48 1.35 -13.48 3.05
CA ALA A 48 1.91 -14.49 2.17
C ALA A 48 3.33 -14.85 2.62
N PRO A 49 3.78 -16.09 2.38
CA PRO A 49 5.08 -16.55 2.84
C PRO A 49 6.19 -15.72 2.19
N GLU A 50 6.03 -15.37 0.90
CA GLU A 50 7.02 -14.61 0.14
C GLU A 50 7.37 -13.26 0.79
N TRP A 51 6.41 -12.68 1.51
CA TRP A 51 6.57 -11.39 2.16
C TRP A 51 7.20 -11.62 3.53
N ARG A 52 6.49 -12.34 4.40
CA ARG A 52 6.88 -12.46 5.81
C ARG A 52 8.20 -13.19 6.05
N GLN A 53 8.70 -13.95 5.06
CA GLN A 53 9.87 -14.82 5.13
C GLN A 53 11.06 -14.17 5.84
N ASP A 54 11.39 -12.93 5.47
CA ASP A 54 12.54 -12.19 5.99
C ASP A 54 12.08 -10.94 6.73
N TYR A 55 10.76 -10.75 6.90
CA TYR A 55 10.13 -9.51 7.34
C TYR A 55 9.50 -9.78 8.71
N PRO A 56 10.25 -9.71 9.81
CA PRO A 56 9.70 -9.83 11.15
C PRO A 56 8.89 -8.59 11.57
N GLU A 57 9.13 -7.45 10.92
CA GLU A 57 8.48 -6.17 11.15
C GLU A 57 7.73 -5.77 9.88
N PRO A 58 6.72 -4.89 9.99
CA PRO A 58 5.93 -4.46 8.86
C PRO A 58 6.73 -3.55 7.92
N PRO A 59 6.31 -3.42 6.65
CA PRO A 59 6.99 -2.57 5.68
C PRO A 59 6.70 -1.10 5.97
N ASP A 60 7.67 -0.40 6.53
CA ASP A 60 7.57 1.00 6.92
C ASP A 60 7.80 1.88 5.69
N PHE A 61 6.77 2.49 5.12
CA PHE A 61 6.85 3.11 3.79
C PHE A 61 7.20 4.60 3.78
N ILE A 62 6.86 5.34 4.83
CA ILE A 62 7.01 6.79 4.86
C ILE A 62 8.50 7.09 5.13
N ALA A 63 9.06 6.45 6.15
CA ALA A 63 10.46 6.54 6.51
C ALA A 63 11.31 5.89 5.43
N SER A 64 10.96 4.66 5.05
CA SER A 64 11.87 3.72 4.42
C SER A 64 11.42 3.35 3.01
N ARG A 65 12.36 3.01 2.12
CA ARG A 65 12.01 2.39 0.84
C ARG A 65 12.80 1.10 0.54
N PRO A 66 12.85 0.11 1.44
CA PRO A 66 13.31 -1.23 1.11
C PRO A 66 12.14 -2.08 0.59
N ALA A 67 11.02 -2.08 1.32
CA ALA A 67 9.82 -2.81 0.97
C ALA A 67 9.22 -2.29 -0.32
N THR A 68 9.44 -1.02 -0.64
CA THR A 68 9.07 -0.40 -1.90
C THR A 68 9.60 -1.20 -3.11
N VAL A 69 10.78 -1.84 -3.03
CA VAL A 69 11.32 -2.68 -4.10
C VAL A 69 10.40 -3.90 -4.28
N LYS A 70 10.00 -4.53 -3.18
CA LYS A 70 9.16 -5.72 -3.17
C LYS A 70 7.78 -5.38 -3.71
N LEU A 71 7.20 -4.28 -3.20
CA LEU A 71 5.94 -3.69 -3.66
C LEU A 71 5.95 -3.44 -5.16
N THR A 72 7.09 -2.99 -5.70
CA THR A 72 7.27 -2.69 -7.11
C THR A 72 7.23 -3.95 -7.98
N ARG A 73 7.65 -5.11 -7.45
CA ARG A 73 7.53 -6.37 -8.20
C ARG A 73 6.07 -6.61 -8.56
N SER A 74 5.18 -6.39 -7.59
CA SER A 74 3.73 -6.49 -7.73
C SER A 74 3.11 -5.28 -8.46
N ILE A 75 3.87 -4.45 -9.15
CA ILE A 75 3.36 -3.48 -10.11
C ILE A 75 3.85 -3.92 -11.50
N PRO A 76 3.13 -4.83 -12.19
CA PRO A 76 3.48 -5.31 -13.53
C PRO A 76 3.24 -4.20 -14.57
N ALA A 77 3.64 -4.44 -15.83
CA ALA A 77 3.52 -3.49 -16.93
C ALA A 77 2.08 -2.97 -17.12
N PRO A 78 1.03 -3.81 -17.18
CA PRO A 78 -0.36 -3.34 -17.33
C PRO A 78 -0.89 -2.51 -16.17
N TYR A 79 -0.18 -2.43 -15.04
CA TYR A 79 -0.66 -1.81 -13.81
C TYR A 79 0.22 -0.62 -13.37
N LYS A 80 1.07 -0.13 -14.28
CA LYS A 80 2.05 0.90 -13.98
C LYS A 80 1.42 2.20 -13.48
N GLN A 81 0.26 2.63 -13.99
CA GLN A 81 -0.28 3.96 -13.69
C GLN A 81 -1.73 3.87 -13.22
N LEU A 82 -2.10 2.83 -12.47
CA LEU A 82 -3.49 2.60 -12.07
C LEU A 82 -4.07 3.77 -11.28
N LEU A 83 -3.24 4.58 -10.62
CA LEU A 83 -3.68 5.83 -10.00
C LEU A 83 -4.38 6.76 -10.98
N LYS A 84 -4.01 6.75 -12.26
CA LYS A 84 -4.56 7.61 -13.31
C LYS A 84 -5.43 6.81 -14.27
N GLU A 85 -5.09 5.57 -14.57
CA GLU A 85 -5.91 4.69 -15.39
C GLU A 85 -7.29 4.56 -14.76
N GLU A 86 -7.33 4.20 -13.48
CA GLU A 86 -8.56 3.91 -12.78
C GLU A 86 -9.15 5.24 -12.28
N LEU A 87 -8.58 5.84 -11.22
CA LEU A 87 -9.20 7.00 -10.57
C LEU A 87 -9.12 8.27 -11.41
N GLY A 88 -8.09 8.42 -12.25
CA GLY A 88 -7.81 9.68 -12.91
C GLY A 88 -7.16 10.69 -11.96
N PHE A 89 -6.33 10.24 -11.02
CA PHE A 89 -5.64 11.17 -10.10
C PHE A 89 -4.63 12.09 -10.77
N ALA A 90 -4.14 11.70 -11.94
CA ALA A 90 -3.07 12.29 -12.72
C ALA A 90 -1.73 11.96 -12.09
N GLY A 91 -0.73 12.82 -12.31
CA GLY A 91 0.46 12.76 -11.50
C GLY A 91 0.57 13.97 -10.59
N TYR A 92 1.71 14.09 -9.91
CA TYR A 92 1.93 15.11 -8.89
C TYR A 92 2.18 16.48 -9.52
N SER A 93 2.05 17.51 -8.70
CA SER A 93 2.44 18.88 -9.01
C SER A 93 3.68 19.23 -8.21
N ILE A 94 4.46 20.22 -8.68
CA ILE A 94 5.65 20.65 -7.97
C ILE A 94 5.30 21.14 -6.57
N ASN A 95 4.20 21.89 -6.45
CA ASN A 95 3.78 22.48 -5.19
C ASN A 95 3.38 21.42 -4.16
N GLU A 96 3.18 20.17 -4.58
CA GLU A 96 2.78 19.06 -3.73
C GLU A 96 3.95 18.08 -3.48
N LEU A 97 5.14 18.28 -4.06
CA LEU A 97 6.08 17.17 -4.28
C LEU A 97 6.93 16.91 -3.03
N VAL A 98 6.32 16.22 -2.07
CA VAL A 98 6.86 15.99 -0.74
C VAL A 98 7.04 14.50 -0.50
N PRO A 99 8.11 14.08 0.22
CA PRO A 99 8.25 12.71 0.67
C PRO A 99 7.11 12.29 1.59
N ARG A 100 6.39 13.24 2.21
CA ARG A 100 5.26 12.92 3.07
C ARG A 100 4.04 12.37 2.34
N LYS A 101 4.05 12.34 1.00
CA LYS A 101 2.86 12.05 0.23
C LYS A 101 3.17 11.17 -0.97
N THR A 102 4.33 11.40 -1.59
CA THR A 102 4.83 10.55 -2.66
C THR A 102 4.98 9.10 -2.17
N ARG A 103 5.41 8.89 -0.92
CA ARG A 103 5.45 7.54 -0.35
C ARG A 103 4.04 6.96 -0.33
N ARG A 104 3.03 7.73 0.07
CA ARG A 104 1.65 7.27 0.01
C ARG A 104 1.26 6.92 -1.41
N ALA A 105 1.44 7.81 -2.40
CA ALA A 105 1.01 7.52 -3.75
C ALA A 105 1.69 6.29 -4.38
N THR A 106 2.94 5.97 -4.00
CA THR A 106 3.54 4.67 -4.33
C THR A 106 2.59 3.53 -3.91
N MET A 107 2.22 3.49 -2.63
CA MET A 107 1.34 2.49 -2.05
C MET A 107 -0.04 2.55 -2.72
N THR A 108 -0.58 3.74 -2.96
CA THR A 108 -1.90 3.90 -3.52
C THR A 108 -1.99 3.24 -4.89
N ASN A 109 -0.99 3.37 -5.77
CA ASN A 109 -0.94 2.62 -7.02
C ASN A 109 -0.92 1.10 -6.80
N TRP A 110 -0.14 0.65 -5.80
CA TRP A 110 -0.07 -0.77 -5.46
C TRP A 110 -1.42 -1.28 -4.99
N LEU A 111 -2.22 -0.50 -4.27
CA LEU A 111 -3.52 -0.95 -3.77
C LEU A 111 -4.39 -1.36 -4.95
N LEU A 112 -4.46 -0.57 -6.04
CA LEU A 112 -5.11 -1.00 -7.26
C LEU A 112 -4.44 -2.26 -7.82
N ALA A 113 -3.10 -2.25 -7.94
CA ALA A 113 -2.39 -3.37 -8.56
C ALA A 113 -2.59 -4.68 -7.78
N TYR A 114 -2.83 -4.61 -6.48
CA TYR A 114 -3.14 -5.77 -5.65
C TYR A 114 -4.59 -6.17 -5.82
N ARG A 115 -5.57 -5.25 -5.71
CA ARG A 115 -6.97 -5.67 -5.88
C ARG A 115 -7.19 -6.31 -7.25
N ARG A 116 -6.52 -5.79 -8.28
CA ARG A 116 -6.56 -6.35 -9.63
C ARG A 116 -6.11 -7.81 -9.69
N SER A 117 -5.19 -8.25 -8.84
CA SER A 117 -4.75 -9.63 -8.77
C SER A 117 -5.80 -10.55 -8.09
N GLN A 118 -6.92 -10.02 -7.56
CA GLN A 118 -7.87 -10.84 -6.80
C GLN A 118 -8.91 -11.52 -7.68
N GLN A 119 -9.34 -10.84 -8.75
CA GLN A 119 -10.36 -11.30 -9.70
C GLN A 119 -9.73 -12.07 -10.86
N ASP A 120 -8.49 -12.49 -10.66
CA ASP A 120 -7.77 -13.41 -11.53
C ASP A 120 -8.56 -14.70 -11.68
N MET A 1 -4.99 -12.84 2.87
CA MET A 1 -5.89 -11.78 3.35
C MET A 1 -6.53 -11.05 2.17
N GLY A 2 -7.76 -11.38 1.77
CA GLY A 2 -8.33 -10.91 0.52
C GLY A 2 -9.18 -9.66 0.62
N ILE A 3 -8.69 -8.67 1.36
CA ILE A 3 -9.40 -7.43 1.63
C ILE A 3 -9.73 -6.73 0.31
N THR A 4 -10.88 -6.08 0.30
CA THR A 4 -11.41 -5.35 -0.84
C THR A 4 -10.91 -3.91 -0.81
N ILE A 5 -10.73 -3.33 -2.00
CA ILE A 5 -10.06 -2.06 -2.19
C ILE A 5 -10.95 -1.13 -2.98
N THR A 6 -11.60 -0.25 -2.25
CA THR A 6 -12.38 0.86 -2.77
C THR A 6 -11.47 1.85 -3.50
N ASP A 7 -11.92 2.38 -4.63
CA ASP A 7 -11.27 3.48 -5.35
C ASP A 7 -11.31 4.74 -4.50
N GLU A 8 -12.41 4.94 -3.77
CA GLU A 8 -12.56 6.09 -2.89
C GLU A 8 -11.51 6.08 -1.77
N LEU A 9 -11.15 4.90 -1.26
CA LEU A 9 -10.14 4.78 -0.24
C LEU A 9 -8.79 5.18 -0.81
N LEU A 10 -8.49 4.91 -2.08
CA LEU A 10 -7.20 5.28 -2.65
C LEU A 10 -7.04 6.80 -2.64
N TRP A 11 -8.13 7.53 -2.92
CA TRP A 11 -8.14 8.98 -2.80
C TRP A 11 -7.88 9.44 -1.35
N ALA A 12 -8.10 8.61 -0.33
CA ALA A 12 -7.96 9.02 1.07
C ALA A 12 -6.51 9.33 1.44
N ILE A 13 -5.56 8.55 0.91
CA ILE A 13 -4.12 8.79 1.05
C ILE A 13 -3.77 10.10 0.33
N LEU A 14 -4.40 10.34 -0.82
CA LEU A 14 -4.00 11.36 -1.77
C LEU A 14 -4.47 12.74 -1.33
N LYS A 15 -5.75 12.85 -0.98
CA LYS A 15 -6.40 14.09 -0.57
C LYS A 15 -5.85 14.51 0.78
N ASP A 16 -6.43 14.02 1.89
CA ASP A 16 -6.22 14.53 3.24
C ASP A 16 -7.12 13.84 4.28
N GLU A 17 -7.60 12.63 4.02
CA GLU A 17 -8.34 11.83 4.96
C GLU A 17 -7.33 11.09 5.84
N LEU A 18 -6.61 10.10 5.29
CA LEU A 18 -5.62 9.33 6.04
C LEU A 18 -4.46 10.23 6.41
N SER A 19 -3.73 9.80 7.42
CA SER A 19 -2.47 10.41 7.82
C SER A 19 -1.32 9.60 7.22
N ASP A 20 -0.09 10.02 7.53
CA ASP A 20 1.13 9.36 7.10
C ASP A 20 1.17 7.92 7.63
N ALA A 21 1.30 7.73 8.94
CA ALA A 21 1.36 6.43 9.60
C ALA A 21 0.12 5.59 9.31
N GLU A 22 -1.05 6.23 9.39
CA GLU A 22 -2.34 5.55 9.27
C GLU A 22 -2.49 4.95 7.87
N ALA A 23 -2.02 5.66 6.84
CA ALA A 23 -2.11 5.17 5.48
C ALA A 23 -1.32 3.86 5.34
N ASN A 24 -0.20 3.71 6.08
CA ASN A 24 0.61 2.50 6.02
C ASN A 24 -0.18 1.31 6.54
N ALA A 25 -1.01 1.51 7.57
CA ALA A 25 -1.74 0.44 8.23
C ALA A 25 -2.57 -0.36 7.24
N LEU A 26 -3.26 0.32 6.31
CA LEU A 26 -4.12 -0.34 5.33
C LEU A 26 -3.33 -1.16 4.31
N VAL A 27 -2.07 -0.81 4.04
CA VAL A 27 -1.17 -1.69 3.27
C VAL A 27 -0.84 -2.92 4.12
N TRP A 28 -0.45 -2.73 5.39
CA TRP A 28 -0.06 -3.82 6.29
C TRP A 28 -1.15 -4.89 6.37
N GLN A 29 -2.41 -4.49 6.59
CA GLN A 29 -3.52 -5.45 6.67
C GLN A 29 -3.69 -6.23 5.37
N ALA A 30 -3.67 -5.57 4.21
CA ALA A 30 -3.91 -6.21 2.92
C ALA A 30 -2.88 -7.29 2.60
N LEU A 31 -1.63 -7.16 3.04
CA LEU A 31 -0.69 -8.26 2.97
C LEU A 31 -1.15 -9.35 3.92
N GLY A 32 -1.37 -8.99 5.18
CA GLY A 32 -1.81 -9.89 6.23
C GLY A 32 -1.17 -9.59 7.58
N TYR A 33 -0.33 -8.55 7.68
CA TYR A 33 0.29 -8.06 8.92
C TYR A 33 -0.70 -7.20 9.71
N VAL A 34 -1.93 -7.70 9.87
CA VAL A 34 -2.82 -7.26 10.91
C VAL A 34 -2.17 -7.46 12.28
N TRP A 35 -2.18 -6.42 13.11
CA TRP A 35 -1.78 -6.48 14.50
C TRP A 35 -2.76 -7.36 15.25
N ASP A 36 -2.26 -8.39 15.92
CA ASP A 36 -3.04 -9.16 16.88
C ASP A 36 -2.70 -8.72 18.30
N GLU A 37 -3.64 -8.00 18.89
CA GLU A 37 -3.59 -7.50 20.26
C GLU A 37 -3.48 -8.63 21.29
N ALA A 38 -4.12 -9.78 21.04
CA ALA A 38 -4.09 -10.93 21.94
C ALA A 38 -2.68 -11.48 22.02
N GLN A 39 -2.03 -11.62 20.85
CA GLN A 39 -0.70 -12.16 20.71
C GLN A 39 0.37 -11.08 20.95
N SER A 40 -0.07 -9.83 21.08
CA SER A 40 0.71 -8.60 21.08
C SER A 40 1.78 -8.61 19.97
N CYS A 41 1.43 -8.98 18.73
CA CYS A 41 2.40 -9.05 17.65
C CYS A 41 1.81 -8.75 16.28
N TRP A 42 2.69 -8.59 15.30
CA TRP A 42 2.35 -8.52 13.89
C TRP A 42 2.13 -9.94 13.38
N LYS A 43 0.90 -10.31 13.05
CA LYS A 43 0.65 -11.65 12.51
C LYS A 43 1.41 -11.83 11.22
N THR A 44 1.83 -13.06 10.98
CA THR A 44 2.50 -13.42 9.75
C THR A 44 1.89 -14.72 9.22
N ASP A 45 0.57 -14.88 9.33
CA ASP A 45 -0.12 -16.08 8.87
C ASP A 45 -0.99 -15.78 7.66
N LEU A 46 -1.70 -14.65 7.68
CA LEU A 46 -2.62 -14.24 6.62
C LEU A 46 -1.89 -13.66 5.39
N VAL A 47 -0.56 -13.71 5.38
CA VAL A 47 0.37 -13.05 4.48
C VAL A 47 1.25 -14.09 3.74
N ALA A 48 1.73 -13.74 2.54
CA ALA A 48 2.55 -14.63 1.72
C ALA A 48 3.95 -14.82 2.34
N PRO A 49 4.57 -16.00 2.17
CA PRO A 49 5.88 -16.32 2.73
C PRO A 49 7.01 -15.52 2.06
N GLU A 50 6.81 -14.98 0.85
CA GLU A 50 7.78 -14.05 0.28
C GLU A 50 7.85 -12.74 1.05
N TRP A 51 6.75 -12.30 1.67
CA TRP A 51 6.69 -11.05 2.42
C TRP A 51 7.17 -11.26 3.85
N ARG A 52 6.52 -12.14 4.61
CA ARG A 52 6.82 -12.32 6.04
C ARG A 52 8.23 -12.87 6.31
N GLN A 53 8.96 -13.28 5.27
CA GLN A 53 10.21 -14.01 5.32
C GLN A 53 11.20 -13.45 6.35
N ASP A 54 11.52 -12.17 6.24
CA ASP A 54 12.58 -11.50 6.99
C ASP A 54 12.02 -10.14 7.48
N TYR A 55 10.69 -10.04 7.59
CA TYR A 55 9.92 -8.86 7.96
C TYR A 55 9.38 -9.07 9.39
N PRO A 56 10.15 -8.75 10.45
CA PRO A 56 9.67 -8.83 11.82
C PRO A 56 8.73 -7.68 12.20
N GLU A 57 8.65 -6.63 11.40
CA GLU A 57 8.01 -5.37 11.73
C GLU A 57 7.39 -4.79 10.46
N PRO A 58 6.50 -3.80 10.59
CA PRO A 58 5.92 -3.16 9.44
C PRO A 58 6.94 -2.41 8.58
N PRO A 59 6.65 -2.26 7.28
CA PRO A 59 7.36 -1.38 6.39
C PRO A 59 6.88 0.07 6.63
N ASP A 60 7.79 0.93 7.08
CA ASP A 60 7.61 2.37 7.03
C ASP A 60 7.71 2.79 5.57
N PHE A 61 6.59 2.87 4.85
CA PHE A 61 6.62 3.49 3.53
C PHE A 61 6.87 5.00 3.66
N ILE A 62 6.60 5.60 4.82
CA ILE A 62 6.79 7.02 5.06
C ILE A 62 8.29 7.33 5.23
N ALA A 63 9.00 6.49 5.98
CA ALA A 63 10.29 6.82 6.58
C ALA A 63 11.40 5.89 6.10
N SER A 64 11.18 5.10 5.04
CA SER A 64 12.16 4.21 4.44
C SER A 64 11.73 3.94 2.99
N ARG A 65 12.58 3.30 2.16
CA ARG A 65 12.07 2.65 0.95
C ARG A 65 12.72 1.29 0.60
N PRO A 66 12.81 0.32 1.53
CA PRO A 66 13.15 -1.06 1.18
C PRO A 66 11.93 -1.74 0.57
N ALA A 67 10.80 -1.73 1.28
CA ALA A 67 9.60 -2.46 0.89
C ALA A 67 9.04 -2.01 -0.46
N THR A 68 9.41 -0.82 -0.93
CA THR A 68 9.10 -0.33 -2.27
C THR A 68 9.50 -1.35 -3.35
N VAL A 69 10.68 -1.98 -3.25
CA VAL A 69 11.10 -3.06 -4.17
C VAL A 69 10.08 -4.20 -4.10
N LYS A 70 9.67 -4.54 -2.89
CA LYS A 70 8.79 -5.67 -2.64
C LYS A 70 7.38 -5.39 -3.15
N LEU A 71 6.94 -4.12 -3.15
CA LEU A 71 5.71 -3.71 -3.82
C LEU A 71 5.83 -3.98 -5.31
N THR A 72 6.96 -3.68 -5.96
CA THR A 72 7.12 -3.82 -7.41
C THR A 72 6.80 -5.24 -7.86
N ARG A 73 7.12 -6.23 -7.03
CA ARG A 73 6.76 -7.62 -7.27
C ARG A 73 5.30 -7.74 -7.68
N SER A 74 4.41 -7.19 -6.86
CA SER A 74 2.97 -7.17 -7.00
C SER A 74 2.45 -6.26 -8.12
N ILE A 75 3.32 -5.55 -8.86
CA ILE A 75 2.97 -4.56 -9.87
C ILE A 75 3.47 -5.10 -11.22
N PRO A 76 2.69 -5.99 -11.87
CA PRO A 76 3.05 -6.62 -13.13
C PRO A 76 2.99 -5.62 -14.28
N ALA A 77 3.43 -6.04 -15.47
CA ALA A 77 3.47 -5.23 -16.69
C ALA A 77 2.12 -4.58 -17.08
N PRO A 78 0.96 -5.24 -16.93
CA PRO A 78 -0.32 -4.60 -17.17
C PRO A 78 -0.76 -3.60 -16.08
N TYR A 79 -0.20 -3.61 -14.86
CA TYR A 79 -0.71 -2.84 -13.71
C TYR A 79 0.23 -1.74 -13.27
N LYS A 80 0.88 -1.09 -14.23
CA LYS A 80 1.84 -0.03 -13.93
C LYS A 80 1.16 1.33 -13.70
N GLN A 81 -0.11 1.51 -14.09
CA GLN A 81 -0.69 2.85 -14.26
C GLN A 81 -2.11 2.92 -13.71
N LEU A 82 -2.45 2.07 -12.74
CA LEU A 82 -3.80 1.93 -12.19
C LEU A 82 -4.32 3.21 -11.56
N LEU A 83 -3.40 4.06 -11.07
CA LEU A 83 -3.73 5.40 -10.60
C LEU A 83 -4.50 6.21 -11.64
N LYS A 84 -4.40 5.85 -12.92
CA LYS A 84 -5.09 6.50 -14.02
C LYS A 84 -6.10 5.56 -14.65
N GLU A 85 -5.81 4.27 -14.72
CA GLU A 85 -6.76 3.28 -15.22
C GLU A 85 -8.11 3.40 -14.54
N GLU A 86 -8.15 3.64 -13.22
CA GLU A 86 -9.41 3.65 -12.47
C GLU A 86 -9.72 5.04 -11.91
N LEU A 87 -8.74 5.64 -11.21
CA LEU A 87 -8.98 6.84 -10.41
C LEU A 87 -8.96 8.09 -11.29
N GLY A 88 -7.91 8.22 -12.12
CA GLY A 88 -7.67 9.36 -12.97
C GLY A 88 -6.60 10.32 -12.45
N PHE A 89 -5.72 9.90 -11.54
CA PHE A 89 -4.57 10.69 -11.12
C PHE A 89 -3.34 10.46 -12.03
N ALA A 90 -2.29 11.27 -11.89
CA ALA A 90 -1.00 11.03 -12.51
C ALA A 90 0.17 11.39 -11.60
N GLY A 91 0.24 12.64 -11.11
CA GLY A 91 1.32 13.13 -10.27
C GLY A 91 1.00 14.51 -9.72
N TYR A 92 1.87 15.01 -8.84
CA TYR A 92 1.60 16.18 -8.00
C TYR A 92 2.17 17.45 -8.64
N SER A 93 1.48 18.58 -8.44
CA SER A 93 1.98 19.92 -8.74
C SER A 93 3.20 20.20 -7.86
N ILE A 94 4.05 21.15 -8.28
CA ILE A 94 5.21 21.53 -7.49
C ILE A 94 4.82 22.01 -6.09
N ASN A 95 3.67 22.69 -5.99
CA ASN A 95 3.24 23.31 -4.76
C ASN A 95 2.78 22.24 -3.73
N GLU A 96 2.46 21.05 -4.23
CA GLU A 96 1.94 19.91 -3.50
C GLU A 96 2.98 18.79 -3.41
N LEU A 97 4.14 18.98 -4.05
CA LEU A 97 5.21 18.02 -4.05
C LEU A 97 5.82 18.05 -2.65
N VAL A 98 5.60 16.99 -1.88
CA VAL A 98 6.19 16.83 -0.56
C VAL A 98 6.77 15.43 -0.46
N PRO A 99 7.87 15.23 0.29
CA PRO A 99 8.46 13.91 0.46
C PRO A 99 7.47 12.94 1.11
N ARG A 100 6.46 13.46 1.84
CA ARG A 100 5.47 12.62 2.50
C ARG A 100 4.44 12.07 1.51
N LYS A 101 4.17 12.75 0.40
CA LYS A 101 3.17 12.32 -0.58
C LYS A 101 3.84 11.52 -1.69
N THR A 102 5.06 11.84 -2.09
CA THR A 102 5.76 11.11 -3.15
C THR A 102 5.85 9.61 -2.82
N ARG A 103 6.37 9.24 -1.64
CA ARG A 103 6.41 7.82 -1.26
C ARG A 103 5.00 7.24 -1.06
N ARG A 104 4.03 8.04 -0.59
CA ARG A 104 2.66 7.55 -0.44
C ARG A 104 2.10 7.18 -1.82
N ALA A 105 2.43 7.94 -2.87
CA ALA A 105 1.99 7.67 -4.25
C ALA A 105 2.27 6.23 -4.67
N THR A 106 3.40 5.70 -4.22
CA THR A 106 3.93 4.39 -4.55
C THR A 106 3.12 3.26 -3.89
N MET A 107 2.63 3.41 -2.65
CA MET A 107 1.67 2.44 -2.11
C MET A 107 0.34 2.53 -2.86
N THR A 108 -0.06 3.72 -3.30
CA THR A 108 -1.37 3.91 -3.90
C THR A 108 -1.48 3.09 -5.20
N ASN A 109 -0.52 3.14 -6.14
CA ASN A 109 -0.61 2.31 -7.35
C ASN A 109 -0.66 0.81 -7.01
N TRP A 110 0.12 0.39 -6.01
CA TRP A 110 0.18 -1.01 -5.57
C TRP A 110 -1.19 -1.48 -5.06
N LEU A 111 -1.96 -0.63 -4.40
CA LEU A 111 -3.26 -0.99 -3.84
C LEU A 111 -4.22 -1.42 -4.95
N LEU A 112 -4.14 -0.83 -6.14
CA LEU A 112 -5.04 -1.19 -7.23
C LEU A 112 -4.53 -2.44 -7.93
N ALA A 113 -3.20 -2.57 -8.12
CA ALA A 113 -2.59 -3.79 -8.66
C ALA A 113 -2.93 -5.02 -7.78
N TYR A 114 -3.38 -4.81 -6.53
CA TYR A 114 -3.95 -5.84 -5.69
C TYR A 114 -5.36 -6.19 -6.14
N ARG A 115 -6.34 -5.27 -6.05
CA ARG A 115 -7.72 -5.60 -6.45
C ARG A 115 -7.80 -6.05 -7.91
N ARG A 116 -6.85 -5.65 -8.76
CA ARG A 116 -6.70 -6.15 -10.11
C ARG A 116 -6.69 -7.68 -10.17
N SER A 117 -6.19 -8.37 -9.13
CA SER A 117 -6.10 -9.82 -9.08
C SER A 117 -7.37 -10.47 -8.50
N GLN A 118 -8.09 -9.76 -7.62
CA GLN A 118 -9.17 -10.32 -6.77
C GLN A 118 -10.59 -10.03 -7.30
N GLN A 119 -10.69 -8.97 -8.10
CA GLN A 119 -11.72 -8.56 -9.02
C GLN A 119 -13.08 -8.54 -8.35
N ASP A 120 -13.04 -7.93 -7.16
CA ASP A 120 -14.05 -8.11 -6.16
C ASP A 120 -15.45 -7.79 -6.69
N MET A 1 -4.53 -11.24 3.62
CA MET A 1 -5.79 -11.92 3.96
C MET A 1 -6.91 -11.81 2.90
N GLY A 2 -6.62 -11.36 1.68
CA GLY A 2 -7.60 -11.29 0.58
C GLY A 2 -8.74 -10.29 0.77
N ILE A 3 -8.48 -9.16 1.43
CA ILE A 3 -9.42 -8.06 1.62
C ILE A 3 -9.87 -7.53 0.25
N THR A 4 -11.08 -6.97 0.20
CA THR A 4 -11.57 -6.18 -0.92
C THR A 4 -10.93 -4.79 -0.88
N ILE A 5 -10.73 -4.13 -2.03
CA ILE A 5 -10.29 -2.75 -2.08
C ILE A 5 -11.23 -1.96 -2.98
N THR A 6 -11.50 -0.72 -2.57
CA THR A 6 -12.28 0.25 -3.33
C THR A 6 -11.37 1.40 -3.76
N ASP A 7 -11.40 1.76 -5.04
CA ASP A 7 -10.65 2.90 -5.58
C ASP A 7 -10.95 4.20 -4.81
N GLU A 8 -12.18 4.34 -4.30
CA GLU A 8 -12.63 5.54 -3.59
C GLU A 8 -11.94 5.73 -2.23
N LEU A 9 -11.71 4.62 -1.51
CA LEU A 9 -10.98 4.55 -0.28
C LEU A 9 -9.54 4.96 -0.56
N LEU A 10 -8.98 4.52 -1.68
CA LEU A 10 -7.60 4.80 -2.00
C LEU A 10 -7.36 6.29 -2.25
N TRP A 11 -8.40 7.04 -2.63
CA TRP A 11 -8.30 8.47 -2.80
C TRP A 11 -8.03 9.17 -1.46
N ALA A 12 -8.41 8.57 -0.33
CA ALA A 12 -8.13 9.11 1.00
C ALA A 12 -6.62 9.24 1.26
N ILE A 13 -5.79 8.38 0.65
CA ILE A 13 -4.35 8.52 0.73
C ILE A 13 -3.97 9.80 -0.02
N LEU A 14 -4.29 9.86 -1.31
CA LEU A 14 -3.85 10.91 -2.23
C LEU A 14 -4.29 12.29 -1.71
N LYS A 15 -5.57 12.44 -1.35
CA LYS A 15 -6.14 13.68 -0.84
C LYS A 15 -5.53 14.12 0.49
N ASP A 16 -4.73 13.29 1.17
CA ASP A 16 -4.20 13.54 2.51
C ASP A 16 -5.34 13.67 3.52
N GLU A 17 -6.19 12.63 3.53
CA GLU A 17 -7.12 12.33 4.57
C GLU A 17 -6.49 11.31 5.52
N LEU A 18 -5.80 10.29 4.99
CA LEU A 18 -4.98 9.42 5.84
C LEU A 18 -3.70 10.11 6.21
N SER A 19 -3.19 9.61 7.31
CA SER A 19 -1.98 10.10 7.94
C SER A 19 -0.76 9.43 7.30
N ASP A 20 0.45 9.76 7.74
CA ASP A 20 1.65 9.03 7.30
C ASP A 20 1.59 7.59 7.80
N ALA A 21 1.52 7.37 9.11
CA ALA A 21 1.47 6.03 9.69
C ALA A 21 0.21 5.28 9.25
N GLU A 22 -0.92 5.99 9.19
CA GLU A 22 -2.23 5.39 8.95
C GLU A 22 -2.43 5.01 7.48
N ALA A 23 -1.88 5.82 6.57
CA ALA A 23 -1.94 5.50 5.14
C ALA A 23 -1.20 4.18 4.88
N ASN A 24 -0.14 3.88 5.66
CA ASN A 24 0.59 2.60 5.56
C ASN A 24 -0.34 1.45 5.89
N ALA A 25 -1.16 1.62 6.93
CA ALA A 25 -1.97 0.55 7.51
C ALA A 25 -2.78 -0.18 6.44
N LEU A 26 -3.38 0.53 5.49
CA LEU A 26 -4.21 -0.07 4.45
C LEU A 26 -3.40 -0.97 3.50
N VAL A 27 -2.10 -0.75 3.35
CA VAL A 27 -1.21 -1.70 2.67
C VAL A 27 -0.95 -2.87 3.60
N TRP A 28 -0.60 -2.58 4.85
CA TRP A 28 -0.22 -3.56 5.85
C TRP A 28 -1.32 -4.62 5.99
N GLN A 29 -2.59 -4.22 6.18
CA GLN A 29 -3.73 -5.12 6.25
C GLN A 29 -3.84 -6.00 5.00
N ALA A 30 -3.69 -5.40 3.80
CA ALA A 30 -3.90 -6.07 2.53
C ALA A 30 -2.91 -7.21 2.33
N LEU A 31 -1.70 -7.11 2.87
CA LEU A 31 -0.86 -8.29 3.02
C LEU A 31 -1.43 -9.10 4.17
N GLY A 32 -1.42 -8.55 5.39
CA GLY A 32 -1.85 -9.20 6.62
C GLY A 32 -1.01 -8.80 7.84
N TYR A 33 -0.13 -7.81 7.71
CA TYR A 33 0.53 -7.18 8.85
C TYR A 33 -0.52 -6.37 9.61
N VAL A 34 -0.93 -6.85 10.77
CA VAL A 34 -1.99 -6.27 11.57
C VAL A 34 -1.56 -6.48 13.01
N TRP A 35 -1.77 -5.49 13.88
CA TRP A 35 -1.41 -5.61 15.28
C TRP A 35 -2.31 -6.65 15.96
N ASP A 36 -1.75 -7.40 16.90
CA ASP A 36 -2.38 -8.41 17.73
C ASP A 36 -2.36 -7.97 19.19
N GLU A 37 -3.31 -7.16 19.63
CA GLU A 37 -3.36 -6.57 20.96
C GLU A 37 -3.29 -7.60 22.10
N ALA A 38 -3.88 -8.77 21.89
CA ALA A 38 -3.93 -9.82 22.87
C ALA A 38 -2.55 -10.43 23.09
N GLN A 39 -1.82 -10.64 22.00
CA GLN A 39 -0.47 -11.16 22.00
C GLN A 39 0.56 -10.04 22.18
N SER A 40 0.12 -8.79 22.02
CA SER A 40 0.87 -7.56 21.84
C SER A 40 2.02 -7.66 20.83
N CYS A 41 1.76 -8.10 19.59
CA CYS A 41 2.78 -8.09 18.54
C CYS A 41 2.16 -7.74 17.17
N TRP A 42 2.93 -7.92 16.09
CA TRP A 42 2.41 -7.86 14.73
C TRP A 42 2.16 -9.26 14.20
N LYS A 43 1.09 -9.41 13.41
CA LYS A 43 0.79 -10.69 12.79
C LYS A 43 1.47 -10.75 11.45
N THR A 44 1.59 -11.97 10.95
CA THR A 44 2.08 -12.27 9.62
C THR A 44 1.45 -13.55 9.07
N ASP A 45 0.61 -14.26 9.84
CA ASP A 45 0.07 -15.56 9.48
C ASP A 45 -0.73 -15.42 8.19
N LEU A 46 -1.44 -14.29 8.07
CA LEU A 46 -2.38 -14.03 6.99
C LEU A 46 -1.69 -13.43 5.76
N VAL A 47 -0.35 -13.34 5.78
CA VAL A 47 0.48 -12.79 4.71
C VAL A 47 0.98 -13.94 3.83
N ALA A 48 1.34 -13.62 2.58
CA ALA A 48 1.95 -14.54 1.64
C ALA A 48 3.38 -14.93 2.07
N PRO A 49 3.92 -16.07 1.61
CA PRO A 49 5.24 -16.55 2.02
C PRO A 49 6.34 -15.55 1.66
N GLU A 50 6.37 -15.07 0.41
CA GLU A 50 7.45 -14.21 -0.04
C GLU A 50 7.52 -12.92 0.77
N TRP A 51 6.37 -12.41 1.24
CA TRP A 51 6.30 -11.21 2.06
C TRP A 51 6.76 -11.52 3.47
N ARG A 52 6.18 -12.49 4.17
CA ARG A 52 6.50 -12.65 5.59
C ARG A 52 7.90 -13.19 5.86
N GLN A 53 8.58 -13.72 4.84
CA GLN A 53 9.82 -14.47 4.88
C GLN A 53 10.86 -13.85 5.81
N ASP A 54 11.09 -12.55 5.66
CA ASP A 54 12.19 -11.82 6.29
C ASP A 54 11.64 -10.51 6.88
N TYR A 55 10.37 -10.52 7.29
CA TYR A 55 9.60 -9.34 7.67
C TYR A 55 9.15 -9.48 9.12
N PRO A 56 10.01 -9.16 10.10
CA PRO A 56 9.66 -9.12 11.52
C PRO A 56 8.94 -7.82 11.94
N GLU A 57 8.77 -6.84 11.05
CA GLU A 57 7.99 -5.62 11.31
C GLU A 57 7.13 -5.32 10.09
N PRO A 58 6.06 -4.52 10.26
CA PRO A 58 5.39 -3.96 9.09
C PRO A 58 6.33 -2.94 8.42
N PRO A 59 6.21 -2.70 7.12
CA PRO A 59 7.18 -1.90 6.38
C PRO A 59 6.98 -0.39 6.53
N ASP A 60 8.05 0.32 6.88
CA ASP A 60 8.14 1.76 7.04
C ASP A 60 8.23 2.45 5.67
N PHE A 61 7.14 2.44 4.89
CA PHE A 61 7.15 3.07 3.58
C PHE A 61 7.31 4.59 3.64
N ILE A 62 7.04 5.23 4.78
CA ILE A 62 7.16 6.67 4.94
C ILE A 62 8.64 7.04 5.06
N ALA A 63 9.31 6.59 6.12
CA ALA A 63 10.71 6.95 6.33
C ALA A 63 11.64 6.22 5.35
N SER A 64 11.31 4.98 4.99
CA SER A 64 12.17 4.09 4.23
C SER A 64 11.46 3.63 2.96
N ARG A 65 12.16 2.93 2.07
CA ARG A 65 11.51 2.31 0.93
C ARG A 65 12.13 0.95 0.58
N PRO A 66 12.30 0.01 1.54
CA PRO A 66 12.89 -1.28 1.22
C PRO A 66 11.82 -2.13 0.53
N ALA A 67 10.66 -2.18 1.18
CA ALA A 67 9.43 -2.83 0.77
C ALA A 67 8.89 -2.35 -0.58
N THR A 68 9.35 -1.22 -1.09
CA THR A 68 8.94 -0.71 -2.39
C THR A 68 9.37 -1.65 -3.52
N VAL A 69 10.51 -2.33 -3.37
CA VAL A 69 10.94 -3.39 -4.27
C VAL A 69 9.92 -4.54 -4.24
N LYS A 70 9.41 -4.86 -3.04
CA LYS A 70 8.49 -5.96 -2.85
C LYS A 70 7.11 -5.63 -3.40
N LEU A 71 6.63 -4.39 -3.21
CA LEU A 71 5.39 -3.92 -3.86
C LEU A 71 5.50 -4.15 -5.36
N THR A 72 6.64 -3.84 -5.96
CA THR A 72 6.81 -3.90 -7.39
C THR A 72 6.66 -5.34 -7.93
N ARG A 73 6.93 -6.36 -7.11
CA ARG A 73 6.70 -7.76 -7.45
C ARG A 73 5.24 -8.04 -7.80
N SER A 74 4.30 -7.31 -7.21
CA SER A 74 2.86 -7.44 -7.37
C SER A 74 2.31 -6.54 -8.50
N ILE A 75 3.16 -5.77 -9.20
CA ILE A 75 2.77 -4.78 -10.20
C ILE A 75 3.33 -5.22 -11.57
N PRO A 76 2.61 -6.08 -12.32
CA PRO A 76 2.95 -6.45 -13.69
C PRO A 76 2.65 -5.31 -14.69
N ALA A 77 2.96 -5.51 -15.97
CA ALA A 77 2.82 -4.55 -17.06
C ALA A 77 1.40 -3.97 -17.24
N PRO A 78 0.31 -4.74 -17.16
CA PRO A 78 -1.06 -4.22 -17.30
C PRO A 78 -1.49 -3.33 -16.13
N TYR A 79 -0.74 -3.36 -15.02
CA TYR A 79 -1.13 -2.69 -13.79
C TYR A 79 -0.18 -1.54 -13.44
N LYS A 80 0.64 -1.12 -14.40
CA LYS A 80 1.69 -0.12 -14.18
C LYS A 80 1.13 1.25 -13.91
N GLN A 81 0.13 1.66 -14.69
CA GLN A 81 -0.26 3.04 -14.85
C GLN A 81 -1.64 3.30 -14.24
N LEU A 82 -2.14 2.36 -13.41
CA LEU A 82 -3.48 2.37 -12.84
C LEU A 82 -3.80 3.67 -12.10
N LEU A 83 -2.79 4.31 -11.51
CA LEU A 83 -2.94 5.63 -10.89
C LEU A 83 -3.62 6.63 -11.82
N LYS A 84 -3.46 6.52 -13.15
CA LYS A 84 -4.12 7.40 -14.10
C LYS A 84 -5.18 6.66 -14.88
N GLU A 85 -4.89 5.42 -15.28
CA GLU A 85 -5.82 4.61 -16.08
C GLU A 85 -7.19 4.48 -15.39
N GLU A 86 -7.18 4.15 -14.10
CA GLU A 86 -8.37 3.90 -13.31
C GLU A 86 -8.81 5.22 -12.67
N LEU A 87 -7.92 5.84 -11.89
CA LEU A 87 -8.28 6.94 -11.00
C LEU A 87 -8.22 8.30 -11.68
N GLY A 88 -7.42 8.45 -12.73
CA GLY A 88 -7.14 9.74 -13.34
C GLY A 88 -6.36 10.66 -12.41
N PHE A 89 -5.45 10.14 -11.56
CA PHE A 89 -4.42 10.96 -10.94
C PHE A 89 -3.31 11.23 -11.96
N ALA A 90 -2.39 12.15 -11.66
CA ALA A 90 -1.21 12.41 -12.49
C ALA A 90 -0.01 12.54 -11.57
N GLY A 91 0.05 13.62 -10.80
CA GLY A 91 1.07 13.86 -9.79
C GLY A 91 0.59 14.98 -8.88
N TYR A 92 1.28 15.15 -7.76
CA TYR A 92 0.99 16.23 -6.82
C TYR A 92 1.38 17.58 -7.43
N SER A 93 0.62 18.63 -7.11
CA SER A 93 1.01 20.02 -7.35
C SER A 93 2.24 20.36 -6.51
N ILE A 94 2.92 21.45 -6.84
CA ILE A 94 4.08 21.94 -6.10
C ILE A 94 3.78 22.11 -4.60
N ASN A 95 2.58 22.56 -4.27
CA ASN A 95 2.27 22.87 -2.87
C ASN A 95 1.90 21.60 -2.09
N GLU A 96 1.52 20.53 -2.80
CA GLU A 96 1.23 19.21 -2.26
C GLU A 96 2.45 18.28 -2.45
N LEU A 97 3.51 18.78 -3.11
CA LEU A 97 4.73 18.05 -3.38
C LEU A 97 5.51 18.07 -2.07
N VAL A 98 5.29 17.04 -1.27
CA VAL A 98 6.01 16.79 -0.04
C VAL A 98 6.53 15.36 -0.10
N PRO A 99 7.56 15.03 0.70
CA PRO A 99 8.05 13.68 0.71
C PRO A 99 7.01 12.70 1.20
N ARG A 100 6.00 13.10 1.98
CA ARG A 100 5.03 12.13 2.48
C ARG A 100 4.10 11.70 1.35
N LYS A 101 3.41 12.67 0.74
CA LYS A 101 2.45 12.48 -0.34
C LYS A 101 3.04 11.71 -1.51
N THR A 102 4.20 12.14 -2.01
CA THR A 102 4.83 11.57 -3.20
C THR A 102 4.94 10.06 -3.09
N ARG A 103 5.72 9.57 -2.13
CA ARG A 103 5.99 8.14 -2.02
C ARG A 103 4.74 7.32 -1.68
N ARG A 104 3.75 7.87 -0.98
CA ARG A 104 2.47 7.18 -0.78
C ARG A 104 1.84 6.80 -2.11
N ALA A 105 2.01 7.59 -3.18
CA ALA A 105 1.48 7.26 -4.50
C ALA A 105 1.97 5.87 -4.96
N THR A 106 3.21 5.48 -4.63
CA THR A 106 3.74 4.16 -4.95
C THR A 106 2.89 3.05 -4.33
N MET A 107 2.45 3.24 -3.07
CA MET A 107 1.58 2.29 -2.38
C MET A 107 0.17 2.33 -2.96
N THR A 108 -0.34 3.49 -3.35
CA THR A 108 -1.64 3.58 -3.99
C THR A 108 -1.66 2.67 -5.22
N ASN A 109 -0.68 2.79 -6.13
CA ASN A 109 -0.65 1.96 -7.35
C ASN A 109 -0.55 0.46 -7.01
N TRP A 110 0.11 0.09 -5.91
CA TRP A 110 0.07 -1.31 -5.47
C TRP A 110 -1.35 -1.71 -5.06
N LEU A 111 -2.07 -0.86 -4.33
CA LEU A 111 -3.32 -1.24 -3.67
C LEU A 111 -4.36 -1.52 -4.76
N LEU A 112 -4.43 -0.59 -5.70
CA LEU A 112 -5.44 -0.55 -6.74
C LEU A 112 -5.14 -1.53 -7.87
N ALA A 113 -3.93 -2.09 -7.94
CA ALA A 113 -3.50 -3.20 -8.80
C ALA A 113 -3.62 -4.56 -8.13
N TYR A 114 -3.34 -4.66 -6.83
CA TYR A 114 -3.40 -5.92 -6.09
C TYR A 114 -4.82 -6.49 -6.24
N ARG A 115 -5.81 -5.65 -5.95
CA ARG A 115 -7.22 -6.00 -6.08
C ARG A 115 -7.62 -6.47 -7.47
N ARG A 116 -6.96 -6.04 -8.55
CA ARG A 116 -7.37 -6.39 -9.91
C ARG A 116 -7.22 -7.89 -10.13
N SER A 117 -6.24 -8.49 -9.46
CA SER A 117 -6.02 -9.93 -9.46
C SER A 117 -7.06 -10.68 -8.60
N GLN A 118 -7.85 -9.99 -7.76
CA GLN A 118 -8.92 -10.56 -6.96
C GLN A 118 -10.31 -10.33 -7.57
N GLN A 119 -10.42 -9.49 -8.61
CA GLN A 119 -11.64 -9.24 -9.39
C GLN A 119 -11.57 -10.00 -10.71
N ASP A 120 -10.64 -10.95 -10.80
CA ASP A 120 -10.25 -11.66 -12.00
C ASP A 120 -11.38 -12.50 -12.53
N MET A 1 -4.34 -10.58 3.70
CA MET A 1 -5.62 -11.27 3.49
C MET A 1 -6.38 -10.64 2.31
N GLY A 2 -7.47 -11.24 1.84
CA GLY A 2 -8.16 -10.84 0.62
C GLY A 2 -9.20 -9.75 0.84
N ILE A 3 -8.76 -8.65 1.45
CA ILE A 3 -9.58 -7.48 1.69
C ILE A 3 -10.06 -6.97 0.34
N THR A 4 -11.28 -6.44 0.32
CA THR A 4 -11.79 -5.72 -0.82
C THR A 4 -11.19 -4.31 -0.74
N ILE A 5 -10.57 -3.86 -1.84
CA ILE A 5 -10.14 -2.49 -1.96
C ILE A 5 -11.20 -1.77 -2.79
N THR A 6 -11.42 -0.51 -2.44
CA THR A 6 -12.32 0.42 -3.08
C THR A 6 -11.53 1.65 -3.53
N ASP A 7 -11.81 2.14 -4.74
CA ASP A 7 -11.16 3.33 -5.30
C ASP A 7 -11.42 4.54 -4.42
N GLU A 8 -12.59 4.60 -3.74
CA GLU A 8 -12.95 5.70 -2.84
C GLU A 8 -11.95 5.85 -1.69
N LEU A 9 -11.52 4.72 -1.13
CA LEU A 9 -10.61 4.61 -0.02
C LEU A 9 -9.20 4.94 -0.50
N LEU A 10 -8.84 4.51 -1.71
CA LEU A 10 -7.55 4.85 -2.31
C LEU A 10 -7.46 6.33 -2.60
N TRP A 11 -8.56 6.95 -3.05
CA TRP A 11 -8.62 8.36 -3.38
C TRP A 11 -8.22 9.24 -2.19
N ALA A 12 -8.59 8.85 -0.97
CA ALA A 12 -8.27 9.61 0.25
C ALA A 12 -6.75 9.78 0.47
N ILE A 13 -5.90 8.95 -0.14
CA ILE A 13 -4.46 9.15 -0.07
C ILE A 13 -4.11 10.41 -0.88
N LEU A 14 -4.55 10.49 -2.14
CA LEU A 14 -4.18 11.57 -3.04
C LEU A 14 -4.87 12.87 -2.64
N LYS A 15 -6.09 12.80 -2.10
CA LYS A 15 -6.77 13.93 -1.45
C LYS A 15 -6.12 14.31 -0.11
N ASP A 16 -4.97 13.70 0.21
CA ASP A 16 -4.06 14.10 1.29
C ASP A 16 -4.76 14.10 2.64
N GLU A 17 -5.59 13.07 2.88
CA GLU A 17 -6.40 12.92 4.06
C GLU A 17 -5.88 11.75 4.90
N LEU A 18 -5.46 10.62 4.29
CA LEU A 18 -4.78 9.55 5.04
C LEU A 18 -3.60 10.15 5.79
N SER A 19 -3.17 9.43 6.83
CA SER A 19 -2.02 9.83 7.62
C SER A 19 -0.82 8.97 7.27
N ASP A 20 0.32 9.24 7.90
CA ASP A 20 1.51 8.38 7.92
C ASP A 20 1.12 6.98 8.36
N ALA A 21 0.76 6.83 9.64
CA ALA A 21 0.40 5.59 10.29
C ALA A 21 -0.69 4.86 9.52
N GLU A 22 -1.72 5.59 9.11
CA GLU A 22 -2.91 5.02 8.51
C GLU A 22 -2.63 4.55 7.08
N ALA A 23 -1.88 5.31 6.26
CA ALA A 23 -1.59 4.87 4.89
C ALA A 23 -0.74 3.61 4.92
N ASN A 24 0.21 3.59 5.85
CA ASN A 24 1.04 2.43 6.16
C ASN A 24 0.13 1.27 6.56
N ALA A 25 -0.80 1.50 7.50
CA ALA A 25 -1.74 0.51 7.97
C ALA A 25 -2.52 -0.11 6.83
N LEU A 26 -3.13 0.68 5.95
CA LEU A 26 -3.95 0.14 4.86
C LEU A 26 -3.15 -0.79 3.92
N VAL A 27 -1.82 -0.66 3.85
CA VAL A 27 -0.95 -1.61 3.15
C VAL A 27 -0.67 -2.82 4.06
N TRP A 28 -0.22 -2.59 5.30
CA TRP A 28 0.11 -3.63 6.26
C TRP A 28 -1.03 -4.64 6.40
N GLN A 29 -2.28 -4.16 6.50
CA GLN A 29 -3.47 -5.00 6.62
C GLN A 29 -3.66 -5.91 5.40
N ALA A 30 -3.50 -5.34 4.20
CA ALA A 30 -3.79 -5.98 2.93
C ALA A 30 -2.84 -7.15 2.71
N LEU A 31 -1.56 -6.98 3.06
CA LEU A 31 -0.61 -8.09 3.18
C LEU A 31 -1.18 -9.07 4.19
N GLY A 32 -1.24 -8.68 5.46
CA GLY A 32 -1.71 -9.55 6.53
C GLY A 32 -1.03 -9.30 7.87
N TYR A 33 -0.04 -8.39 7.94
CA TYR A 33 0.67 -7.97 9.15
C TYR A 33 -0.24 -7.09 10.02
N VAL A 34 -1.33 -7.69 10.48
CA VAL A 34 -2.32 -7.09 11.36
C VAL A 34 -1.85 -7.33 12.79
N TRP A 35 -2.07 -6.38 13.68
CA TRP A 35 -1.76 -6.55 15.08
C TRP A 35 -2.73 -7.54 15.72
N ASP A 36 -2.19 -8.45 16.51
CA ASP A 36 -2.91 -9.49 17.23
C ASP A 36 -2.80 -9.19 18.70
N GLU A 37 -3.71 -8.37 19.21
CA GLU A 37 -3.73 -7.88 20.58
C GLU A 37 -3.75 -9.03 21.59
N ALA A 38 -4.34 -10.18 21.23
CA ALA A 38 -4.39 -11.37 22.05
C ALA A 38 -2.97 -11.83 22.35
N GLN A 39 -2.16 -11.96 21.30
CA GLN A 39 -0.82 -12.50 21.38
C GLN A 39 0.21 -11.40 21.65
N SER A 40 -0.17 -10.14 21.52
CA SER A 40 0.68 -8.98 21.40
C SER A 40 1.82 -9.21 20.39
N CYS A 41 1.46 -9.58 19.16
CA CYS A 41 2.41 -9.65 18.05
C CYS A 41 1.71 -9.32 16.73
N TRP A 42 2.47 -9.14 15.65
CA TRP A 42 1.96 -8.97 14.30
C TRP A 42 1.58 -10.35 13.75
N LYS A 43 0.53 -10.45 12.93
CA LYS A 43 0.16 -11.71 12.30
C LYS A 43 1.08 -11.95 11.12
N THR A 44 1.55 -13.18 11.02
CA THR A 44 2.24 -13.63 9.81
C THR A 44 1.50 -14.81 9.18
N ASP A 45 0.27 -15.11 9.58
CA ASP A 45 -0.49 -16.21 8.98
C ASP A 45 -1.20 -15.73 7.71
N LEU A 46 -1.88 -14.60 7.80
CA LEU A 46 -2.80 -14.08 6.81
C LEU A 46 -2.12 -13.33 5.65
N VAL A 47 -0.81 -13.53 5.50
CA VAL A 47 0.12 -12.89 4.58
C VAL A 47 0.86 -13.95 3.77
N ALA A 48 1.25 -13.62 2.54
CA ALA A 48 2.02 -14.51 1.69
C ALA A 48 3.39 -14.77 2.32
N PRO A 49 3.96 -15.98 2.15
CA PRO A 49 5.27 -16.33 2.68
C PRO A 49 6.35 -15.41 2.13
N GLU A 50 6.21 -14.96 0.88
CA GLU A 50 7.19 -14.13 0.20
C GLU A 50 7.36 -12.75 0.84
N TRP A 51 6.38 -12.27 1.60
CA TRP A 51 6.47 -11.02 2.35
C TRP A 51 7.08 -11.30 3.72
N ARG A 52 6.39 -12.08 4.55
CA ARG A 52 6.74 -12.36 5.95
C ARG A 52 8.13 -13.01 6.11
N GLN A 53 8.70 -13.54 5.02
CA GLN A 53 9.84 -14.41 4.92
C GLN A 53 11.02 -14.01 5.79
N ASP A 54 11.34 -12.73 5.79
CA ASP A 54 12.52 -12.16 6.43
C ASP A 54 12.14 -10.80 7.05
N TYR A 55 10.83 -10.53 7.15
CA TYR A 55 10.18 -9.31 7.62
C TYR A 55 9.56 -9.62 8.99
N PRO A 56 10.30 -9.51 10.11
CA PRO A 56 9.77 -9.76 11.45
C PRO A 56 8.80 -8.68 11.94
N GLU A 57 8.74 -7.54 11.25
CA GLU A 57 8.18 -6.27 11.69
C GLU A 57 7.68 -5.50 10.47
N PRO A 58 6.90 -4.43 10.63
CA PRO A 58 6.44 -3.65 9.48
C PRO A 58 7.63 -3.07 8.71
N PRO A 59 7.50 -2.81 7.41
CA PRO A 59 8.33 -1.82 6.73
C PRO A 59 7.70 -0.43 6.94
N ASP A 60 8.48 0.63 6.71
CA ASP A 60 7.98 1.99 6.64
C ASP A 60 8.10 2.51 5.21
N PHE A 61 7.00 2.92 4.62
CA PHE A 61 6.99 3.58 3.31
C PHE A 61 7.12 5.10 3.42
N ILE A 62 6.84 5.68 4.58
CA ILE A 62 6.80 7.11 4.79
C ILE A 62 8.23 7.64 4.80
N ALA A 63 9.09 7.12 5.68
CA ALA A 63 10.44 7.66 5.84
C ALA A 63 11.48 6.98 4.94
N SER A 64 11.22 5.75 4.49
CA SER A 64 12.22 4.84 3.91
C SER A 64 11.88 4.51 2.46
N ARG A 65 12.71 3.71 1.74
CA ARG A 65 12.20 3.00 0.57
C ARG A 65 12.82 1.62 0.33
N PRO A 66 12.87 0.69 1.29
CA PRO A 66 13.26 -0.69 1.02
C PRO A 66 12.09 -1.43 0.39
N ALA A 67 10.94 -1.45 1.07
CA ALA A 67 9.79 -2.22 0.63
C ALA A 67 9.17 -1.64 -0.63
N THR A 68 9.54 -0.43 -1.08
CA THR A 68 9.12 0.11 -2.37
C THR A 68 9.44 -0.86 -3.51
N VAL A 69 10.60 -1.53 -3.47
CA VAL A 69 10.96 -2.57 -4.43
C VAL A 69 10.03 -3.77 -4.26
N LYS A 70 9.75 -4.14 -3.01
CA LYS A 70 8.95 -5.31 -2.70
C LYS A 70 7.48 -5.09 -3.07
N LEU A 71 6.99 -3.84 -3.09
CA LEU A 71 5.70 -3.52 -3.71
C LEU A 71 5.79 -3.85 -5.19
N THR A 72 6.83 -3.38 -5.89
CA THR A 72 6.97 -3.55 -7.33
C THR A 72 7.00 -5.01 -7.76
N ARG A 73 7.44 -5.92 -6.87
CA ARG A 73 7.32 -7.35 -7.09
C ARG A 73 5.88 -7.77 -7.45
N SER A 74 4.87 -7.03 -7.00
CA SER A 74 3.45 -7.24 -7.20
C SER A 74 2.81 -6.25 -8.20
N ILE A 75 3.59 -5.44 -8.91
CA ILE A 75 3.11 -4.47 -9.89
C ILE A 75 3.48 -5.00 -11.28
N PRO A 76 2.66 -5.87 -11.90
CA PRO A 76 2.99 -6.51 -13.16
C PRO A 76 2.90 -5.52 -14.34
N ALA A 77 3.31 -5.96 -15.53
CA ALA A 77 3.25 -5.18 -16.76
C ALA A 77 1.83 -4.65 -17.05
N PRO A 78 0.76 -5.44 -16.94
CA PRO A 78 -0.60 -4.94 -17.10
C PRO A 78 -1.06 -3.96 -16.01
N TYR A 79 -0.36 -3.78 -14.89
CA TYR A 79 -0.81 -2.92 -13.78
C TYR A 79 0.24 -1.91 -13.34
N LYS A 80 0.94 -1.29 -14.27
CA LYS A 80 1.89 -0.24 -13.90
C LYS A 80 1.19 1.04 -13.43
N GLN A 81 -0.06 1.32 -13.85
CA GLN A 81 -0.57 2.71 -13.87
C GLN A 81 -2.02 2.88 -13.40
N LEU A 82 -2.58 1.95 -12.61
CA LEU A 82 -4.03 1.95 -12.38
C LEU A 82 -4.48 3.13 -11.51
N LEU A 83 -3.57 3.86 -10.86
CA LEU A 83 -3.88 5.16 -10.27
C LEU A 83 -4.40 6.19 -11.27
N LYS A 84 -4.14 6.04 -12.57
CA LYS A 84 -4.83 6.84 -13.58
C LYS A 84 -5.95 6.02 -14.20
N GLU A 85 -5.73 4.73 -14.40
CA GLU A 85 -6.69 3.90 -15.15
C GLU A 85 -8.04 3.78 -14.42
N GLU A 86 -8.06 3.68 -13.08
CA GLU A 86 -9.26 3.41 -12.28
C GLU A 86 -9.68 4.65 -11.49
N LEU A 87 -8.74 5.57 -11.28
CA LEU A 87 -8.92 6.76 -10.47
C LEU A 87 -8.83 7.99 -11.36
N GLY A 88 -7.62 8.31 -11.83
CA GLY A 88 -7.35 9.49 -12.62
C GLY A 88 -6.37 10.44 -11.95
N PHE A 89 -5.54 9.96 -11.01
CA PHE A 89 -4.45 10.75 -10.47
C PHE A 89 -3.27 10.79 -11.43
N ALA A 90 -2.33 11.71 -11.18
CA ALA A 90 -1.23 11.99 -12.08
C ALA A 90 0.04 12.47 -11.42
N GLY A 91 -0.01 12.93 -10.18
CA GLY A 91 1.12 13.54 -9.50
C GLY A 91 0.67 14.80 -8.80
N TYR A 92 1.40 15.20 -7.76
CA TYR A 92 1.14 16.43 -7.02
C TYR A 92 1.86 17.59 -7.70
N SER A 93 1.30 18.79 -7.62
CA SER A 93 1.92 19.98 -8.18
C SER A 93 3.21 20.37 -7.46
N ILE A 94 3.89 21.32 -8.07
CA ILE A 94 5.24 21.70 -7.69
C ILE A 94 5.29 22.33 -6.29
N ASN A 95 4.28 23.14 -5.98
CA ASN A 95 4.27 23.89 -4.73
C ASN A 95 4.07 22.94 -3.55
N GLU A 96 3.51 21.76 -3.81
CA GLU A 96 3.06 20.80 -2.81
C GLU A 96 3.98 19.59 -2.75
N LEU A 97 4.96 19.48 -3.65
CA LEU A 97 5.67 18.23 -3.94
C LEU A 97 6.61 17.84 -2.80
N VAL A 98 6.08 17.31 -1.70
CA VAL A 98 6.85 16.92 -0.53
C VAL A 98 7.05 15.41 -0.54
N PRO A 99 8.16 14.89 0.03
CA PRO A 99 8.37 13.46 0.19
C PRO A 99 7.25 12.79 1.01
N ARG A 100 6.60 13.54 1.91
CA ARG A 100 5.57 12.99 2.77
C ARG A 100 4.32 12.60 1.98
N LYS A 101 4.04 13.30 0.87
CA LYS A 101 2.80 13.13 0.11
C LYS A 101 3.04 12.30 -1.14
N THR A 102 4.23 12.39 -1.73
CA THR A 102 4.58 11.57 -2.89
C THR A 102 4.62 10.09 -2.50
N ARG A 103 5.32 9.77 -1.42
CA ARG A 103 5.54 8.39 -1.00
C ARG A 103 4.24 7.64 -0.75
N ARG A 104 3.23 8.31 -0.17
CA ARG A 104 1.93 7.66 0.00
C ARG A 104 1.32 7.33 -1.36
N ALA A 105 1.41 8.20 -2.36
CA ALA A 105 0.90 7.90 -3.71
C ALA A 105 1.60 6.71 -4.37
N THR A 106 2.86 6.40 -4.02
CA THR A 106 3.52 5.19 -4.48
C THR A 106 2.77 3.94 -3.98
N MET A 107 2.38 3.89 -2.70
CA MET A 107 1.82 2.69 -2.14
C MET A 107 0.39 2.47 -2.65
N THR A 108 -0.37 3.55 -2.90
CA THR A 108 -1.71 3.47 -3.45
C THR A 108 -1.74 2.67 -4.76
N ASN A 109 -0.78 2.89 -5.68
CA ASN A 109 -0.79 2.15 -6.95
C ASN A 109 -0.63 0.64 -6.75
N TRP A 110 0.11 0.21 -5.73
CA TRP A 110 0.25 -1.20 -5.38
C TRP A 110 -1.09 -1.77 -4.89
N LEU A 111 -1.91 -1.00 -4.17
CA LEU A 111 -3.19 -1.50 -3.67
C LEU A 111 -4.10 -1.87 -4.84
N LEU A 112 -4.09 -1.06 -5.91
CA LEU A 112 -4.75 -1.44 -7.14
C LEU A 112 -4.14 -2.74 -7.67
N ALA A 113 -2.83 -2.78 -7.89
CA ALA A 113 -2.17 -3.94 -8.51
C ALA A 113 -2.38 -5.25 -7.74
N TYR A 114 -2.78 -5.18 -6.47
CA TYR A 114 -3.32 -6.29 -5.70
C TYR A 114 -4.77 -6.59 -6.12
N ARG A 115 -5.74 -5.71 -5.81
CA ARG A 115 -7.16 -6.04 -6.02
C ARG A 115 -7.53 -6.27 -7.49
N ARG A 116 -6.76 -5.68 -8.41
CA ARG A 116 -6.84 -5.85 -9.86
C ARG A 116 -6.64 -7.33 -10.25
N SER A 117 -6.17 -8.17 -9.34
CA SER A 117 -5.92 -9.57 -9.52
C SER A 117 -6.85 -10.46 -8.68
N GLN A 118 -7.60 -9.90 -7.71
CA GLN A 118 -8.60 -10.61 -6.89
C GLN A 118 -10.00 -10.53 -7.48
N GLN A 119 -10.27 -9.40 -8.16
CA GLN A 119 -11.44 -9.03 -8.90
C GLN A 119 -12.68 -9.37 -8.07
N ASP A 120 -12.62 -8.86 -6.84
CA ASP A 120 -13.33 -9.40 -5.70
C ASP A 120 -14.83 -9.29 -5.89
N MET A 1 -5.21 -11.46 4.27
CA MET A 1 -6.60 -11.91 4.35
C MET A 1 -7.45 -11.52 3.13
N GLY A 2 -6.85 -11.04 2.03
CA GLY A 2 -7.60 -10.74 0.80
C GLY A 2 -8.70 -9.69 1.00
N ILE A 3 -8.31 -8.53 1.52
CA ILE A 3 -9.26 -7.45 1.81
C ILE A 3 -9.79 -6.90 0.47
N THR A 4 -11.01 -6.37 0.51
CA THR A 4 -11.61 -5.59 -0.56
C THR A 4 -10.89 -4.24 -0.63
N ILE A 5 -10.52 -3.77 -1.82
CA ILE A 5 -10.09 -2.40 -2.03
C ILE A 5 -11.17 -1.67 -2.83
N THR A 6 -11.35 -0.39 -2.52
CA THR A 6 -12.24 0.55 -3.17
C THR A 6 -11.45 1.81 -3.56
N ASP A 7 -11.68 2.28 -4.78
CA ASP A 7 -11.10 3.49 -5.36
C ASP A 7 -11.49 4.72 -4.53
N GLU A 8 -12.65 4.67 -3.88
CA GLU A 8 -13.08 5.68 -2.91
C GLU A 8 -12.07 5.81 -1.78
N LEU A 9 -11.73 4.70 -1.12
CA LEU A 9 -10.74 4.69 -0.06
C LEU A 9 -9.41 5.18 -0.58
N LEU A 10 -9.07 4.84 -1.83
CA LEU A 10 -7.79 5.23 -2.41
C LEU A 10 -7.71 6.74 -2.55
N TRP A 11 -8.80 7.41 -2.93
CA TRP A 11 -8.82 8.86 -3.05
C TRP A 11 -8.44 9.59 -1.75
N ALA A 12 -8.69 8.98 -0.58
CA ALA A 12 -8.34 9.56 0.71
C ALA A 12 -6.84 9.82 0.82
N ILE A 13 -6.01 8.92 0.27
CA ILE A 13 -4.57 9.03 0.33
C ILE A 13 -4.13 10.28 -0.45
N LEU A 14 -4.65 10.48 -1.66
CA LEU A 14 -4.17 11.54 -2.54
C LEU A 14 -4.60 12.93 -2.08
N LYS A 15 -5.82 13.08 -1.56
CA LYS A 15 -6.28 14.38 -1.11
C LYS A 15 -5.49 14.76 0.14
N ASP A 16 -5.93 14.33 1.32
CA ASP A 16 -5.21 14.54 2.59
C ASP A 16 -5.87 13.83 3.78
N GLU A 17 -6.83 12.93 3.52
CA GLU A 17 -7.67 12.33 4.53
C GLU A 17 -6.84 11.33 5.33
N LEU A 18 -6.09 10.45 4.65
CA LEU A 18 -5.15 9.58 5.34
C LEU A 18 -3.84 10.31 5.56
N SER A 19 -3.14 9.78 6.54
CA SER A 19 -1.98 10.43 7.14
C SER A 19 -0.72 9.58 6.93
N ASP A 20 0.44 9.99 7.43
CA ASP A 20 1.69 9.23 7.29
C ASP A 20 1.50 7.87 7.95
N ALA A 21 1.29 7.91 9.27
CA ALA A 21 1.19 6.79 10.19
C ALA A 21 -0.22 6.18 10.24
N GLU A 22 -0.99 6.44 9.19
CA GLU A 22 -2.32 5.88 8.95
C GLU A 22 -2.40 5.25 7.56
N ALA A 23 -1.93 5.97 6.53
CA ALA A 23 -1.98 5.46 5.16
C ALA A 23 -1.21 4.13 5.08
N ASN A 24 -0.09 4.03 5.83
CA ASN A 24 0.77 2.85 5.96
C ASN A 24 -0.05 1.66 6.45
N ALA A 25 -0.88 1.87 7.48
CA ALA A 25 -1.60 0.82 8.17
C ALA A 25 -2.48 0.03 7.20
N LEU A 26 -3.25 0.70 6.33
CA LEU A 26 -4.13 0.05 5.37
C LEU A 26 -3.33 -0.82 4.38
N VAL A 27 -2.10 -0.44 4.04
CA VAL A 27 -1.23 -1.29 3.24
C VAL A 27 -0.87 -2.54 4.05
N TRP A 28 -0.42 -2.37 5.29
CA TRP A 28 0.03 -3.46 6.14
C TRP A 28 -1.07 -4.52 6.36
N GLN A 29 -2.32 -4.10 6.64
CA GLN A 29 -3.43 -5.03 6.80
C GLN A 29 -3.70 -5.83 5.52
N ALA A 30 -3.65 -5.18 4.34
CA ALA A 30 -3.89 -5.83 3.04
C ALA A 30 -2.93 -6.98 2.79
N LEU A 31 -1.67 -6.90 3.25
CA LEU A 31 -0.77 -8.04 3.21
C LEU A 31 -1.28 -9.11 4.16
N GLY A 32 -1.56 -8.75 5.41
CA GLY A 32 -2.17 -9.65 6.38
C GLY A 32 -1.34 -9.87 7.64
N TYR A 33 -0.36 -9.03 7.92
CA TYR A 33 0.41 -9.13 9.15
C TYR A 33 -0.50 -8.97 10.36
N VAL A 34 -1.35 -7.94 10.38
CA VAL A 34 -2.31 -7.61 11.43
C VAL A 34 -1.66 -7.47 12.81
N TRP A 35 -1.63 -6.25 13.33
CA TRP A 35 -1.37 -5.97 14.73
C TRP A 35 -2.46 -6.62 15.58
N ASP A 36 -2.15 -7.75 16.21
CA ASP A 36 -2.98 -8.34 17.25
C ASP A 36 -2.57 -7.77 18.59
N GLU A 37 -3.31 -6.77 19.05
CA GLU A 37 -3.12 -6.11 20.34
C GLU A 37 -3.12 -7.12 21.49
N ALA A 38 -3.91 -8.19 21.38
CA ALA A 38 -4.06 -9.24 22.38
C ALA A 38 -2.78 -10.04 22.56
N GLN A 39 -1.88 -9.99 21.57
CA GLN A 39 -0.58 -10.63 21.57
C GLN A 39 0.54 -9.56 21.59
N SER A 40 0.18 -8.27 21.44
CA SER A 40 1.06 -7.15 21.16
C SER A 40 2.09 -7.46 20.07
N CYS A 41 1.77 -8.38 19.14
CA CYS A 41 2.68 -8.76 18.07
C CYS A 41 1.93 -8.84 16.75
N TRP A 42 2.67 -8.59 15.68
CA TRP A 42 2.22 -8.75 14.32
C TRP A 42 1.96 -10.24 14.12
N LYS A 43 0.79 -10.64 13.64
CA LYS A 43 0.61 -12.02 13.18
C LYS A 43 1.36 -12.19 11.87
N THR A 44 1.41 -13.41 11.35
CA THR A 44 1.69 -13.59 9.94
C THR A 44 0.79 -14.63 9.28
N ASP A 45 -0.16 -15.24 10.00
CA ASP A 45 -0.98 -16.33 9.45
C ASP A 45 -1.80 -15.84 8.27
N LEU A 46 -2.19 -14.57 8.31
CA LEU A 46 -3.12 -14.02 7.35
C LEU A 46 -2.38 -13.41 6.15
N VAL A 47 -1.05 -13.53 6.10
CA VAL A 47 -0.18 -13.00 5.05
C VAL A 47 0.50 -14.11 4.24
N ALA A 48 0.82 -13.83 2.98
CA ALA A 48 1.46 -14.77 2.08
C ALA A 48 2.86 -15.10 2.61
N PRO A 49 3.35 -16.35 2.45
CA PRO A 49 4.66 -16.75 2.94
C PRO A 49 5.76 -15.91 2.31
N GLU A 50 5.64 -15.54 1.03
CA GLU A 50 6.65 -14.71 0.37
C GLU A 50 6.79 -13.34 1.04
N TRP A 51 5.72 -12.85 1.70
CA TRP A 51 5.78 -11.58 2.39
C TRP A 51 6.37 -11.75 3.79
N ARG A 52 5.85 -12.66 4.62
CA ARG A 52 6.37 -12.73 6.00
C ARG A 52 7.81 -13.24 6.09
N GLN A 53 8.33 -13.88 5.04
CA GLN A 53 9.55 -14.66 5.00
C GLN A 53 10.78 -14.04 5.67
N ASP A 54 10.93 -12.72 5.59
CA ASP A 54 12.10 -11.98 6.10
C ASP A 54 11.66 -10.69 6.79
N TYR A 55 10.35 -10.53 7.05
CA TYR A 55 9.75 -9.24 7.33
C TYR A 55 9.16 -9.29 8.75
N PRO A 56 9.96 -9.25 9.83
CA PRO A 56 9.43 -9.32 11.18
C PRO A 56 8.54 -8.11 11.52
N GLU A 57 8.76 -6.97 10.86
CA GLU A 57 8.17 -5.67 11.16
C GLU A 57 7.62 -5.06 9.88
N PRO A 58 6.70 -4.07 9.98
CA PRO A 58 6.13 -3.48 8.80
C PRO A 58 7.17 -2.76 7.94
N PRO A 59 6.90 -2.65 6.64
CA PRO A 59 7.65 -1.81 5.74
C PRO A 59 7.24 -0.35 5.94
N ASP A 60 8.14 0.48 6.46
CA ASP A 60 7.87 1.91 6.59
C ASP A 60 8.23 2.62 5.30
N PHE A 61 7.29 2.74 4.36
CA PHE A 61 7.60 3.39 3.09
C PHE A 61 7.87 4.90 3.23
N ILE A 62 7.76 5.48 4.42
CA ILE A 62 8.05 6.89 4.70
C ILE A 62 9.57 7.05 4.83
N ALA A 63 10.20 6.40 5.82
CA ALA A 63 11.61 6.62 6.13
C ALA A 63 12.48 5.71 5.26
N SER A 64 11.91 4.59 4.81
CA SER A 64 12.66 3.48 4.30
C SER A 64 12.16 3.15 2.89
N ARG A 65 12.99 2.57 2.03
CA ARG A 65 12.48 1.93 0.83
C ARG A 65 13.19 0.61 0.51
N PRO A 66 13.31 -0.32 1.48
CA PRO A 66 13.75 -1.67 1.16
C PRO A 66 12.61 -2.39 0.45
N ALA A 67 11.43 -2.37 1.07
CA ALA A 67 10.24 -3.10 0.66
C ALA A 67 9.66 -2.58 -0.63
N THR A 68 10.00 -1.36 -1.07
CA THR A 68 9.51 -0.80 -2.31
C THR A 68 9.84 -1.72 -3.48
N VAL A 69 11.01 -2.37 -3.46
CA VAL A 69 11.42 -3.29 -4.49
C VAL A 69 10.40 -4.43 -4.56
N LYS A 70 10.07 -5.00 -3.40
CA LYS A 70 9.10 -6.08 -3.30
C LYS A 70 7.71 -5.61 -3.68
N LEU A 71 7.31 -4.41 -3.30
CA LEU A 71 6.03 -3.83 -3.69
C LEU A 71 5.91 -3.81 -5.22
N THR A 72 7.00 -3.45 -5.91
CA THR A 72 7.04 -3.40 -7.36
C THR A 72 7.00 -4.80 -8.00
N ARG A 73 7.41 -5.88 -7.31
CA ARG A 73 7.23 -7.26 -7.78
C ARG A 73 5.76 -7.61 -8.09
N SER A 74 4.81 -6.92 -7.46
CA SER A 74 3.36 -7.09 -7.63
C SER A 74 2.81 -6.17 -8.72
N ILE A 75 3.64 -5.34 -9.37
CA ILE A 75 3.21 -4.38 -10.38
C ILE A 75 3.78 -4.83 -11.73
N PRO A 76 3.10 -5.76 -12.43
CA PRO A 76 3.40 -6.15 -13.80
C PRO A 76 3.04 -5.00 -14.76
N ALA A 77 3.35 -5.19 -16.05
CA ALA A 77 3.08 -4.25 -17.14
C ALA A 77 1.64 -3.72 -17.16
N PRO A 78 0.60 -4.56 -17.14
CA PRO A 78 -0.79 -4.12 -17.20
C PRO A 78 -1.24 -3.35 -15.96
N TYR A 79 -0.48 -3.36 -14.86
CA TYR A 79 -0.92 -2.78 -13.59
C TYR A 79 -0.11 -1.54 -13.22
N LYS A 80 0.77 -1.08 -14.11
CA LYS A 80 1.66 0.05 -13.88
C LYS A 80 0.92 1.32 -13.50
N GLN A 81 -0.09 1.71 -14.27
CA GLN A 81 -0.62 3.06 -14.30
C GLN A 81 -2.08 3.10 -13.89
N LEU A 82 -2.56 2.05 -13.20
CA LEU A 82 -3.98 1.90 -12.91
C LEU A 82 -4.52 3.06 -12.11
N LEU A 83 -3.73 3.63 -11.21
CA LEU A 83 -4.18 4.75 -10.43
C LEU A 83 -4.55 5.98 -11.29
N LYS A 84 -3.87 6.08 -12.42
CA LYS A 84 -4.04 7.14 -13.41
C LYS A 84 -5.09 6.76 -14.46
N GLU A 85 -5.25 5.49 -14.79
CA GLU A 85 -6.35 5.01 -15.63
C GLU A 85 -7.69 5.12 -14.89
N GLU A 86 -7.80 4.41 -13.77
CA GLU A 86 -9.02 4.21 -13.00
C GLU A 86 -9.38 5.48 -12.25
N LEU A 87 -8.61 5.83 -11.21
CA LEU A 87 -8.90 6.99 -10.37
C LEU A 87 -8.79 8.27 -11.18
N GLY A 88 -7.69 8.40 -11.93
CA GLY A 88 -7.31 9.64 -12.59
C GLY A 88 -6.31 10.48 -11.78
N PHE A 89 -5.58 9.91 -10.82
CA PHE A 89 -4.44 10.61 -10.19
C PHE A 89 -3.21 10.54 -11.11
N ALA A 90 -2.11 11.22 -10.77
CA ALA A 90 -0.85 11.15 -11.50
C ALA A 90 0.29 11.47 -10.53
N GLY A 91 0.42 12.75 -10.16
CA GLY A 91 1.41 13.24 -9.22
C GLY A 91 0.88 14.47 -8.50
N TYR A 92 1.52 14.80 -7.38
CA TYR A 92 1.13 15.91 -6.53
C TYR A 92 1.56 17.21 -7.19
N SER A 93 0.72 18.24 -7.08
CA SER A 93 0.99 19.58 -7.57
C SER A 93 2.20 20.16 -6.85
N ILE A 94 2.84 21.14 -7.48
CA ILE A 94 4.12 21.68 -7.03
C ILE A 94 4.02 22.24 -5.62
N ASN A 95 2.94 22.97 -5.34
CA ASN A 95 2.82 23.63 -4.06
C ASN A 95 2.42 22.65 -2.94
N GLU A 96 1.98 21.44 -3.28
CA GLU A 96 1.62 20.38 -2.35
C GLU A 96 2.69 19.28 -2.32
N LEU A 97 3.81 19.45 -3.04
CA LEU A 97 4.75 18.39 -3.36
C LEU A 97 5.68 18.04 -2.19
N VAL A 98 5.13 17.48 -1.12
CA VAL A 98 5.88 17.12 0.07
C VAL A 98 6.39 15.69 -0.07
N PRO A 99 7.49 15.33 0.63
CA PRO A 99 7.94 13.95 0.70
C PRO A 99 6.82 13.05 1.22
N ARG A 100 6.02 13.57 2.15
CA ARG A 100 4.99 12.78 2.81
C ARG A 100 3.95 12.29 1.82
N LYS A 101 3.67 13.07 0.79
CA LYS A 101 2.69 12.75 -0.24
C LYS A 101 3.34 11.81 -1.24
N THR A 102 4.51 12.11 -1.76
CA THR A 102 5.10 11.27 -2.82
C THR A 102 5.40 9.85 -2.33
N ARG A 103 5.79 9.67 -1.06
CA ARG A 103 5.95 8.35 -0.46
C ARG A 103 4.65 7.55 -0.43
N ARG A 104 3.48 8.18 -0.50
CA ARG A 104 2.18 7.49 -0.49
C ARG A 104 1.91 6.86 -1.84
N ALA A 105 2.14 7.63 -2.92
CA ALA A 105 1.71 7.29 -4.29
C ALA A 105 2.14 5.89 -4.74
N THR A 106 3.35 5.46 -4.35
CA THR A 106 3.86 4.14 -4.69
C THR A 106 2.96 3.04 -4.10
N MET A 107 2.45 3.25 -2.90
CA MET A 107 1.53 2.31 -2.26
C MET A 107 0.15 2.37 -2.92
N THR A 108 -0.32 3.56 -3.31
CA THR A 108 -1.65 3.70 -3.88
C THR A 108 -1.80 2.88 -5.17
N ASN A 109 -0.78 2.87 -6.04
CA ASN A 109 -0.88 2.06 -7.25
C ASN A 109 -0.82 0.57 -6.92
N TRP A 110 -0.04 0.18 -5.91
CA TRP A 110 0.06 -1.21 -5.49
C TRP A 110 -1.28 -1.69 -4.93
N LEU A 111 -1.98 -0.86 -4.14
CA LEU A 111 -3.26 -1.22 -3.52
C LEU A 111 -4.27 -1.54 -4.61
N LEU A 112 -4.38 -0.64 -5.58
CA LEU A 112 -5.46 -0.69 -6.56
C LEU A 112 -5.14 -1.71 -7.67
N ALA A 113 -3.86 -2.07 -7.85
CA ALA A 113 -3.45 -3.24 -8.62
C ALA A 113 -3.74 -4.54 -7.88
N TYR A 114 -3.52 -4.61 -6.56
CA TYR A 114 -3.71 -5.83 -5.79
C TYR A 114 -5.14 -6.36 -5.96
N ARG A 115 -6.16 -5.51 -5.87
CA ARG A 115 -7.54 -5.93 -6.07
C ARG A 115 -7.75 -6.55 -7.46
N ARG A 116 -7.17 -5.97 -8.52
CA ARG A 116 -7.22 -6.55 -9.86
C ARG A 116 -6.58 -7.94 -9.85
N SER A 117 -5.41 -8.06 -9.22
CA SER A 117 -4.62 -9.29 -9.10
C SER A 117 -5.39 -10.44 -8.45
N GLN A 118 -6.46 -10.17 -7.70
CA GLN A 118 -7.30 -11.21 -7.08
C GLN A 118 -8.15 -11.98 -8.13
N GLN A 119 -8.19 -11.51 -9.38
CA GLN A 119 -9.06 -12.00 -10.46
C GLN A 119 -8.24 -12.61 -11.60
N ASP A 120 -6.98 -12.93 -11.31
CA ASP A 120 -6.00 -13.46 -12.25
C ASP A 120 -6.38 -14.83 -12.78
N MET A 1 -7.27 -12.77 3.89
CA MET A 1 -8.53 -12.05 4.16
C MET A 1 -9.13 -11.28 2.98
N GLY A 2 -8.45 -11.23 1.83
CA GLY A 2 -8.97 -10.88 0.51
C GLY A 2 -9.89 -9.67 0.51
N ILE A 3 -9.38 -8.53 0.97
CA ILE A 3 -10.19 -7.37 1.33
C ILE A 3 -10.74 -6.71 0.06
N THR A 4 -11.93 -6.12 0.19
CA THR A 4 -12.53 -5.19 -0.75
C THR A 4 -11.78 -3.86 -0.65
N ILE A 5 -11.36 -3.32 -1.78
CA ILE A 5 -10.76 -1.99 -1.86
C ILE A 5 -11.84 -1.01 -2.31
N THR A 6 -11.71 0.25 -1.90
CA THR A 6 -12.57 1.34 -2.33
C THR A 6 -11.73 2.55 -2.78
N ASP A 7 -12.15 3.17 -3.88
CA ASP A 7 -11.57 4.38 -4.46
C ASP A 7 -11.58 5.50 -3.41
N GLU A 8 -12.59 5.55 -2.55
CA GLU A 8 -12.69 6.53 -1.45
C GLU A 8 -11.48 6.44 -0.51
N LEU A 9 -11.02 5.22 -0.23
CA LEU A 9 -9.93 4.97 0.68
C LEU A 9 -8.64 5.39 0.01
N LEU A 10 -8.44 4.98 -1.24
CA LEU A 10 -7.26 5.31 -2.05
C LEU A 10 -7.06 6.81 -2.14
N TRP A 11 -8.11 7.56 -2.46
CA TRP A 11 -8.03 9.01 -2.58
C TRP A 11 -7.70 9.66 -1.24
N ALA A 12 -8.20 9.15 -0.11
CA ALA A 12 -8.01 9.78 1.19
C ALA A 12 -6.55 9.80 1.66
N ILE A 13 -5.68 8.86 1.25
CA ILE A 13 -4.25 9.01 1.43
C ILE A 13 -3.80 10.25 0.64
N LEU A 14 -4.12 10.27 -0.65
CA LEU A 14 -3.57 11.24 -1.60
C LEU A 14 -3.99 12.67 -1.25
N LYS A 15 -5.21 12.88 -0.75
CA LYS A 15 -5.71 14.19 -0.33
C LYS A 15 -5.32 14.56 1.10
N ASP A 16 -4.47 13.77 1.75
CA ASP A 16 -3.85 14.05 3.05
C ASP A 16 -4.87 14.05 4.19
N GLU A 17 -5.95 13.29 4.03
CA GLU A 17 -7.02 13.15 5.00
C GLU A 17 -6.70 12.01 5.97
N LEU A 18 -6.15 10.88 5.46
CA LEU A 18 -5.43 9.96 6.36
C LEU A 18 -4.20 10.67 6.90
N SER A 19 -3.57 9.99 7.84
CA SER A 19 -2.28 10.38 8.41
C SER A 19 -1.15 9.53 7.81
N ASP A 20 0.09 9.70 8.27
CA ASP A 20 1.24 8.88 7.86
C ASP A 20 1.11 7.49 8.48
N ALA A 21 1.08 7.40 9.81
CA ALA A 21 0.93 6.16 10.55
C ALA A 21 -0.41 5.45 10.28
N GLU A 22 -1.43 6.22 9.87
CA GLU A 22 -2.77 5.72 9.61
C GLU A 22 -2.85 5.22 8.17
N ALA A 23 -2.38 6.00 7.18
CA ALA A 23 -2.44 5.58 5.77
C ALA A 23 -1.73 4.23 5.58
N ASN A 24 -0.70 4.00 6.40
CA ASN A 24 0.12 2.80 6.47
C ASN A 24 -0.75 1.58 6.75
N ALA A 25 -1.64 1.68 7.73
CA ALA A 25 -2.50 0.59 8.18
C ALA A 25 -3.27 -0.03 7.02
N LEU A 26 -3.85 0.80 6.14
CA LEU A 26 -4.66 0.37 5.01
C LEU A 26 -3.88 -0.48 4.00
N VAL A 27 -2.55 -0.39 3.99
CA VAL A 27 -1.71 -1.32 3.23
C VAL A 27 -1.56 -2.61 4.03
N TRP A 28 -1.17 -2.49 5.30
CA TRP A 28 -0.86 -3.62 6.17
C TRP A 28 -2.03 -4.59 6.26
N GLN A 29 -3.26 -4.08 6.34
CA GLN A 29 -4.47 -4.90 6.31
C GLN A 29 -4.48 -5.80 5.06
N ALA A 30 -4.32 -5.23 3.86
CA ALA A 30 -4.37 -5.99 2.61
C ALA A 30 -3.18 -6.94 2.49
N LEU A 31 -2.01 -6.56 3.00
CA LEU A 31 -0.83 -7.44 3.03
C LEU A 31 -1.12 -8.68 3.88
N GLY A 32 -1.93 -8.56 4.93
CA GLY A 32 -2.40 -9.67 5.75
C GLY A 32 -1.82 -9.65 7.17
N TYR A 33 -1.12 -8.58 7.56
CA TYR A 33 -0.39 -8.56 8.81
C TYR A 33 -1.28 -8.43 10.04
N VAL A 34 -2.30 -7.55 10.04
CA VAL A 34 -3.33 -7.41 11.08
C VAL A 34 -2.79 -7.50 12.53
N TRP A 35 -2.53 -6.34 13.15
CA TRP A 35 -2.04 -6.28 14.53
C TRP A 35 -2.90 -7.14 15.45
N ASP A 36 -2.27 -8.18 15.99
CA ASP A 36 -2.87 -9.12 16.91
C ASP A 36 -2.65 -8.61 18.32
N GLU A 37 -3.58 -7.81 18.83
CA GLU A 37 -3.45 -7.18 20.14
C GLU A 37 -3.24 -8.23 21.24
N ALA A 38 -3.88 -9.39 21.12
CA ALA A 38 -3.82 -10.45 22.12
C ALA A 38 -2.42 -11.06 22.20
N GLN A 39 -1.60 -10.89 21.17
CA GLN A 39 -0.23 -11.38 21.07
C GLN A 39 0.76 -10.21 21.03
N SER A 40 0.24 -8.99 20.84
CA SER A 40 0.97 -7.76 20.58
C SER A 40 1.99 -7.94 19.45
N CYS A 41 1.64 -8.69 18.41
CA CYS A 41 2.49 -8.82 17.23
C CYS A 41 1.66 -8.85 15.97
N TRP A 42 2.30 -8.46 14.87
CA TRP A 42 1.78 -8.59 13.52
C TRP A 42 1.65 -10.07 13.21
N LYS A 43 0.45 -10.54 12.86
CA LYS A 43 0.19 -11.83 12.30
C LYS A 43 0.99 -11.98 11.01
N THR A 44 1.29 -13.22 10.62
CA THR A 44 2.05 -13.49 9.40
C THR A 44 1.43 -14.63 8.58
N ASP A 45 0.33 -15.22 9.04
CA ASP A 45 -0.28 -16.40 8.41
C ASP A 45 -1.02 -15.99 7.16
N LEU A 46 -1.71 -14.84 7.20
CA LEU A 46 -2.53 -14.37 6.08
C LEU A 46 -1.68 -13.62 5.05
N VAL A 47 -0.36 -13.59 5.24
CA VAL A 47 0.62 -12.91 4.41
C VAL A 47 1.22 -13.98 3.48
N ALA A 48 1.65 -13.58 2.28
CA ALA A 48 2.43 -14.45 1.42
C ALA A 48 3.77 -14.75 2.10
N PRO A 49 4.42 -15.89 1.79
CA PRO A 49 5.68 -16.24 2.42
C PRO A 49 6.76 -15.22 2.06
N GLU A 50 6.78 -14.71 0.82
CA GLU A 50 7.74 -13.69 0.44
C GLU A 50 7.58 -12.38 1.21
N TRP A 51 6.42 -12.10 1.80
CA TRP A 51 6.18 -10.87 2.55
C TRP A 51 6.34 -11.02 4.06
N ARG A 52 6.45 -12.25 4.58
CA ARG A 52 6.86 -12.48 5.97
C ARG A 52 8.32 -12.93 6.04
N GLN A 53 8.92 -13.30 4.90
CA GLN A 53 10.11 -14.14 4.76
C GLN A 53 11.22 -13.76 5.74
N ASP A 54 11.61 -12.48 5.70
CA ASP A 54 12.63 -11.88 6.55
C ASP A 54 12.09 -10.55 7.11
N TYR A 55 10.75 -10.42 7.16
CA TYR A 55 9.99 -9.24 7.56
C TYR A 55 9.41 -9.41 8.98
N PRO A 56 10.20 -9.20 10.05
CA PRO A 56 9.71 -9.27 11.42
C PRO A 56 8.89 -8.04 11.82
N GLU A 57 8.74 -7.03 10.97
CA GLU A 57 7.98 -5.81 11.26
C GLU A 57 7.28 -5.33 9.99
N PRO A 58 6.29 -4.43 10.09
CA PRO A 58 5.75 -3.78 8.92
C PRO A 58 6.84 -2.97 8.21
N PRO A 59 6.69 -2.75 6.90
CA PRO A 59 7.44 -1.73 6.21
C PRO A 59 7.05 -0.34 6.74
N ASP A 60 7.76 0.70 6.33
CA ASP A 60 7.40 2.10 6.51
C ASP A 60 7.59 2.78 5.16
N PHE A 61 6.50 3.03 4.43
CA PHE A 61 6.52 3.74 3.15
C PHE A 61 6.67 5.27 3.31
N ILE A 62 6.72 5.80 4.53
CA ILE A 62 6.79 7.22 4.81
C ILE A 62 8.26 7.59 4.96
N ALA A 63 8.98 6.97 5.91
CA ALA A 63 10.37 7.30 6.16
C ALA A 63 11.33 6.55 5.23
N SER A 64 11.04 5.29 4.89
CA SER A 64 12.00 4.40 4.25
C SER A 64 11.63 4.13 2.79
N ARG A 65 12.39 3.28 2.07
CA ARG A 65 11.86 2.69 0.83
C ARG A 65 12.40 1.28 0.47
N PRO A 66 12.38 0.27 1.36
CA PRO A 66 12.75 -1.09 1.02
C PRO A 66 11.62 -1.78 0.25
N ALA A 67 10.43 -1.80 0.85
CA ALA A 67 9.26 -2.50 0.33
C ALA A 67 8.83 -1.95 -1.02
N THR A 68 9.23 -0.74 -1.39
CA THR A 68 8.98 -0.13 -2.69
C THR A 68 9.45 -1.02 -3.85
N VAL A 69 10.50 -1.83 -3.67
CA VAL A 69 10.92 -2.85 -4.63
C VAL A 69 9.92 -4.00 -4.64
N LYS A 70 9.53 -4.46 -3.45
CA LYS A 70 8.70 -5.64 -3.24
C LYS A 70 7.26 -5.42 -3.74
N LEU A 71 6.80 -4.16 -3.70
CA LEU A 71 5.59 -3.67 -4.35
C LEU A 71 5.65 -3.93 -5.85
N THR A 72 6.77 -3.57 -6.49
CA THR A 72 6.94 -3.67 -7.93
C THR A 72 6.67 -5.08 -8.42
N ARG A 73 7.06 -6.06 -7.63
CA ARG A 73 6.82 -7.47 -7.92
C ARG A 73 5.34 -7.71 -8.20
N SER A 74 4.45 -7.19 -7.36
CA SER A 74 2.99 -7.27 -7.50
C SER A 74 2.42 -6.26 -8.52
N ILE A 75 3.24 -5.41 -9.15
CA ILE A 75 2.81 -4.43 -10.15
C ILE A 75 3.38 -4.91 -11.50
N PRO A 76 2.67 -5.83 -12.20
CA PRO A 76 3.11 -6.39 -13.46
C PRO A 76 3.06 -5.32 -14.56
N ALA A 77 3.65 -5.60 -15.72
CA ALA A 77 3.76 -4.65 -16.82
C ALA A 77 2.40 -4.09 -17.29
N PRO A 78 1.28 -4.82 -17.28
CA PRO A 78 -0.02 -4.26 -17.63
C PRO A 78 -0.61 -3.29 -16.61
N TYR A 79 -0.06 -3.21 -15.38
CA TYR A 79 -0.69 -2.57 -14.23
C TYR A 79 0.09 -1.36 -13.72
N LYS A 80 0.89 -0.73 -14.57
CA LYS A 80 1.82 0.30 -14.11
C LYS A 80 1.13 1.59 -13.72
N GLN A 81 -0.05 1.89 -14.27
CA GLN A 81 -0.76 3.13 -14.01
C GLN A 81 -2.22 2.88 -13.62
N LEU A 82 -2.51 1.85 -12.82
CA LEU A 82 -3.87 1.64 -12.33
C LEU A 82 -4.39 2.90 -11.60
N LEU A 83 -3.51 3.71 -10.99
CA LEU A 83 -3.84 5.05 -10.46
C LEU A 83 -4.47 6.01 -11.49
N LYS A 84 -4.46 5.69 -12.78
CA LYS A 84 -5.10 6.46 -13.86
C LYS A 84 -6.02 5.59 -14.70
N GLU A 85 -5.73 4.30 -14.90
CA GLU A 85 -6.66 3.38 -15.57
C GLU A 85 -7.95 3.21 -14.75
N GLU A 86 -7.90 3.43 -13.42
CA GLU A 86 -9.00 3.30 -12.48
C GLU A 86 -9.37 4.69 -11.91
N LEU A 87 -8.45 5.33 -11.16
CA LEU A 87 -8.77 6.50 -10.33
C LEU A 87 -8.74 7.81 -11.12
N GLY A 88 -7.59 8.16 -11.68
CA GLY A 88 -7.37 9.44 -12.37
C GLY A 88 -6.40 10.38 -11.68
N PHE A 89 -5.49 9.87 -10.85
CA PHE A 89 -4.24 10.56 -10.53
C PHE A 89 -3.32 10.55 -11.76
N ALA A 90 -2.13 11.13 -11.69
CA ALA A 90 -1.09 10.94 -12.71
C ALA A 90 0.28 11.14 -12.07
N GLY A 91 0.55 12.35 -11.59
CA GLY A 91 1.79 12.73 -10.92
C GLY A 91 1.51 13.92 -10.00
N TYR A 92 2.52 14.29 -9.23
CA TYR A 92 2.40 15.29 -8.16
C TYR A 92 2.42 16.70 -8.73
N SER A 93 1.61 17.58 -8.16
CA SER A 93 1.62 18.99 -8.49
C SER A 93 2.83 19.63 -7.83
N ILE A 94 3.34 20.72 -8.39
CA ILE A 94 4.53 21.38 -7.85
C ILE A 94 4.31 21.89 -6.42
N ASN A 95 3.15 22.50 -6.18
CA ASN A 95 2.84 23.05 -4.87
C ASN A 95 2.61 21.94 -3.84
N GLU A 96 2.36 20.71 -4.32
CA GLU A 96 2.09 19.54 -3.50
C GLU A 96 3.38 18.75 -3.27
N LEU A 97 4.47 19.05 -3.95
CA LEU A 97 5.58 18.10 -4.10
C LEU A 97 6.38 17.98 -2.79
N VAL A 98 5.95 17.10 -1.89
CA VAL A 98 6.53 16.99 -0.56
C VAL A 98 7.02 15.57 -0.28
N PRO A 99 8.10 15.41 0.52
CA PRO A 99 8.60 14.11 0.92
C PRO A 99 7.61 13.32 1.76
N ARG A 100 6.54 13.93 2.25
CA ARG A 100 5.52 13.18 2.98
C ARG A 100 4.41 12.66 2.07
N LYS A 101 4.34 13.02 0.78
CA LYS A 101 3.22 12.60 -0.05
C LYS A 101 3.67 11.82 -1.25
N THR A 102 4.90 12.06 -1.74
CA THR A 102 5.47 11.32 -2.85
C THR A 102 5.50 9.84 -2.47
N ARG A 103 6.23 9.51 -1.41
CA ARG A 103 6.43 8.11 -1.03
C ARG A 103 5.14 7.49 -0.48
N ARG A 104 4.31 8.31 0.17
CA ARG A 104 2.96 7.96 0.61
C ARG A 104 1.96 7.74 -0.54
N ALA A 105 2.25 8.14 -1.79
CA ALA A 105 1.39 7.84 -2.94
C ALA A 105 1.81 6.55 -3.65
N THR A 106 3.05 6.10 -3.47
CA THR A 106 3.56 4.88 -4.08
C THR A 106 2.81 3.63 -3.58
N MET A 107 2.42 3.61 -2.29
CA MET A 107 1.57 2.56 -1.73
C MET A 107 0.25 2.46 -2.48
N THR A 108 -0.32 3.60 -2.87
CA THR A 108 -1.67 3.68 -3.41
C THR A 108 -1.78 2.91 -4.72
N ASN A 109 -0.78 3.01 -5.62
CA ASN A 109 -0.83 2.25 -6.89
C ASN A 109 -0.86 0.74 -6.66
N TRP A 110 -0.20 0.26 -5.60
CA TRP A 110 -0.22 -1.15 -5.29
C TRP A 110 -1.59 -1.60 -4.80
N LEU A 111 -2.35 -0.76 -4.09
CA LEU A 111 -3.67 -1.17 -3.64
C LEU A 111 -4.58 -1.52 -4.83
N LEU A 112 -4.52 -0.77 -5.94
CA LEU A 112 -5.18 -1.21 -7.17
C LEU A 112 -4.57 -2.53 -7.62
N ALA A 113 -3.24 -2.59 -7.83
CA ALA A 113 -2.48 -3.74 -8.34
C ALA A 113 -2.48 -4.92 -7.33
N TYR A 114 -3.32 -4.88 -6.30
CA TYR A 114 -3.64 -5.99 -5.40
C TYR A 114 -5.04 -6.49 -5.77
N ARG A 115 -6.08 -5.65 -5.67
CA ARG A 115 -7.48 -6.09 -5.88
C ARG A 115 -7.76 -6.54 -7.31
N ARG A 116 -6.95 -6.10 -8.29
CA ARG A 116 -6.92 -6.68 -9.64
C ARG A 116 -6.91 -8.19 -9.68
N SER A 117 -6.24 -8.76 -8.72
CA SER A 117 -5.86 -10.12 -8.91
C SER A 117 -7.01 -11.02 -8.43
N GLN A 118 -7.87 -10.49 -7.53
CA GLN A 118 -8.92 -11.23 -6.87
C GLN A 118 -9.91 -11.77 -7.90
N GLN A 119 -10.42 -10.87 -8.73
CA GLN A 119 -11.40 -11.12 -9.77
C GLN A 119 -10.80 -11.37 -11.16
N ASP A 120 -9.47 -11.53 -11.19
CA ASP A 120 -8.64 -11.49 -12.39
C ASP A 120 -9.20 -12.30 -13.55
#